data_6BAP
#
_entry.id   6BAP
#
_cell.length_a   83.310
_cell.length_b   83.310
_cell.length_c   475.050
_cell.angle_alpha   90.00
_cell.angle_beta   90.00
_cell.angle_gamma   120.00
#
_symmetry.space_group_name_H-M   'P 32 2 1'
#
loop_
_entity.id
_entity.type
_entity.pdbx_description
1 polymer 'Photoreceptor-histidine kinase BphP'
2 non-polymer '3-[5-[(Z)-(4-ethenyl-3-methyl-5-oxidanylidene-pyrrol-2-ylidene)methyl]-2-[[5-[(Z)-(3-ethenyl-4-methyl-5-oxidanylidene-pyrrol-2-ylidene)methyl]-3-(3-hydroxy-3-oxopropyl)-4-methyl-1H-pyrrol-2-yl]methyl]-4-methyl-1H-pyrrol-3-yl]propanoic acid'
3 water water
#
_entity_poly.entity_id   1
_entity_poly.type   'polypeptide(L)'
_entity_poly.pdbx_seq_one_letter_code
;MSTEASRSGKQEVDLTNCDREPIHIPGAIQPHGVLLVLSEPGLVLTHASENAPAVLGNSAEQLLGAPLGHFIEPSVREPL
EADLRSARLKQLNPLKVVWRVDGVDRFFDGIAHRHQGRLILELEPSSHREAVPFLSFFHAVRDGLSRLRDARDLQELCEA
VVQEVRGLTGFDRAIIYRFDAEWNGSVIAEARDARADPYLGLHFPASDIPRQARELYQLNWLRIIPTIDYQPARVRALPG
HGEPLDLSFSVLRSVSPIHLEYLHNMGVQASMSISLMKDGKLWGLISCHQVSGTRYVPYEVRTACEFLGEVMSSLLAAKE
GNEDYDQRIRAKSIHAALLERMAREVDFVSGLASQESGLLELVHAHGAAIHFHGRTTVLGQAPSDEALTGLIEWLGSRTG
EGVFCTDRLAREYPEAQAFQEVAAGLMAFSMSRGRNNFVLWFRPEAVQTVNWSGNPTKAVEFDQGGPRLHPRKSFELWKE
TVRGRCLPWKAYEVEAASELRRSIIDVALQRSEEL
;
_entity_poly.pdbx_strand_id   A,B,C
#
loop_
_chem_comp.id
_chem_comp.type
_chem_comp.name
_chem_comp.formula
BLR non-polymer '3-[5-[(Z)-(4-ethenyl-3-methyl-5-oxidanylidene-pyrrol-2-ylidene)methyl]-2-[[5-[(Z)-(3-ethenyl-4-methyl-5-oxidanylidene-pyrrol-2-ylidene)methyl]-3-(3-hydroxy-3-oxopropyl)-4-methyl-1H-pyrrol-2-yl]methyl]-4-methyl-1H-pyrrol-3-yl]propanoic acid' 'C33 H36 N4 O6'
#
# COMPACT_ATOMS: atom_id res chain seq x y z
N GLN A 11 -30.42 26.02 19.15
CA GLN A 11 -30.10 26.83 17.98
C GLN A 11 -28.82 26.32 17.28
N GLU A 12 -27.99 25.59 18.06
CA GLU A 12 -26.79 24.89 17.58
C GLU A 12 -25.67 25.86 17.20
N VAL A 13 -25.73 26.46 16.02
CA VAL A 13 -24.72 27.41 15.56
C VAL A 13 -25.48 28.70 15.13
N ASP A 14 -25.35 29.86 15.79
CA ASP A 14 -24.29 30.42 16.68
C ASP A 14 -23.14 30.92 15.81
N LEU A 15 -23.38 32.08 15.17
CA LEU A 15 -22.71 32.49 13.94
C LEU A 15 -22.11 33.88 14.14
N THR A 16 -20.76 33.95 14.17
CA THR A 16 -20.03 35.14 14.63
C THR A 16 -20.38 36.43 13.90
N ASN A 17 -19.64 36.76 12.84
CA ASN A 17 -19.95 37.95 12.08
C ASN A 17 -19.96 37.72 10.57
N CYS A 18 -20.28 36.50 10.07
CA CYS A 18 -20.21 36.22 8.64
C CYS A 18 -21.45 35.59 8.00
N ASP A 19 -22.30 34.92 8.77
CA ASP A 19 -23.31 34.04 8.18
C ASP A 19 -24.61 34.77 7.84
N ARG A 20 -24.45 35.88 7.08
CA ARG A 20 -25.51 36.84 6.79
C ARG A 20 -25.60 37.08 5.31
N GLU A 21 -24.48 37.59 4.80
CA GLU A 21 -24.27 38.02 3.44
C GLU A 21 -24.89 36.99 2.52
N PRO A 22 -26.07 37.26 1.97
CA PRO A 22 -26.66 36.32 1.02
C PRO A 22 -25.83 36.26 -0.23
N ILE A 23 -24.90 35.30 -0.25
CA ILE A 23 -24.02 35.11 -1.37
C ILE A 23 -24.80 34.67 -2.59
N HIS A 24 -26.05 34.24 -2.41
CA HIS A 24 -26.81 33.72 -3.54
C HIS A 24 -27.46 34.79 -4.41
N ILE A 25 -27.67 36.01 -3.90
CA ILE A 25 -28.26 37.05 -4.73
C ILE A 25 -27.33 38.25 -4.86
N PRO A 26 -26.21 38.13 -5.56
CA PRO A 26 -25.34 39.29 -5.76
C PRO A 26 -25.71 40.14 -6.96
N GLY A 27 -26.56 39.64 -7.86
CA GLY A 27 -26.88 40.36 -9.09
C GLY A 27 -25.67 40.62 -9.97
N ALA A 28 -24.64 39.76 -9.89
CA ALA A 28 -23.47 39.92 -10.72
C ALA A 28 -22.78 38.57 -10.90
N ILE A 29 -22.00 38.45 -11.97
CA ILE A 29 -21.31 37.21 -12.33
C ILE A 29 -19.80 37.46 -12.49
N GLN A 30 -19.07 36.39 -12.73
CA GLN A 30 -17.69 36.52 -13.19
C GLN A 30 -17.66 36.72 -14.71
N PRO A 31 -16.97 37.75 -15.20
CA PRO A 31 -17.18 38.20 -16.58
C PRO A 31 -16.48 37.38 -17.66
N HIS A 32 -15.79 36.29 -17.33
CA HIS A 32 -15.29 35.45 -18.41
C HIS A 32 -16.41 34.68 -19.12
N GLY A 33 -17.61 34.65 -18.56
CA GLY A 33 -18.72 34.02 -19.23
C GLY A 33 -19.91 34.96 -19.17
N VAL A 34 -20.95 34.58 -19.89
CA VAL A 34 -22.18 35.37 -19.95
C VAL A 34 -23.29 34.54 -19.32
N LEU A 35 -24.00 35.14 -18.37
CA LEU A 35 -25.22 34.53 -17.85
C LEU A 35 -26.41 35.12 -18.58
N LEU A 36 -27.31 34.23 -19.01
CA LEU A 36 -28.61 34.60 -19.57
C LEU A 36 -29.71 33.97 -18.74
N VAL A 37 -30.89 34.59 -18.79
CA VAL A 37 -32.14 34.01 -18.32
C VAL A 37 -33.14 33.98 -19.48
N LEU A 38 -33.87 32.87 -19.60
CA LEU A 38 -34.75 32.61 -20.72
C LEU A 38 -36.18 32.42 -20.22
N SER A 39 -37.11 33.18 -20.79
CA SER A 39 -38.52 32.92 -20.59
C SER A 39 -38.86 31.49 -21.04
N GLU A 40 -39.97 30.96 -20.54
CA GLU A 40 -40.44 29.64 -20.91
C GLU A 40 -41.98 29.67 -21.06
N PRO A 41 -42.53 28.96 -22.06
CA PRO A 41 -41.96 27.97 -22.95
C PRO A 41 -41.05 28.53 -24.04
N GLY A 42 -39.75 28.39 -23.83
CA GLY A 42 -38.79 28.77 -24.82
C GLY A 42 -38.55 30.26 -24.92
N LEU A 43 -37.66 30.62 -25.85
CA LEU A 43 -37.58 31.96 -26.39
C LEU A 43 -37.13 33.00 -25.35
N VAL A 44 -36.79 34.18 -25.86
CA VAL A 44 -36.78 35.52 -25.24
C VAL A 44 -36.10 35.63 -23.88
N LEU A 45 -35.20 36.62 -23.80
CA LEU A 45 -34.17 36.79 -22.79
C LEU A 45 -34.62 37.88 -21.81
N THR A 46 -34.91 37.49 -20.57
CA THR A 46 -35.39 38.42 -19.56
C THR A 46 -34.26 39.06 -18.76
N HIS A 47 -33.16 38.33 -18.53
CA HIS A 47 -31.95 38.90 -17.92
C HIS A 47 -30.77 38.69 -18.85
N ALA A 48 -29.65 39.30 -18.49
CA ALA A 48 -28.39 39.18 -19.23
C ALA A 48 -27.31 40.03 -18.58
N SER A 49 -26.10 39.48 -18.51
CA SER A 49 -25.02 40.21 -17.89
C SER A 49 -24.47 41.28 -18.83
N GLU A 50 -23.94 42.34 -18.21
CA GLU A 50 -23.50 43.50 -18.97
C GLU A 50 -22.21 43.26 -19.73
N ASN A 51 -21.48 42.19 -19.42
CA ASN A 51 -20.25 41.86 -20.12
C ASN A 51 -20.50 41.20 -21.47
N ALA A 52 -21.77 41.07 -21.87
CA ALA A 52 -22.11 40.47 -23.16
C ALA A 52 -21.16 40.97 -24.24
N PRO A 53 -21.07 42.28 -24.50
CA PRO A 53 -20.30 42.75 -25.67
C PRO A 53 -18.88 42.24 -25.72
N ALA A 54 -18.21 42.14 -24.58
CA ALA A 54 -16.79 41.78 -24.51
C ALA A 54 -16.56 40.30 -24.69
N VAL A 55 -17.56 39.49 -24.35
CA VAL A 55 -17.47 38.04 -24.46
C VAL A 55 -18.15 37.54 -25.72
N LEU A 56 -19.23 38.19 -26.07
CA LEU A 56 -20.32 37.66 -26.86
C LEU A 56 -20.59 38.51 -28.09
N GLY A 57 -20.26 39.80 -28.03
CA GLY A 57 -20.39 40.73 -29.13
C GLY A 57 -21.42 41.79 -28.82
N ASN A 58 -22.64 41.35 -28.55
CA ASN A 58 -23.78 42.24 -28.41
C ASN A 58 -23.82 42.91 -27.04
N SER A 59 -24.38 44.12 -27.02
CA SER A 59 -24.72 44.73 -25.73
C SER A 59 -25.97 44.05 -25.18
N ALA A 60 -26.09 44.07 -23.85
CA ALA A 60 -27.24 43.51 -23.18
C ALA A 60 -28.53 44.20 -23.60
N GLU A 61 -28.43 45.50 -23.88
CA GLU A 61 -29.57 46.27 -24.36
C GLU A 61 -30.17 45.62 -25.60
N GLN A 62 -29.32 45.16 -26.53
CA GLN A 62 -29.82 44.46 -27.72
C GLN A 62 -30.35 43.07 -27.38
N LEU A 63 -29.63 42.33 -26.52
CA LEU A 63 -30.05 40.99 -26.16
C LEU A 63 -31.42 40.99 -25.48
N LEU A 64 -31.59 41.85 -24.48
CA LEU A 64 -32.76 41.78 -23.62
C LEU A 64 -34.05 41.98 -24.42
N GLY A 65 -35.05 41.16 -24.11
CA GLY A 65 -36.33 41.25 -24.76
C GLY A 65 -36.47 40.43 -26.03
N ALA A 66 -35.33 40.02 -26.66
CA ALA A 66 -35.24 39.27 -27.92
C ALA A 66 -35.16 37.77 -27.64
N PRO A 67 -35.59 36.94 -28.59
CA PRO A 67 -35.44 35.49 -28.42
C PRO A 67 -34.00 35.01 -28.64
N LEU A 68 -33.67 33.92 -27.95
CA LEU A 68 -32.31 33.41 -28.05
C LEU A 68 -31.95 33.10 -29.49
N GLY A 69 -32.87 32.47 -30.22
CA GLY A 69 -32.62 32.12 -31.61
C GLY A 69 -32.04 33.26 -32.42
N HIS A 70 -32.57 34.48 -32.24
CA HIS A 70 -32.13 35.62 -33.03
C HIS A 70 -30.60 35.70 -33.16
N PHE A 71 -29.87 35.23 -32.15
CA PHE A 71 -28.41 35.27 -32.19
C PHE A 71 -27.76 33.90 -32.39
N ILE A 72 -28.54 32.84 -32.54
CA ILE A 72 -27.96 31.52 -32.72
C ILE A 72 -27.90 31.21 -34.20
N GLU A 73 -26.73 30.77 -34.66
CA GLU A 73 -26.53 30.32 -36.04
C GLU A 73 -27.67 29.40 -36.46
N PRO A 74 -28.36 29.68 -37.59
CA PRO A 74 -29.67 29.04 -37.84
C PRO A 74 -29.69 27.53 -37.82
N SER A 75 -28.69 26.83 -38.35
CA SER A 75 -28.73 25.37 -38.33
C SER A 75 -28.75 24.82 -36.90
N VAL A 76 -27.89 25.36 -36.04
CA VAL A 76 -27.82 24.95 -34.64
C VAL A 76 -29.07 25.26 -33.85
N ARG A 77 -29.95 26.11 -34.37
CA ARG A 77 -30.98 26.76 -33.56
C ARG A 77 -32.02 25.77 -33.01
N GLU A 78 -32.49 24.82 -33.82
CA GLU A 78 -33.57 24.04 -33.22
C GLU A 78 -33.04 22.90 -32.37
N PRO A 79 -31.98 22.19 -32.75
CA PRO A 79 -31.46 21.18 -31.79
C PRO A 79 -31.23 21.77 -30.39
N LEU A 80 -30.74 22.99 -30.32
CA LEU A 80 -30.42 23.62 -29.04
C LEU A 80 -31.68 24.02 -28.27
N GLU A 81 -32.70 24.55 -28.96
CA GLU A 81 -33.89 24.91 -28.19
C GLU A 81 -34.80 23.72 -27.91
N ALA A 82 -34.69 22.64 -28.68
CA ALA A 82 -35.21 21.36 -28.20
C ALA A 82 -34.56 20.96 -26.88
N ASP A 83 -33.27 21.24 -26.72
CA ASP A 83 -32.59 20.84 -25.49
C ASP A 83 -32.95 21.73 -24.32
N LEU A 84 -33.06 23.04 -24.53
CA LEU A 84 -33.41 23.93 -23.42
C LEU A 84 -34.82 23.67 -22.89
N ARG A 85 -35.60 22.84 -23.57
CA ARG A 85 -36.94 22.48 -23.14
C ARG A 85 -37.01 21.09 -22.52
N SER A 86 -35.88 20.42 -22.34
CA SER A 86 -35.83 19.13 -21.65
C SER A 86 -36.17 19.29 -20.17
N ALA A 87 -36.68 18.20 -19.58
CA ALA A 87 -36.92 18.18 -18.14
C ALA A 87 -35.62 18.07 -17.35
N ARG A 88 -34.71 17.25 -17.85
CA ARG A 88 -33.46 16.99 -17.18
C ARG A 88 -32.31 17.51 -18.02
N LEU A 89 -32.18 18.85 -17.98
CA LEU A 89 -31.06 19.55 -18.60
C LEU A 89 -29.72 19.02 -18.13
N LYS A 90 -29.68 18.48 -16.91
CA LYS A 90 -28.40 18.09 -16.33
C LYS A 90 -27.65 17.12 -17.24
N GLN A 91 -28.34 16.13 -17.78
CA GLN A 91 -27.67 15.16 -18.64
C GLN A 91 -27.37 15.66 -20.06
N LEU A 92 -27.48 16.96 -20.33
CA LEU A 92 -27.11 17.50 -21.64
C LEU A 92 -25.98 18.50 -21.60
N ASN A 93 -25.74 19.15 -20.47
CA ASN A 93 -24.60 20.00 -20.30
C ASN A 93 -23.28 19.28 -20.65
N PRO A 94 -22.36 19.99 -21.33
CA PRO A 94 -22.52 21.35 -21.88
C PRO A 94 -23.34 21.36 -23.17
N LEU A 95 -24.17 22.38 -23.36
CA LEU A 95 -24.85 22.57 -24.62
C LEU A 95 -23.89 23.14 -25.67
N LYS A 96 -24.00 22.67 -26.90
CA LYS A 96 -23.19 23.23 -28.00
C LYS A 96 -23.87 24.50 -28.51
N VAL A 97 -23.32 25.66 -28.17
CA VAL A 97 -23.92 26.95 -28.50
C VAL A 97 -23.06 27.63 -29.56
N VAL A 98 -23.60 27.75 -30.76
CA VAL A 98 -22.91 28.38 -31.88
C VAL A 98 -23.50 29.77 -32.07
N TRP A 99 -22.78 30.77 -31.60
CA TRP A 99 -23.22 32.16 -31.60
C TRP A 99 -22.73 32.89 -32.86
N ARG A 100 -23.67 33.37 -33.68
CA ARG A 100 -23.39 34.05 -34.94
C ARG A 100 -23.49 35.56 -34.73
N VAL A 101 -22.36 36.25 -34.85
CA VAL A 101 -22.29 37.68 -34.59
C VAL A 101 -21.59 38.37 -35.77
N ASP A 102 -22.24 39.40 -36.33
CA ASP A 102 -21.98 39.86 -37.70
C ASP A 102 -22.24 38.69 -38.63
N GLY A 103 -21.17 38.07 -39.13
CA GLY A 103 -21.31 36.79 -39.81
C GLY A 103 -20.25 35.80 -39.38
N VAL A 104 -19.78 35.88 -38.14
CA VAL A 104 -18.77 34.96 -37.63
C VAL A 104 -19.35 34.15 -36.47
N ASP A 105 -19.02 32.85 -36.45
CA ASP A 105 -19.50 31.89 -35.44
C ASP A 105 -18.54 31.81 -34.27
N ARG A 106 -18.94 32.27 -33.09
CA ARG A 106 -18.22 31.98 -31.86
C ARG A 106 -18.90 30.83 -31.11
N PHE A 107 -18.08 29.91 -30.56
CA PHE A 107 -18.57 28.68 -29.95
C PHE A 107 -18.52 28.76 -28.43
N PHE A 108 -19.60 28.33 -27.79
CA PHE A 108 -19.67 28.40 -26.33
C PHE A 108 -20.13 27.08 -25.76
N ASP A 109 -19.71 26.83 -24.54
CA ASP A 109 -20.35 25.81 -23.70
C ASP A 109 -21.60 26.40 -23.07
N GLY A 110 -22.76 25.86 -23.42
CA GLY A 110 -23.99 26.25 -22.76
C GLY A 110 -24.28 25.40 -21.54
N ILE A 111 -24.17 26.00 -20.35
CA ILE A 111 -24.50 25.33 -19.10
C ILE A 111 -25.88 25.84 -18.67
N ALA A 112 -26.89 24.97 -18.80
CA ALA A 112 -28.28 25.30 -18.49
C ALA A 112 -28.79 24.65 -17.19
N HIS A 113 -29.59 25.39 -16.45
CA HIS A 113 -30.36 24.78 -15.35
C HIS A 113 -31.60 25.61 -15.08
N ARG A 114 -32.48 25.04 -14.26
CA ARG A 114 -33.67 25.73 -13.75
C ARG A 114 -33.62 25.76 -12.22
N HIS A 115 -33.87 26.94 -11.65
CA HIS A 115 -34.00 27.09 -10.21
C HIS A 115 -34.96 28.23 -9.93
N GLN A 116 -35.99 27.95 -9.12
CA GLN A 116 -37.01 28.95 -8.77
C GLN A 116 -37.79 29.38 -9.99
N GLY A 117 -38.31 28.40 -10.74
CA GLY A 117 -39.04 28.70 -11.96
C GLY A 117 -38.30 29.61 -12.92
N ARG A 118 -36.97 29.56 -12.95
CA ARG A 118 -36.23 30.40 -13.87
C ARG A 118 -35.14 29.59 -14.55
N LEU A 119 -35.09 29.70 -15.87
CA LEU A 119 -34.20 28.89 -16.69
C LEU A 119 -32.97 29.72 -17.01
N ILE A 120 -31.82 29.23 -16.58
CA ILE A 120 -30.59 30.01 -16.61
C ILE A 120 -29.62 29.33 -17.55
N LEU A 121 -29.13 30.09 -18.53
CA LEU A 121 -28.14 29.64 -19.50
C LEU A 121 -26.87 30.45 -19.27
N GLU A 122 -25.82 29.81 -18.80
CA GLU A 122 -24.52 30.45 -18.80
C GLU A 122 -23.71 29.98 -19.99
N LEU A 123 -23.04 30.93 -20.62
CA LEU A 123 -22.26 30.69 -21.82
C LEU A 123 -20.79 30.89 -21.46
N GLU A 124 -20.00 29.82 -21.65
CA GLU A 124 -18.55 29.84 -21.48
C GLU A 124 -17.87 29.55 -22.80
N PRO A 125 -16.79 30.26 -23.13
CA PRO A 125 -16.18 30.08 -24.45
C PRO A 125 -15.58 28.68 -24.57
N SER A 126 -15.76 28.07 -25.74
CA SER A 126 -15.43 26.67 -25.93
C SER A 126 -14.36 26.50 -27.01
N SER A 127 -13.72 25.33 -26.98
CA SER A 127 -12.48 25.09 -27.72
C SER A 127 -12.63 24.10 -28.87
N HIS A 128 -13.82 23.53 -29.10
CA HIS A 128 -14.02 22.51 -30.13
C HIS A 128 -13.22 21.23 -29.87
N ARG A 129 -13.85 20.07 -29.65
CA ARG A 129 -13.05 18.90 -29.29
C ARG A 129 -12.50 18.19 -30.49
N GLU A 130 -11.42 17.47 -30.24
CA GLU A 130 -10.70 16.73 -31.26
C GLU A 130 -10.28 15.39 -30.70
N ALA A 131 -10.20 14.42 -31.60
CA ALA A 131 -10.05 13.02 -31.22
C ALA A 131 -8.91 12.79 -30.24
N VAL A 132 -7.69 13.17 -30.62
CA VAL A 132 -6.53 12.80 -29.82
C VAL A 132 -6.56 13.39 -28.41
N PRO A 133 -6.75 14.70 -28.22
CA PRO A 133 -6.81 15.17 -26.83
C PRO A 133 -8.05 14.68 -26.08
N PHE A 134 -9.12 14.29 -26.76
CA PHE A 134 -10.22 13.69 -26.00
C PHE A 134 -9.80 12.32 -25.47
N LEU A 135 -9.19 11.50 -26.32
CA LEU A 135 -8.70 10.19 -25.88
C LEU A 135 -7.84 10.31 -24.64
N SER A 136 -6.94 11.29 -24.61
CA SER A 136 -6.06 11.32 -23.47
C SER A 136 -6.85 11.74 -22.23
N PHE A 137 -7.83 12.62 -22.40
CA PHE A 137 -8.69 13.01 -21.28
C PHE A 137 -9.50 11.82 -20.78
N PHE A 138 -10.20 11.16 -21.70
CA PHE A 138 -10.99 9.98 -21.36
C PHE A 138 -10.15 8.93 -20.64
N HIS A 139 -8.90 8.72 -21.08
CA HIS A 139 -8.01 7.78 -20.39
C HIS A 139 -7.62 8.27 -19.01
N ALA A 140 -7.50 9.58 -18.84
CA ALA A 140 -7.18 10.10 -17.51
C ALA A 140 -8.37 9.91 -16.58
N VAL A 141 -9.59 10.18 -17.04
CA VAL A 141 -10.73 10.05 -16.13
C VAL A 141 -10.92 8.59 -15.76
N ARG A 142 -10.80 7.73 -16.74
CA ARG A 142 -10.94 6.30 -16.52
C ARG A 142 -9.82 5.75 -15.64
N ASP A 143 -8.57 6.24 -15.79
CA ASP A 143 -7.50 5.79 -14.89
C ASP A 143 -7.65 6.39 -13.50
N GLY A 144 -8.19 7.60 -13.40
CA GLY A 144 -8.51 8.13 -12.09
C GLY A 144 -9.60 7.33 -11.40
N LEU A 145 -10.65 6.96 -12.15
CA LEU A 145 -11.75 6.24 -11.55
C LEU A 145 -11.30 4.93 -10.93
N SER A 146 -10.53 4.13 -11.64
CA SER A 146 -10.14 2.87 -11.03
C SER A 146 -9.15 3.08 -9.88
N ARG A 147 -8.26 4.07 -10.01
CA ARG A 147 -7.28 4.31 -8.94
C ARG A 147 -7.97 4.58 -7.60
N LEU A 148 -9.09 5.31 -7.61
CA LEU A 148 -9.85 5.49 -6.38
C LEU A 148 -10.48 4.17 -5.91
N ARG A 149 -11.04 3.38 -6.84
CA ARG A 149 -11.67 2.14 -6.41
C ARG A 149 -10.62 1.22 -5.77
N ASP A 150 -9.41 1.20 -6.30
CA ASP A 150 -8.38 0.33 -5.76
C ASP A 150 -7.61 0.94 -4.60
N ALA A 151 -8.16 1.98 -3.98
CA ALA A 151 -7.49 2.65 -2.88
C ALA A 151 -7.57 1.81 -1.62
N ARG A 152 -6.43 1.67 -0.93
CA ARG A 152 -6.35 0.75 0.21
C ARG A 152 -7.03 1.35 1.45
N ASP A 153 -6.81 2.63 1.70
CA ASP A 153 -7.36 3.30 2.86
C ASP A 153 -7.69 4.73 2.47
N LEU A 154 -8.28 5.46 3.42
CA LEU A 154 -8.59 6.87 3.23
C LEU A 154 -7.36 7.68 2.80
N GLN A 155 -6.21 7.47 3.45
CA GLN A 155 -5.06 8.29 3.10
C GLN A 155 -4.77 8.14 1.62
N GLU A 156 -4.78 6.90 1.15
CA GLU A 156 -4.49 6.62 -0.24
C GLU A 156 -5.57 7.15 -1.15
N LEU A 157 -6.83 7.01 -0.72
CA LEU A 157 -7.91 7.58 -1.49
C LEU A 157 -7.70 9.07 -1.68
N CYS A 158 -7.43 9.76 -0.59
CA CYS A 158 -7.13 11.18 -0.61
C CYS A 158 -5.94 11.50 -1.51
N GLU A 159 -4.90 10.69 -1.44
CA GLU A 159 -3.72 10.87 -2.26
C GLU A 159 -4.05 10.80 -3.74
N ALA A 160 -4.66 9.68 -4.16
CA ALA A 160 -5.03 9.52 -5.56
C ALA A 160 -5.93 10.66 -6.02
N VAL A 161 -6.84 11.09 -5.16
CA VAL A 161 -7.78 12.11 -5.58
C VAL A 161 -7.05 13.38 -5.95
N VAL A 162 -6.18 13.88 -5.07
CA VAL A 162 -5.57 15.18 -5.32
C VAL A 162 -4.63 15.11 -6.52
N GLN A 163 -3.87 14.03 -6.65
CA GLN A 163 -3.08 13.83 -7.85
C GLN A 163 -3.93 13.82 -9.11
N GLU A 164 -5.14 13.23 -9.06
CA GLU A 164 -5.95 13.10 -10.26
C GLU A 164 -6.61 14.42 -10.62
N VAL A 165 -7.12 15.15 -9.63
CA VAL A 165 -7.69 16.45 -9.94
C VAL A 165 -6.63 17.36 -10.54
N ARG A 166 -5.47 17.43 -9.88
CA ARG A 166 -4.41 18.29 -10.40
C ARG A 166 -4.03 17.88 -11.82
N GLY A 167 -3.87 16.57 -12.06
CA GLY A 167 -3.46 16.14 -13.38
C GLY A 167 -4.43 16.57 -14.46
N LEU A 168 -5.72 16.60 -14.14
CA LEU A 168 -6.69 17.04 -15.12
C LEU A 168 -6.71 18.56 -15.25
N THR A 169 -6.71 19.29 -14.14
CA THR A 169 -6.88 20.73 -14.15
C THR A 169 -5.57 21.51 -14.32
N GLY A 170 -4.43 20.90 -14.01
CA GLY A 170 -3.20 21.65 -14.03
C GLY A 170 -3.08 22.76 -13.00
N PHE A 171 -3.95 22.80 -11.99
CA PHE A 171 -3.78 23.74 -10.89
C PHE A 171 -2.43 23.53 -10.23
N ASP A 172 -1.98 24.56 -9.50
CA ASP A 172 -0.72 24.45 -8.76
C ASP A 172 -0.85 23.62 -7.50
N ARG A 173 -1.99 23.73 -6.82
CA ARG A 173 -2.27 23.00 -5.59
C ARG A 173 -3.66 22.39 -5.66
N ALA A 174 -3.75 21.11 -5.30
CA ALA A 174 -5.02 20.45 -5.00
C ALA A 174 -4.90 19.77 -3.64
N ILE A 175 -5.79 20.12 -2.71
CA ILE A 175 -5.76 19.55 -1.36
C ILE A 175 -7.11 18.93 -1.02
N ILE A 176 -7.10 18.03 -0.06
CA ILE A 176 -8.33 17.58 0.57
C ILE A 176 -8.49 18.33 1.88
N TYR A 177 -9.51 19.17 1.95
CA TYR A 177 -9.85 19.89 3.17
C TYR A 177 -10.90 19.09 3.93
N ARG A 178 -10.56 18.65 5.14
CA ARG A 178 -11.47 17.86 5.98
C ARG A 178 -12.00 18.66 7.17
N PHE A 179 -13.33 18.74 7.28
CA PHE A 179 -14.01 19.39 8.40
C PHE A 179 -14.02 18.50 9.64
N ASP A 180 -13.82 19.10 10.81
CA ASP A 180 -14.06 18.35 12.03
C ASP A 180 -15.36 18.87 12.65
N ALA A 181 -15.49 18.73 13.96
CA ALA A 181 -16.82 18.72 14.55
C ALA A 181 -17.36 20.12 14.78
N GLU A 182 -16.46 21.08 14.95
CA GLU A 182 -16.85 22.48 15.07
C GLU A 182 -16.67 23.20 13.75
N TRP A 183 -16.60 22.44 12.65
CA TRP A 183 -16.51 22.95 11.29
C TRP A 183 -15.23 23.73 11.03
N ASN A 184 -14.26 23.64 11.93
CA ASN A 184 -12.89 23.96 11.58
C ASN A 184 -12.40 23.05 10.47
N GLY A 185 -11.14 23.21 10.08
CA GLY A 185 -10.64 22.45 8.95
C GLY A 185 -9.20 22.04 9.10
N SER A 186 -8.82 21.10 8.25
CA SER A 186 -7.49 20.56 8.27
C SER A 186 -7.19 20.09 6.86
N VAL A 187 -5.97 20.30 6.39
CA VAL A 187 -5.55 19.87 5.07
C VAL A 187 -4.86 18.55 5.26
N ILE A 188 -5.50 17.48 4.79
CA ILE A 188 -5.04 16.13 5.14
C ILE A 188 -4.32 15.42 4.02
N ALA A 189 -4.30 15.98 2.80
CA ALA A 189 -3.54 15.44 1.67
C ALA A 189 -3.34 16.54 0.63
N GLU A 190 -2.27 16.42 -0.18
CA GLU A 190 -2.01 17.50 -1.15
C GLU A 190 -1.17 17.05 -2.35
N ALA A 191 -1.62 17.47 -3.53
CA ALA A 191 -0.84 17.35 -4.77
C ALA A 191 -0.42 18.75 -5.19
N ARG A 192 0.83 18.91 -5.64
CA ARG A 192 1.23 20.29 -5.95
C ARG A 192 2.52 20.33 -6.75
N ASP A 193 2.60 21.38 -7.56
CA ASP A 193 3.88 21.88 -8.05
C ASP A 193 4.73 22.32 -6.85
N ALA A 194 5.88 21.63 -6.66
CA ALA A 194 6.73 21.88 -5.48
C ALA A 194 7.09 23.35 -5.33
N ARG A 195 7.17 24.06 -6.44
CA ARG A 195 7.09 25.52 -6.48
C ARG A 195 6.31 26.13 -5.31
N ALA A 196 5.04 25.74 -5.18
CA ALA A 196 4.12 26.44 -4.29
C ALA A 196 4.31 26.01 -2.85
N ASP A 197 3.93 26.86 -1.96
CA ASP A 197 4.28 26.47 -0.61
C ASP A 197 3.31 25.40 -0.12
N PRO A 198 3.82 24.37 0.58
CA PRO A 198 3.01 23.20 0.91
C PRO A 198 2.11 23.49 2.10
N TYR A 199 0.80 23.43 1.86
CA TYR A 199 -0.27 23.58 2.85
C TYR A 199 -0.57 22.29 3.62
N LEU A 200 0.16 21.22 3.36
CA LEU A 200 -0.12 19.95 4.00
C LEU A 200 0.03 20.07 5.51
N GLY A 201 -1.06 19.80 6.22
CA GLY A 201 -1.01 19.71 7.67
C GLY A 201 -1.60 20.88 8.40
N LEU A 202 -2.08 21.90 7.69
CA LEU A 202 -2.51 23.13 8.33
C LEU A 202 -3.94 23.02 8.81
N HIS A 203 -4.35 23.97 9.66
CA HIS A 203 -5.72 24.04 10.16
C HIS A 203 -6.27 25.43 9.91
N PHE A 204 -7.58 25.53 9.71
CA PHE A 204 -8.19 26.74 9.26
C PHE A 204 -9.51 26.87 10.01
N PRO A 205 -9.82 28.03 10.60
CA PRO A 205 -11.01 28.14 11.45
C PRO A 205 -12.30 28.16 10.64
N ALA A 206 -13.38 27.71 11.29
CA ALA A 206 -14.69 27.58 10.67
C ALA A 206 -15.25 28.91 10.16
N SER A 207 -14.65 30.04 10.51
CA SER A 207 -15.16 31.29 9.98
C SER A 207 -14.71 31.52 8.53
N ASP A 208 -13.70 30.78 8.04
CA ASP A 208 -13.29 30.91 6.65
C ASP A 208 -14.33 30.39 5.68
N ILE A 209 -15.20 29.48 6.10
CA ILE A 209 -16.27 29.00 5.23
C ILE A 209 -17.59 29.13 5.99
N PRO A 210 -18.23 30.29 5.98
CA PRO A 210 -19.40 30.50 6.85
C PRO A 210 -20.53 29.53 6.55
N ARG A 211 -21.51 29.46 7.49
CA ARG A 211 -22.57 28.43 7.42
C ARG A 211 -23.34 28.48 6.13
N GLN A 212 -23.82 29.67 5.75
CA GLN A 212 -24.54 29.79 4.49
C GLN A 212 -23.65 29.50 3.28
N ALA A 213 -22.32 29.48 3.46
CA ALA A 213 -21.46 28.96 2.41
C ALA A 213 -21.50 27.44 2.36
N ARG A 214 -21.39 26.79 3.53
CA ARG A 214 -21.41 25.33 3.57
C ARG A 214 -22.79 24.78 3.29
N GLU A 215 -23.82 25.48 3.76
CA GLU A 215 -25.17 25.06 3.37
C GLU A 215 -25.32 25.15 1.88
N LEU A 216 -24.79 26.21 1.26
CA LEU A 216 -24.72 26.29 -0.19
C LEU A 216 -24.00 25.06 -0.76
N TYR A 217 -22.81 24.78 -0.27
CA TYR A 217 -22.01 23.73 -0.87
C TYR A 217 -22.51 22.33 -0.51
N GLN A 218 -23.51 22.24 0.36
CA GLN A 218 -24.11 20.95 0.63
C GLN A 218 -25.04 20.55 -0.49
N LEU A 219 -25.49 21.53 -1.27
CA LEU A 219 -26.43 21.33 -2.37
C LEU A 219 -25.80 21.47 -3.75
N ASN A 220 -24.78 22.31 -3.89
CA ASN A 220 -24.07 22.57 -5.14
C ASN A 220 -22.62 22.20 -4.90
N TRP A 221 -22.14 21.15 -5.57
CA TRP A 221 -20.89 20.52 -5.20
C TRP A 221 -19.69 21.04 -6.00
N LEU A 222 -19.88 22.07 -6.82
CA LEU A 222 -18.80 22.51 -7.69
C LEU A 222 -18.81 24.03 -7.89
N ARG A 223 -17.68 24.66 -7.59
CA ARG A 223 -17.51 26.10 -7.75
C ARG A 223 -16.09 26.41 -8.25
N ILE A 224 -15.97 27.34 -9.20
CA ILE A 224 -14.66 27.76 -9.67
C ILE A 224 -14.58 29.28 -9.76
N ILE A 225 -13.45 29.83 -9.31
CA ILE A 225 -13.13 31.25 -9.51
C ILE A 225 -11.87 31.32 -10.36
N PRO A 226 -12.01 31.46 -11.68
CA PRO A 226 -10.82 31.38 -12.56
C PRO A 226 -9.81 32.47 -12.31
N THR A 227 -10.25 33.62 -11.80
CA THR A 227 -9.34 34.64 -11.29
C THR A 227 -10.04 35.45 -10.21
N ILE A 228 -9.27 35.82 -9.19
CA ILE A 228 -9.80 36.62 -8.09
C ILE A 228 -9.96 38.08 -8.50
N ASP A 229 -9.01 38.62 -9.27
CA ASP A 229 -9.06 40.01 -9.69
C ASP A 229 -9.95 40.13 -10.93
N TYR A 230 -11.12 40.76 -10.79
CA TYR A 230 -12.11 40.78 -11.87
C TYR A 230 -13.27 41.69 -11.46
N GLN A 231 -14.09 42.07 -12.45
CA GLN A 231 -15.12 43.10 -12.29
C GLN A 231 -16.52 42.52 -12.40
N PRO A 232 -17.30 42.47 -11.33
CA PRO A 232 -18.61 41.80 -11.40
C PRO A 232 -19.54 42.41 -12.43
N ALA A 233 -19.62 41.80 -13.60
CA ALA A 233 -20.64 42.19 -14.55
C ALA A 233 -22.01 41.95 -13.95
N ARG A 234 -22.80 43.03 -13.83
CA ARG A 234 -24.12 42.95 -13.20
C ARG A 234 -25.16 42.30 -14.13
N VAL A 235 -26.07 41.53 -13.55
CA VAL A 235 -27.11 40.85 -14.34
C VAL A 235 -28.27 41.81 -14.52
N ARG A 236 -28.28 42.51 -15.65
CA ARG A 236 -29.42 43.40 -15.83
C ARG A 236 -30.59 42.65 -16.46
N ALA A 237 -31.80 43.20 -16.29
CA ALA A 237 -33.03 42.50 -16.67
C ALA A 237 -34.02 43.46 -17.33
N LEU A 238 -35.18 42.88 -17.73
CA LEU A 238 -36.34 43.57 -18.29
C LEU A 238 -37.16 44.21 -17.17
N PRO A 239 -37.74 45.39 -17.40
CA PRO A 239 -38.78 45.89 -16.48
C PRO A 239 -39.88 44.85 -16.24
N GLY A 240 -40.15 44.59 -14.96
CA GLY A 240 -40.99 43.49 -14.56
C GLY A 240 -40.23 42.26 -14.09
N HIS A 241 -38.90 42.27 -14.20
CA HIS A 241 -38.06 41.18 -13.69
C HIS A 241 -36.97 41.67 -12.74
N GLY A 242 -37.04 42.93 -12.26
CA GLY A 242 -35.96 43.56 -11.49
C GLY A 242 -35.70 43.01 -10.11
N GLU A 243 -36.45 42.00 -9.65
CA GLU A 243 -36.21 41.46 -8.31
C GLU A 243 -35.01 40.52 -8.33
N PRO A 244 -34.20 40.50 -7.23
CA PRO A 244 -33.01 39.65 -7.17
C PRO A 244 -33.12 38.27 -7.80
N LEU A 245 -32.08 37.92 -8.56
CA LEU A 245 -32.00 36.64 -9.27
C LEU A 245 -31.30 35.61 -8.39
N ASP A 246 -31.98 34.51 -8.09
CA ASP A 246 -31.38 33.48 -7.26
C ASP A 246 -30.34 32.72 -8.07
N LEU A 247 -29.08 32.90 -7.73
CA LEU A 247 -27.98 32.40 -8.55
C LEU A 247 -27.17 31.37 -7.79
N SER A 248 -27.85 30.50 -7.05
CA SER A 248 -27.12 29.58 -6.20
C SER A 248 -26.46 28.46 -7.01
N PHE A 249 -27.09 28.03 -8.09
CA PHE A 249 -26.55 26.94 -8.90
C PHE A 249 -25.87 27.42 -10.18
N SER A 250 -25.64 28.72 -10.34
CA SER A 250 -24.95 29.27 -11.51
C SER A 250 -23.45 29.12 -11.37
N VAL A 251 -22.78 28.64 -12.42
CA VAL A 251 -21.32 28.57 -12.38
C VAL A 251 -20.66 29.94 -12.43
N LEU A 252 -21.38 30.99 -12.78
CA LEU A 252 -20.74 32.30 -12.89
C LEU A 252 -21.01 33.22 -11.71
N ARG A 253 -22.05 32.94 -10.90
CA ARG A 253 -22.45 33.74 -9.74
C ARG A 253 -21.23 34.38 -9.09
N SER A 254 -21.14 35.70 -9.16
CA SER A 254 -20.04 36.40 -8.50
C SER A 254 -20.02 36.05 -7.02
N VAL A 255 -18.85 35.72 -6.52
CA VAL A 255 -18.76 35.25 -5.15
C VAL A 255 -18.51 36.42 -4.22
N SER A 256 -18.82 36.21 -2.94
CA SER A 256 -18.65 37.23 -1.90
C SER A 256 -17.27 37.88 -1.98
N PRO A 257 -17.21 39.20 -2.08
CA PRO A 257 -15.91 39.88 -2.26
C PRO A 257 -14.97 39.80 -1.06
N ILE A 258 -15.46 39.51 0.16
CA ILE A 258 -14.51 39.30 1.24
C ILE A 258 -13.70 38.04 0.99
N HIS A 259 -14.33 37.02 0.38
CA HIS A 259 -13.58 35.82 0.08
C HIS A 259 -12.51 36.05 -1.00
N LEU A 260 -12.70 37.04 -1.87
CA LEU A 260 -11.67 37.31 -2.87
C LEU A 260 -10.45 38.00 -2.27
N GLU A 261 -10.63 38.78 -1.20
CA GLU A 261 -9.47 39.35 -0.49
C GLU A 261 -8.77 38.31 0.35
N TYR A 262 -9.53 37.40 0.94
CA TYR A 262 -8.95 36.22 1.58
C TYR A 262 -7.99 35.53 0.62
N LEU A 263 -8.46 35.27 -0.60
CA LEU A 263 -7.61 34.64 -1.60
C LEU A 263 -6.44 35.54 -1.98
N HIS A 264 -6.70 36.85 -2.12
CA HIS A 264 -5.61 37.80 -2.30
C HIS A 264 -4.62 37.70 -1.15
N ASN A 265 -5.11 37.92 0.09
CA ASN A 265 -4.24 37.84 1.27
C ASN A 265 -3.56 36.49 1.36
N MET A 266 -4.30 35.40 1.12
CA MET A 266 -3.65 34.09 1.14
C MET A 266 -2.65 33.92 0.00
N GLY A 267 -2.70 34.79 -1.01
CA GLY A 267 -1.70 34.70 -2.05
C GLY A 267 -2.07 33.70 -3.10
N VAL A 268 -3.36 33.65 -3.45
CA VAL A 268 -3.88 32.71 -4.43
C VAL A 268 -4.61 33.51 -5.50
N GLN A 269 -4.33 33.21 -6.76
CA GLN A 269 -4.87 33.93 -7.91
C GLN A 269 -6.13 33.28 -8.49
N ALA A 270 -6.25 31.94 -8.45
CA ALA A 270 -7.39 31.22 -9.02
C ALA A 270 -7.77 30.03 -8.14
N SER A 271 -9.04 29.66 -8.17
CA SER A 271 -9.57 28.73 -7.17
C SER A 271 -10.60 27.78 -7.76
N MET A 272 -10.52 26.51 -7.34
CA MET A 272 -11.60 25.54 -7.58
C MET A 272 -11.81 24.60 -6.40
N SER A 273 -13.08 24.43 -6.00
CA SER A 273 -13.39 23.48 -4.93
C SER A 273 -14.63 22.65 -5.25
N ILE A 274 -14.63 21.42 -4.73
CA ILE A 274 -15.64 20.39 -4.95
C ILE A 274 -16.08 19.88 -3.58
N SER A 275 -17.39 19.82 -3.36
CA SER A 275 -17.89 19.29 -2.08
C SER A 275 -17.65 17.79 -1.95
N LEU A 276 -17.48 17.35 -0.72
CA LEU A 276 -17.42 15.94 -0.38
C LEU A 276 -18.52 15.63 0.63
N MET A 277 -19.28 14.58 0.39
CA MET A 277 -20.47 14.32 1.19
C MET A 277 -20.37 12.93 1.77
N LYS A 278 -20.39 12.85 3.11
CA LYS A 278 -20.63 11.62 3.84
C LYS A 278 -21.96 11.75 4.59
N ASP A 279 -22.82 10.77 4.42
CA ASP A 279 -24.10 10.66 5.16
C ASP A 279 -24.93 11.92 5.07
N GLY A 280 -25.02 12.50 3.87
CA GLY A 280 -25.84 13.68 3.63
C GLY A 280 -25.22 15.01 4.04
N LYS A 281 -24.21 15.01 4.90
CA LYS A 281 -23.64 16.26 5.38
C LYS A 281 -22.29 16.52 4.74
N LEU A 282 -21.91 17.80 4.74
CA LEU A 282 -20.66 18.21 4.13
C LEU A 282 -19.49 17.64 4.93
N TRP A 283 -18.66 16.81 4.30
CA TRP A 283 -17.53 16.20 4.98
C TRP A 283 -16.20 16.86 4.64
N GLY A 284 -16.17 17.65 3.57
CA GLY A 284 -14.94 18.29 3.18
C GLY A 284 -15.05 18.82 1.77
N LEU A 285 -13.95 19.37 1.31
CA LEU A 285 -13.89 19.80 -0.06
C LEU A 285 -12.66 19.19 -0.69
N ILE A 286 -12.71 19.01 -1.98
CA ILE A 286 -11.49 19.06 -2.76
C ILE A 286 -11.25 20.52 -3.08
N SER A 287 -10.04 21.03 -2.83
CA SER A 287 -9.78 22.43 -3.08
C SER A 287 -8.47 22.60 -3.83
N CYS A 288 -8.52 23.52 -4.80
CA CYS A 288 -7.47 23.78 -5.77
C CYS A 288 -7.21 25.28 -5.93
N HIS A 289 -5.93 25.63 -6.08
CA HIS A 289 -5.47 27.00 -6.23
C HIS A 289 -4.42 27.13 -7.32
N GLN A 290 -4.38 28.33 -7.93
CA GLN A 290 -3.26 28.81 -8.73
C GLN A 290 -2.56 29.95 -7.97
N VAL A 291 -1.24 29.87 -7.76
CA VAL A 291 -0.59 30.85 -6.87
C VAL A 291 -0.30 32.16 -7.59
N SER A 292 0.22 32.11 -8.80
CA SER A 292 0.19 33.25 -9.70
C SER A 292 -0.30 32.77 -11.05
N GLY A 293 -0.98 33.65 -11.76
CA GLY A 293 -1.59 33.21 -12.98
C GLY A 293 -2.95 32.62 -12.75
N THR A 294 -3.62 32.31 -13.85
CA THR A 294 -5.05 32.10 -13.86
C THR A 294 -5.34 30.66 -14.24
N ARG A 295 -6.64 30.30 -14.23
CA ARG A 295 -7.05 28.91 -14.47
C ARG A 295 -8.48 28.80 -14.96
N TYR A 296 -8.73 29.09 -16.23
CA TYR A 296 -10.08 28.98 -16.77
C TYR A 296 -10.32 27.53 -17.17
N VAL A 297 -10.69 26.70 -16.18
CA VAL A 297 -10.86 25.26 -16.41
C VAL A 297 -12.16 24.98 -17.15
N PRO A 298 -12.11 24.35 -18.33
CA PRO A 298 -13.34 24.03 -19.05
C PRO A 298 -14.29 23.16 -18.23
N TYR A 299 -15.58 23.31 -18.55
CA TYR A 299 -16.66 22.67 -17.79
C TYR A 299 -16.59 21.14 -17.84
N GLU A 300 -16.31 20.58 -19.01
CA GLU A 300 -16.14 19.14 -19.13
C GLU A 300 -15.09 18.62 -18.14
N VAL A 301 -13.94 19.29 -18.07
CA VAL A 301 -12.93 18.85 -17.13
C VAL A 301 -13.39 19.11 -15.70
N ARG A 302 -14.11 20.21 -15.50
CA ARG A 302 -14.62 20.53 -14.20
C ARG A 302 -15.55 19.44 -13.66
N THR A 303 -16.56 19.06 -14.44
CA THR A 303 -17.48 18.05 -13.94
C THR A 303 -16.79 16.70 -13.77
N ALA A 304 -15.84 16.35 -14.64
CA ALA A 304 -15.10 15.10 -14.47
C ALA A 304 -14.41 15.06 -13.13
N CYS A 305 -13.85 16.20 -12.69
CA CYS A 305 -13.34 16.33 -11.33
C CYS A 305 -14.45 16.20 -10.29
N GLU A 306 -15.64 16.71 -10.60
CA GLU A 306 -16.73 16.60 -9.65
C GLU A 306 -17.15 15.15 -9.48
N PHE A 307 -17.09 14.39 -10.56
CA PHE A 307 -17.51 13.01 -10.50
C PHE A 307 -16.51 12.18 -9.72
N LEU A 308 -15.23 12.47 -9.87
CA LEU A 308 -14.27 11.82 -8.98
C LEU A 308 -14.52 12.21 -7.55
N GLY A 309 -14.92 13.45 -7.31
CA GLY A 309 -15.36 13.81 -5.97
C GLY A 309 -16.56 13.00 -5.50
N GLU A 310 -17.53 12.78 -6.38
CA GLU A 310 -18.69 11.97 -5.99
C GLU A 310 -18.30 10.52 -5.74
N VAL A 311 -17.37 9.98 -6.52
CA VAL A 311 -16.89 8.65 -6.25
C VAL A 311 -16.15 8.63 -4.92
N MET A 312 -15.33 9.65 -4.66
CA MET A 312 -14.61 9.72 -3.40
C MET A 312 -15.56 9.77 -2.22
N SER A 313 -16.56 10.66 -2.27
CA SER A 313 -17.58 10.67 -1.24
C SER A 313 -18.15 9.29 -1.00
N SER A 314 -18.44 8.58 -2.09
CA SER A 314 -19.10 7.30 -2.03
C SER A 314 -18.24 6.22 -1.41
N LEU A 315 -16.94 6.45 -1.28
CA LEU A 315 -16.00 5.47 -0.76
C LEU A 315 -15.41 5.85 0.60
N LEU A 316 -15.77 7.01 1.15
CA LEU A 316 -15.12 7.48 2.37
C LEU A 316 -15.31 6.49 3.49
N ALA A 317 -16.56 6.10 3.75
CA ALA A 317 -16.83 5.15 4.83
C ALA A 317 -16.03 3.87 4.62
N ALA A 318 -16.17 3.28 3.44
CA ALA A 318 -15.54 1.99 3.20
C ALA A 318 -14.03 2.09 3.40
N LYS A 319 -13.38 3.07 2.75
CA LYS A 319 -11.91 3.18 2.79
C LYS A 319 -11.42 3.61 4.16
N GLU A 320 -12.11 4.56 4.79
CA GLU A 320 -11.76 4.88 6.18
C GLU A 320 -11.92 3.66 7.08
N GLY A 321 -12.93 2.82 6.85
CA GLY A 321 -13.11 1.62 7.66
C GLY A 321 -11.94 0.65 7.59
N ASN A 322 -11.04 0.84 6.64
CA ASN A 322 -9.87 0.00 6.50
C ASN A 322 -8.60 0.76 6.83
N GLU A 323 -8.72 1.87 7.55
CA GLU A 323 -7.56 2.60 8.04
C GLU A 323 -6.89 1.80 9.14
N ASP A 324 -5.56 1.96 9.25
CA ASP A 324 -4.77 1.21 10.23
C ASP A 324 -5.05 -0.29 10.09
N TYR A 325 -4.76 -0.83 8.91
CA TYR A 325 -5.11 -2.21 8.60
C TYR A 325 -3.98 -3.17 8.86
N ASP A 326 -3.08 -2.83 9.79
CA ASP A 326 -2.20 -3.76 10.49
C ASP A 326 -2.45 -3.75 11.98
N GLN A 327 -2.54 -2.55 12.55
CA GLN A 327 -3.07 -2.30 13.89
C GLN A 327 -4.30 -3.13 14.22
N ARG A 328 -5.21 -3.27 13.22
CA ARG A 328 -6.41 -4.12 13.34
C ARG A 328 -6.04 -5.59 13.48
N ILE A 329 -5.15 -6.09 12.62
CA ILE A 329 -4.66 -7.45 12.75
C ILE A 329 -4.13 -7.65 14.16
N ARG A 330 -3.28 -6.73 14.61
CA ARG A 330 -2.63 -6.86 15.90
C ARG A 330 -3.63 -6.77 17.04
N ALA A 331 -4.64 -5.89 16.91
CA ALA A 331 -5.73 -5.84 17.87
C ALA A 331 -6.53 -7.14 17.90
N LYS A 332 -6.84 -7.69 16.72
CA LYS A 332 -7.71 -8.86 16.72
C LYS A 332 -7.01 -10.06 17.34
N SER A 333 -5.71 -10.21 17.11
CA SER A 333 -5.03 -11.34 17.73
C SER A 333 -4.76 -11.11 19.21
N ILE A 334 -4.62 -9.85 19.65
CA ILE A 334 -4.62 -9.56 21.09
C ILE A 334 -5.96 -9.93 21.70
N HIS A 335 -7.06 -9.61 21.00
CA HIS A 335 -8.40 -9.97 21.45
C HIS A 335 -8.52 -11.48 21.63
N ALA A 336 -8.36 -12.21 20.53
CA ALA A 336 -8.21 -13.66 20.50
C ALA A 336 -7.40 -14.17 21.70
N ALA A 337 -6.24 -13.56 21.93
CA ALA A 337 -5.45 -13.95 23.08
C ALA A 337 -6.20 -13.72 24.38
N LEU A 338 -6.89 -12.59 24.50
CA LEU A 338 -7.59 -12.30 25.74
C LEU A 338 -8.81 -13.20 25.91
N LEU A 339 -9.45 -13.62 24.82
CA LEU A 339 -10.66 -14.42 24.97
C LEU A 339 -10.35 -15.85 25.36
N GLU A 340 -9.11 -16.31 25.14
CA GLU A 340 -8.68 -17.64 25.56
C GLU A 340 -8.20 -17.67 27.00
N ARG A 341 -7.36 -16.70 27.40
CA ARG A 341 -6.88 -16.71 28.77
C ARG A 341 -7.98 -16.42 29.77
N MET A 342 -9.15 -15.96 29.30
CA MET A 342 -10.37 -15.92 30.06
C MET A 342 -11.11 -17.25 30.04
N ALA A 343 -10.60 -18.26 29.33
CA ALA A 343 -11.27 -19.55 29.30
C ALA A 343 -10.74 -20.49 30.37
N ARG A 344 -9.43 -20.52 30.59
CA ARG A 344 -8.90 -21.44 31.59
C ARG A 344 -9.23 -21.00 33.01
N GLU A 345 -9.68 -19.76 33.19
CA GLU A 345 -10.03 -19.22 34.51
C GLU A 345 -11.54 -18.95 34.56
N VAL A 346 -12.20 -19.56 35.56
CA VAL A 346 -13.57 -19.14 35.87
C VAL A 346 -13.58 -17.66 36.25
N ASP A 347 -12.51 -17.22 36.91
CA ASP A 347 -12.31 -15.81 37.26
C ASP A 347 -11.72 -15.11 36.03
N PHE A 348 -12.61 -14.81 35.06
CA PHE A 348 -12.16 -14.16 33.83
C PHE A 348 -11.47 -12.84 34.11
N VAL A 349 -11.81 -12.18 35.22
CA VAL A 349 -11.21 -10.87 35.52
C VAL A 349 -9.70 -10.98 35.63
N SER A 350 -9.19 -11.92 36.43
CA SER A 350 -7.75 -12.10 36.48
C SER A 350 -7.21 -12.68 35.18
N GLY A 351 -8.03 -13.38 34.41
CA GLY A 351 -7.63 -13.70 33.05
C GLY A 351 -7.25 -12.48 32.25
N LEU A 352 -7.95 -11.35 32.47
CA LEU A 352 -7.56 -10.10 31.85
C LEU A 352 -6.46 -9.36 32.60
N ALA A 353 -6.18 -9.71 33.86
CA ALA A 353 -5.11 -9.08 34.61
C ALA A 353 -3.74 -9.77 34.43
N SER A 354 -3.71 -10.98 33.87
CA SER A 354 -2.41 -11.57 33.54
C SER A 354 -1.82 -10.93 32.29
N GLN A 355 -2.61 -10.88 31.20
CA GLN A 355 -2.24 -10.13 30.00
C GLN A 355 -2.59 -8.67 30.16
N GLU A 356 -2.24 -8.10 31.31
CA GLU A 356 -2.38 -6.65 31.50
C GLU A 356 -1.60 -5.89 30.43
N SER A 357 -0.44 -6.42 30.01
CA SER A 357 0.25 -5.84 28.87
C SER A 357 -0.57 -6.00 27.58
N GLY A 358 -1.43 -7.01 27.52
CA GLY A 358 -2.21 -7.26 26.32
C GLY A 358 -3.46 -6.43 26.29
N LEU A 359 -4.17 -6.41 27.43
CA LEU A 359 -5.32 -5.56 27.57
C LEU A 359 -4.92 -4.10 27.42
N LEU A 360 -3.69 -3.74 27.80
CA LEU A 360 -3.25 -2.35 27.68
C LEU A 360 -2.85 -2.02 26.25
N GLU A 361 -2.24 -2.96 25.55
CA GLU A 361 -1.92 -2.70 24.16
C GLU A 361 -3.17 -2.74 23.27
N LEU A 362 -4.25 -3.35 23.76
CA LEU A 362 -5.46 -3.52 22.95
C LEU A 362 -6.03 -2.18 22.49
N VAL A 363 -6.06 -1.18 23.37
CA VAL A 363 -6.45 0.16 22.94
C VAL A 363 -5.32 1.17 23.09
N HIS A 364 -4.09 0.70 23.26
CA HIS A 364 -2.93 1.55 23.49
C HIS A 364 -3.18 2.52 24.63
N ALA A 365 -3.42 1.93 25.78
CA ALA A 365 -3.47 2.69 27.01
C ALA A 365 -2.26 2.30 27.83
N HIS A 366 -1.96 3.14 28.81
CA HIS A 366 -0.91 2.85 29.78
C HIS A 366 -1.48 2.45 31.13
N GLY A 367 -2.81 2.49 31.25
CA GLY A 367 -3.48 2.14 32.48
C GLY A 367 -4.84 1.54 32.19
N ALA A 368 -5.31 0.70 33.11
CA ALA A 368 -6.65 0.15 33.01
C ALA A 368 -7.22 -0.08 34.41
N ALA A 369 -8.49 -0.45 34.45
CA ALA A 369 -9.16 -0.71 35.72
C ALA A 369 -10.38 -1.56 35.43
N ILE A 370 -10.57 -2.60 36.23
CA ILE A 370 -11.77 -3.42 36.18
C ILE A 370 -12.44 -3.30 37.53
N HIS A 371 -13.68 -2.83 37.54
CA HIS A 371 -14.54 -2.87 38.71
C HIS A 371 -15.53 -4.02 38.47
N PHE A 372 -15.37 -5.12 39.21
CA PHE A 372 -16.26 -6.27 39.06
C PHE A 372 -16.63 -6.82 40.43
N HIS A 373 -17.93 -6.90 40.70
CA HIS A 373 -18.52 -7.31 41.97
C HIS A 373 -17.93 -6.53 43.14
N GLY A 374 -18.03 -5.20 43.04
CA GLY A 374 -17.66 -4.31 44.10
C GLY A 374 -16.17 -4.05 44.27
N ARG A 375 -15.30 -4.79 43.60
CA ARG A 375 -13.88 -4.62 43.80
C ARG A 375 -13.19 -4.24 42.49
N THR A 376 -12.17 -3.39 42.58
CA THR A 376 -11.51 -2.82 41.42
C THR A 376 -10.05 -3.24 41.36
N THR A 377 -9.64 -3.79 40.21
CA THR A 377 -8.29 -4.26 39.91
C THR A 377 -7.60 -3.24 39.02
N VAL A 378 -6.39 -2.83 39.39
CA VAL A 378 -5.69 -1.77 38.66
C VAL A 378 -4.47 -2.34 37.98
N LEU A 379 -4.21 -1.91 36.75
CA LEU A 379 -3.21 -2.53 35.89
C LEU A 379 -2.10 -1.59 35.48
N GLY A 380 -2.41 -0.42 34.96
CA GLY A 380 -1.30 0.44 34.54
C GLY A 380 -1.03 1.54 35.54
N GLN A 381 -0.73 2.72 35.04
CA GLN A 381 -0.79 3.89 35.89
C GLN A 381 -2.23 4.35 35.91
N ALA A 382 -2.77 4.60 37.09
CA ALA A 382 -4.19 4.90 37.26
C ALA A 382 -4.35 6.09 38.17
N PRO A 383 -5.53 6.72 38.17
CA PRO A 383 -5.84 7.70 39.22
C PRO A 383 -5.74 7.07 40.60
N SER A 384 -5.69 7.95 41.61
CA SER A 384 -5.53 7.47 42.98
C SER A 384 -6.68 6.54 43.32
N ASP A 385 -6.45 5.74 44.37
CA ASP A 385 -7.39 4.67 44.72
C ASP A 385 -8.80 5.22 44.97
N GLU A 386 -8.94 6.52 45.18
CA GLU A 386 -10.25 7.15 45.07
C GLU A 386 -10.76 7.08 43.63
N ALA A 387 -10.31 6.09 42.82
CA ALA A 387 -10.89 5.87 41.50
C ALA A 387 -12.39 5.57 41.59
N LEU A 388 -12.93 5.42 42.80
CA LEU A 388 -14.36 5.56 43.00
C LEU A 388 -14.89 6.82 42.33
N THR A 389 -14.04 7.84 42.18
CA THR A 389 -14.10 8.99 41.28
C THR A 389 -15.18 8.88 40.19
N GLY A 390 -14.71 8.70 38.94
CA GLY A 390 -15.58 8.55 37.81
C GLY A 390 -16.29 7.22 37.74
N LEU A 391 -15.96 6.31 38.67
CA LEU A 391 -16.67 5.04 38.74
C LEU A 391 -18.10 5.22 39.23
N ILE A 392 -18.30 5.95 40.33
CA ILE A 392 -19.67 6.32 40.69
C ILE A 392 -20.19 7.36 39.73
N GLU A 393 -19.49 8.53 39.62
CA GLU A 393 -20.04 9.66 38.87
C GLU A 393 -20.35 9.18 37.50
N TRP A 394 -21.57 9.44 37.08
CA TRP A 394 -22.02 9.27 35.71
C TRP A 394 -23.55 9.28 35.74
N LEU A 395 -24.17 9.46 34.58
CA LEU A 395 -25.57 9.03 34.40
C LEU A 395 -26.03 9.27 32.96
N GLY A 396 -26.43 10.51 32.65
CA GLY A 396 -26.91 10.87 31.32
C GLY A 396 -26.05 10.33 30.21
N SER A 397 -24.81 10.80 30.10
CA SER A 397 -23.86 10.27 29.12
C SER A 397 -22.41 10.69 29.43
N ARG A 398 -21.54 9.81 29.97
CA ARG A 398 -21.70 8.38 30.40
C ARG A 398 -22.06 7.36 29.30
N THR A 399 -22.03 6.08 29.71
CA THR A 399 -22.38 4.92 28.89
C THR A 399 -23.87 4.87 28.56
N GLY A 400 -24.72 4.68 29.57
CA GLY A 400 -26.00 4.10 29.25
C GLY A 400 -25.62 2.75 28.67
N GLU A 401 -25.27 2.73 27.38
CA GLU A 401 -24.21 1.89 26.77
C GLU A 401 -24.15 2.33 25.30
N GLY A 402 -23.08 2.05 24.55
CA GLY A 402 -21.97 1.16 24.90
C GLY A 402 -20.62 1.73 25.34
N VAL A 403 -19.69 1.98 24.42
CA VAL A 403 -18.37 2.45 24.79
C VAL A 403 -18.36 3.97 24.93
N PHE A 404 -18.02 4.46 26.11
CA PHE A 404 -17.72 5.86 26.33
C PHE A 404 -16.26 6.13 25.99
N CYS A 405 -16.00 7.24 25.32
CA CYS A 405 -14.66 7.48 24.80
C CYS A 405 -14.39 8.97 24.75
N THR A 406 -13.43 9.46 25.51
CA THR A 406 -13.06 10.87 25.43
C THR A 406 -11.55 11.03 25.59
N ASP A 407 -11.03 12.16 25.11
CA ASP A 407 -9.68 12.59 25.43
C ASP A 407 -9.69 13.91 26.18
N ARG A 408 -10.83 14.27 26.73
CA ARG A 408 -11.04 15.50 27.49
C ARG A 408 -11.91 15.17 28.69
N LEU A 409 -11.51 14.14 29.44
CA LEU A 409 -12.33 13.74 30.58
C LEU A 409 -12.48 14.87 31.57
N ALA A 410 -11.54 15.82 31.57
CA ALA A 410 -11.72 17.02 32.39
C ALA A 410 -12.91 17.85 31.93
N ARG A 411 -13.29 17.72 30.65
CA ARG A 411 -14.45 18.42 30.13
C ARG A 411 -15.74 17.95 30.79
N GLU A 412 -16.16 16.72 30.47
CA GLU A 412 -17.41 16.21 31.02
C GLU A 412 -17.29 15.98 32.52
N TYR A 413 -16.22 15.35 32.95
CA TYR A 413 -16.09 15.03 34.37
C TYR A 413 -14.98 15.88 34.98
N PRO A 414 -15.31 17.01 35.60
CA PRO A 414 -14.28 18.01 35.90
C PRO A 414 -13.22 17.57 36.91
N GLU A 415 -13.54 16.70 37.86
CA GLU A 415 -12.58 16.39 38.92
C GLU A 415 -11.24 15.91 38.35
N ALA A 416 -11.26 15.27 37.17
CA ALA A 416 -10.09 14.64 36.60
C ALA A 416 -8.94 15.60 36.32
N GLN A 417 -9.20 16.92 36.30
CA GLN A 417 -8.11 17.87 36.17
C GLN A 417 -7.02 17.58 37.18
N ALA A 418 -7.39 17.07 38.35
CA ALA A 418 -6.40 16.66 39.35
C ALA A 418 -5.46 15.58 38.81
N PHE A 419 -5.96 14.68 37.94
CA PHE A 419 -5.16 13.53 37.50
C PHE A 419 -5.12 13.38 35.99
N GLN A 420 -5.12 14.50 35.24
CA GLN A 420 -4.92 14.41 33.81
C GLN A 420 -3.49 13.99 33.45
N GLU A 421 -2.55 14.15 34.38
CA GLU A 421 -1.20 13.62 34.23
C GLU A 421 -1.17 12.12 33.99
N VAL A 422 -2.30 11.43 34.15
CA VAL A 422 -2.28 9.97 34.12
C VAL A 422 -3.54 9.48 33.39
N ALA A 423 -4.57 10.32 33.35
CA ALA A 423 -5.78 9.91 32.65
C ALA A 423 -6.62 11.12 32.22
N ALA A 424 -6.10 11.90 31.28
CA ALA A 424 -6.93 12.91 30.62
C ALA A 424 -7.88 12.31 29.60
N GLY A 425 -7.64 11.06 29.22
CA GLY A 425 -8.53 10.34 28.33
C GLY A 425 -9.06 9.09 29.00
N LEU A 426 -10.25 8.67 28.57
CA LEU A 426 -10.94 7.58 29.22
C LEU A 426 -11.74 6.85 28.16
N MET A 427 -11.35 5.60 27.92
CA MET A 427 -12.15 4.60 27.21
C MET A 427 -12.73 3.64 28.25
N ALA A 428 -14.05 3.50 28.26
CA ALA A 428 -14.74 2.79 29.34
C ALA A 428 -16.06 2.23 28.83
N PHE A 429 -16.49 1.13 29.44
CA PHE A 429 -17.85 0.66 29.26
C PHE A 429 -18.33 -0.01 30.55
N SER A 430 -19.63 -0.27 30.62
CA SER A 430 -20.20 -1.15 31.63
C SER A 430 -20.47 -2.53 31.04
N MET A 431 -20.47 -3.54 31.89
CA MET A 431 -20.68 -4.91 31.43
C MET A 431 -22.15 -5.35 31.46
N SER A 432 -22.91 -4.92 32.47
CA SER A 432 -24.30 -5.35 32.62
C SER A 432 -25.20 -4.13 32.63
N ARG A 433 -26.50 -4.38 32.42
CA ARG A 433 -27.54 -3.35 32.55
C ARG A 433 -27.60 -2.80 33.96
N GLY A 434 -27.19 -3.57 34.96
CA GLY A 434 -27.18 -3.01 36.29
C GLY A 434 -26.16 -1.90 36.46
N ARG A 435 -25.16 -1.87 35.59
CA ARG A 435 -24.20 -0.78 35.52
C ARG A 435 -23.36 -0.65 36.78
N ASN A 436 -23.04 -1.77 37.42
CA ASN A 436 -22.14 -1.76 38.55
C ASN A 436 -20.74 -2.15 38.17
N ASN A 437 -20.57 -2.71 36.97
CA ASN A 437 -19.31 -3.30 36.53
C ASN A 437 -18.82 -2.57 35.28
N PHE A 438 -17.53 -2.26 35.26
CA PHE A 438 -16.95 -1.39 34.25
C PHE A 438 -15.55 -1.85 33.87
N VAL A 439 -15.17 -1.53 32.65
CA VAL A 439 -13.80 -1.66 32.21
C VAL A 439 -13.35 -0.28 31.76
N LEU A 440 -12.29 0.21 32.39
CA LEU A 440 -11.74 1.55 32.14
C LEU A 440 -10.33 1.43 31.60
N TRP A 441 -10.04 2.17 30.55
CA TRP A 441 -8.67 2.36 30.07
C TRP A 441 -8.29 3.83 30.19
N PHE A 442 -7.07 4.10 30.64
CA PHE A 442 -6.59 5.48 30.76
C PHE A 442 -5.44 5.76 29.82
N ARG A 443 -5.39 7.01 29.35
CA ARG A 443 -4.31 7.60 28.60
C ARG A 443 -3.93 8.90 29.29
N PRO A 444 -2.63 9.17 29.43
CA PRO A 444 -2.18 10.41 30.08
C PRO A 444 -2.39 11.62 29.18
N GLU A 445 -2.31 12.78 29.80
CA GLU A 445 -2.24 14.00 29.00
C GLU A 445 -1.05 13.96 28.04
N ALA A 446 -1.25 14.55 26.87
CA ALA A 446 -0.20 14.73 25.87
C ALA A 446 -0.26 16.17 25.37
N VAL A 447 0.88 16.87 25.47
CA VAL A 447 0.90 18.33 25.32
C VAL A 447 0.33 18.74 23.97
N GLN A 448 0.82 18.15 22.87
CA GLN A 448 0.20 18.36 21.56
C GLN A 448 0.23 19.81 21.07
N THR A 449 0.62 20.01 19.83
CA THR A 449 0.64 21.34 19.26
C THR A 449 0.00 21.29 17.89
N VAL A 450 -0.78 22.32 17.58
CA VAL A 450 -1.67 22.31 16.42
C VAL A 450 -1.30 23.48 15.51
N ASN A 451 -0.89 23.17 14.28
CA ASN A 451 -0.39 24.21 13.36
C ASN A 451 -1.53 24.88 12.64
N TRP A 452 -1.92 26.07 13.12
CA TRP A 452 -2.95 26.87 12.47
C TRP A 452 -2.36 27.70 11.32
N SER A 453 -3.25 28.38 10.60
CA SER A 453 -2.90 29.20 9.44
C SER A 453 -3.04 30.67 9.78
N GLY A 454 -2.16 31.11 10.69
CA GLY A 454 -2.28 32.42 11.32
C GLY A 454 -3.36 32.46 12.38
N ASN A 455 -3.04 33.04 13.54
CA ASN A 455 -3.87 33.10 14.74
C ASN A 455 -5.36 33.06 14.40
N PRO A 456 -6.03 31.94 14.68
CA PRO A 456 -7.46 31.82 14.44
C PRO A 456 -8.34 32.55 15.45
N THR A 457 -7.78 33.32 16.38
CA THR A 457 -8.62 34.08 17.29
C THR A 457 -9.22 35.28 16.57
N LYS A 458 -8.44 35.90 15.68
CA LYS A 458 -8.92 36.97 14.80
C LYS A 458 -9.95 36.44 13.81
N ALA A 459 -9.80 36.80 12.52
CA ALA A 459 -10.74 36.45 11.47
C ALA A 459 -12.13 37.05 11.74
N VAL A 460 -12.63 36.95 12.97
CA VAL A 460 -13.78 37.75 13.42
C VAL A 460 -13.33 39.20 13.51
N GLU A 461 -13.31 39.89 12.37
CA GLU A 461 -12.56 41.13 12.19
C GLU A 461 -13.46 42.23 11.65
N PHE A 462 -13.12 43.48 11.99
CA PHE A 462 -13.89 44.66 11.66
C PHE A 462 -13.07 45.61 10.80
N ASP A 463 -13.74 46.62 10.25
CA ASP A 463 -13.15 47.50 9.25
C ASP A 463 -12.20 48.53 9.84
N GLN A 464 -12.69 49.76 9.97
CA GLN A 464 -11.88 50.92 10.38
C GLN A 464 -11.39 50.99 11.86
N GLY A 465 -12.14 50.53 12.88
CA GLY A 465 -13.29 49.65 12.81
C GLY A 465 -14.71 50.18 12.66
N GLY A 466 -15.03 50.68 11.46
CA GLY A 466 -16.40 50.85 11.04
C GLY A 466 -17.05 49.49 10.91
N PRO A 467 -18.41 49.47 10.72
CA PRO A 467 -19.17 48.21 10.77
C PRO A 467 -19.12 47.43 9.45
N ARG A 468 -17.90 47.11 9.00
CA ARG A 468 -17.66 46.23 7.86
C ARG A 468 -16.79 45.07 8.32
N LEU A 469 -16.71 44.03 7.48
CA LEU A 469 -15.99 42.80 7.81
C LEU A 469 -14.81 42.59 6.86
N HIS A 470 -13.82 41.85 7.35
CA HIS A 470 -12.52 41.77 6.68
C HIS A 470 -11.78 40.53 7.15
N PRO A 471 -11.00 39.89 6.28
CA PRO A 471 -10.32 38.66 6.68
C PRO A 471 -8.88 38.90 7.07
N ARG A 472 -8.24 37.89 7.65
CA ARG A 472 -6.95 38.11 8.24
C ARG A 472 -5.93 38.45 7.18
N LYS A 473 -4.76 38.87 7.63
CA LYS A 473 -3.71 39.37 6.78
C LYS A 473 -2.55 38.41 6.68
N SER A 474 -2.17 37.80 7.79
CA SER A 474 -1.08 36.84 7.80
C SER A 474 -1.65 35.44 7.76
N PHE A 475 -0.92 34.54 7.12
CA PHE A 475 -1.31 33.14 7.06
C PHE A 475 -0.17 32.25 7.50
N GLU A 476 0.86 32.83 8.13
CA GLU A 476 2.00 32.07 8.60
C GLU A 476 1.57 31.10 9.70
N LEU A 477 2.31 30.01 9.80
CA LEU A 477 2.07 28.97 10.79
C LEU A 477 1.97 29.54 12.21
N TRP A 478 0.79 29.44 12.82
CA TRP A 478 0.58 29.93 14.18
C TRP A 478 0.23 28.75 15.11
N LYS A 479 1.22 28.29 15.87
CA LYS A 479 1.05 27.11 16.73
C LYS A 479 0.22 27.44 17.97
N GLU A 480 -0.78 26.59 18.22
CA GLU A 480 -1.54 26.56 19.48
C GLU A 480 -1.10 25.34 20.27
N THR A 481 -0.83 25.54 21.57
CA THR A 481 -0.40 24.45 22.47
C THR A 481 -1.59 24.08 23.35
N VAL A 482 -2.38 23.11 22.88
CA VAL A 482 -3.59 22.67 23.55
C VAL A 482 -3.21 21.82 24.76
N ARG A 483 -3.92 21.99 25.87
CA ARG A 483 -3.59 21.27 27.09
C ARG A 483 -4.77 20.41 27.50
N GLY A 484 -4.50 19.48 28.40
CA GLY A 484 -5.58 18.68 28.96
C GLY A 484 -6.21 17.69 28.01
N ARG A 485 -5.46 17.18 27.01
CA ARG A 485 -5.93 16.06 26.21
C ARG A 485 -4.87 14.98 26.11
N CYS A 486 -5.34 13.76 25.88
CA CYS A 486 -4.49 12.62 25.54
C CYS A 486 -4.43 12.50 24.03
N LEU A 487 -3.54 11.62 23.57
CA LEU A 487 -3.53 11.32 22.14
C LEU A 487 -4.92 10.85 21.71
N PRO A 488 -5.41 11.31 20.56
CA PRO A 488 -6.77 10.94 20.15
C PRO A 488 -6.95 9.43 20.03
N TRP A 489 -8.17 8.99 20.33
CA TRP A 489 -8.54 7.57 20.33
C TRP A 489 -8.90 7.13 18.93
N LYS A 490 -8.14 6.20 18.37
CA LYS A 490 -8.43 5.70 17.03
C LYS A 490 -9.72 4.87 17.02
N ALA A 491 -10.39 4.84 15.88
CA ALA A 491 -11.67 4.13 15.81
C ALA A 491 -11.51 2.61 15.76
N TYR A 492 -10.39 2.10 15.25
CA TYR A 492 -10.15 0.67 15.46
C TYR A 492 -9.93 0.34 16.94
N GLU A 493 -9.51 1.32 17.74
CA GLU A 493 -9.39 1.06 19.17
C GLU A 493 -10.74 1.07 19.86
N VAL A 494 -11.56 2.08 19.59
CA VAL A 494 -12.95 2.05 20.05
C VAL A 494 -13.64 0.76 19.62
N GLU A 495 -13.41 0.34 18.38
CA GLU A 495 -13.99 -0.91 17.91
C GLU A 495 -13.47 -2.08 18.71
N ALA A 496 -12.19 -2.07 19.06
CA ALA A 496 -11.64 -3.20 19.79
C ALA A 496 -12.26 -3.29 21.19
N ALA A 497 -12.61 -2.14 21.77
CA ALA A 497 -13.26 -2.15 23.06
C ALA A 497 -14.70 -2.66 22.96
N SER A 498 -15.38 -2.32 21.86
CA SER A 498 -16.72 -2.85 21.62
C SER A 498 -16.71 -4.37 21.58
N GLU A 499 -15.77 -4.96 20.83
CA GLU A 499 -15.75 -6.40 20.64
C GLU A 499 -15.32 -7.13 21.91
N LEU A 500 -14.40 -6.55 22.65
CA LEU A 500 -14.04 -7.10 23.96
C LEU A 500 -15.22 -7.04 24.90
N ARG A 501 -15.91 -5.88 24.92
CA ARG A 501 -17.02 -5.69 25.86
C ARG A 501 -18.06 -6.77 25.69
N ARG A 502 -18.45 -7.08 24.47
CA ARG A 502 -19.46 -8.12 24.33
C ARG A 502 -18.84 -9.49 24.53
N SER A 503 -17.55 -9.64 24.24
CA SER A 503 -16.91 -10.90 24.58
C SER A 503 -16.91 -11.12 26.09
N ILE A 504 -16.63 -10.06 26.85
CA ILE A 504 -16.68 -10.15 28.30
C ILE A 504 -18.08 -10.49 28.76
N ILE A 505 -19.11 -9.96 28.06
CA ILE A 505 -20.49 -10.31 28.37
C ILE A 505 -20.72 -11.80 28.17
N ASP A 506 -20.45 -12.29 26.96
CA ASP A 506 -20.66 -13.70 26.64
C ASP A 506 -20.08 -14.63 27.69
N VAL A 507 -18.87 -14.34 28.20
CA VAL A 507 -18.34 -15.23 29.23
C VAL A 507 -18.83 -14.86 30.60
N ALA A 508 -19.27 -13.61 30.81
CA ALA A 508 -19.92 -13.28 32.07
C ALA A 508 -21.18 -14.10 32.24
N LEU A 509 -21.95 -14.27 31.17
CA LEU A 509 -23.15 -15.09 31.23
C LEU A 509 -22.76 -16.53 31.53
N GLN A 510 -22.24 -17.22 30.52
CA GLN A 510 -21.71 -18.58 30.59
C GLN A 510 -21.17 -19.00 31.95
N ARG A 511 -20.53 -18.08 32.68
CA ARG A 511 -20.04 -18.38 34.02
C ARG A 511 -21.19 -18.47 35.02
N SER A 512 -21.74 -17.31 35.38
CA SER A 512 -22.92 -17.27 36.23
C SER A 512 -23.97 -18.23 35.73
N GLU A 513 -24.26 -18.18 34.43
CA GLU A 513 -25.40 -18.91 33.88
C GLU A 513 -25.35 -20.38 34.27
N GLU A 514 -24.17 -20.97 34.26
CA GLU A 514 -24.02 -22.32 34.77
C GLU A 514 -23.22 -22.28 36.08
N LEU A 515 -23.88 -21.72 37.09
CA LEU A 515 -23.56 -21.87 38.50
C LEU A 515 -24.69 -21.26 39.32
N GLN B 11 -17.82 -28.21 3.94
CA GLN B 11 -17.16 -28.10 2.65
C GLN B 11 -17.67 -26.85 1.90
N GLU B 12 -18.80 -26.33 2.37
CA GLU B 12 -19.51 -25.19 1.77
C GLU B 12 -19.97 -25.54 0.35
N VAL B 13 -19.29 -25.06 -0.68
CA VAL B 13 -19.76 -25.37 -2.05
C VAL B 13 -18.66 -25.87 -3.00
N ASP B 14 -18.88 -26.89 -3.86
CA ASP B 14 -20.09 -27.69 -4.29
C ASP B 14 -20.26 -27.46 -5.79
N LEU B 15 -19.34 -27.99 -6.58
CA LEU B 15 -19.29 -27.69 -8.00
C LEU B 15 -19.88 -28.83 -8.83
N THR B 16 -20.03 -28.58 -10.12
CA THR B 16 -20.59 -29.60 -11.01
C THR B 16 -19.66 -29.82 -12.20
N ASN B 17 -20.18 -30.48 -13.25
CA ASN B 17 -19.33 -30.91 -14.36
C ASN B 17 -18.85 -29.72 -15.19
N CYS B 18 -19.71 -28.72 -15.36
CA CYS B 18 -19.29 -27.47 -16.03
C CYS B 18 -18.20 -26.78 -15.26
N ASP B 19 -18.39 -26.62 -13.98
CA ASP B 19 -17.55 -25.79 -13.15
C ASP B 19 -16.10 -26.26 -13.06
N ARG B 20 -15.70 -27.27 -13.86
CA ARG B 20 -14.38 -27.87 -13.75
C ARG B 20 -13.48 -27.58 -14.95
N GLU B 21 -14.05 -27.27 -16.11
CA GLU B 21 -13.25 -27.02 -17.29
C GLU B 21 -12.22 -25.91 -17.03
N PRO B 22 -10.99 -26.03 -17.57
CA PRO B 22 -9.98 -24.99 -17.35
C PRO B 22 -9.89 -24.00 -18.50
N ILE B 23 -10.78 -22.99 -18.50
CA ILE B 23 -10.96 -22.14 -19.66
C ILE B 23 -9.82 -21.17 -19.89
N HIS B 24 -8.78 -21.21 -19.05
CA HIS B 24 -7.77 -20.16 -19.08
C HIS B 24 -6.46 -20.60 -19.72
N ILE B 25 -6.30 -21.86 -20.08
CA ILE B 25 -5.06 -22.26 -20.77
C ILE B 25 -5.33 -23.12 -21.99
N PRO B 26 -6.20 -22.70 -22.93
CA PRO B 26 -6.49 -23.55 -24.08
C PRO B 26 -5.39 -23.60 -25.12
N GLY B 27 -4.25 -22.93 -24.90
CA GLY B 27 -3.17 -22.95 -25.87
C GLY B 27 -3.50 -22.36 -27.22
N ALA B 28 -4.54 -21.53 -27.28
CA ALA B 28 -5.12 -21.12 -28.56
C ALA B 28 -5.81 -19.76 -28.44
N ILE B 29 -5.66 -18.94 -29.48
CA ILE B 29 -6.28 -17.61 -29.48
C ILE B 29 -7.23 -17.46 -30.66
N GLN B 30 -8.15 -16.53 -30.50
CA GLN B 30 -9.01 -16.16 -31.61
C GLN B 30 -8.16 -15.48 -32.67
N PRO B 31 -8.23 -15.91 -33.92
CA PRO B 31 -7.16 -15.65 -34.89
C PRO B 31 -7.28 -14.37 -35.71
N HIS B 32 -8.24 -13.50 -35.43
CA HIS B 32 -8.21 -12.20 -36.09
C HIS B 32 -7.08 -11.33 -35.58
N GLY B 33 -6.42 -11.74 -34.50
CA GLY B 33 -5.28 -11.03 -33.99
C GLY B 33 -4.15 -12.00 -33.72
N VAL B 34 -2.98 -11.44 -33.45
CA VAL B 34 -1.80 -12.23 -33.19
C VAL B 34 -1.35 -11.98 -31.77
N LEU B 35 -1.06 -13.05 -31.04
CA LEU B 35 -0.59 -12.99 -29.67
C LEU B 35 0.87 -13.38 -29.66
N LEU B 36 1.67 -12.59 -28.94
CA LEU B 36 3.09 -12.82 -28.76
C LEU B 36 3.38 -12.71 -27.27
N VAL B 37 4.48 -13.31 -26.84
CA VAL B 37 5.04 -12.97 -25.55
C VAL B 37 6.52 -12.68 -25.75
N LEU B 38 7.00 -11.72 -24.98
CA LEU B 38 8.30 -11.11 -25.20
C LEU B 38 9.12 -11.27 -23.95
N SER B 39 10.37 -11.72 -24.11
CA SER B 39 11.28 -11.80 -22.97
C SER B 39 11.47 -10.41 -22.40
N GLU B 40 11.59 -10.34 -21.07
CA GLU B 40 12.05 -9.10 -20.45
C GLU B 40 13.43 -9.29 -19.87
N PRO B 41 14.39 -8.43 -20.25
CA PRO B 41 14.22 -7.21 -21.06
C PRO B 41 14.46 -7.37 -22.60
N GLY B 42 14.84 -8.55 -23.05
CA GLY B 42 15.24 -8.69 -24.44
C GLY B 42 14.20 -8.23 -25.45
N LEU B 43 12.92 -8.31 -25.09
CA LEU B 43 11.80 -8.20 -26.05
C LEU B 43 11.99 -9.18 -27.19
N VAL B 44 12.53 -10.33 -26.86
CA VAL B 44 12.68 -11.44 -27.79
C VAL B 44 11.42 -12.28 -27.72
N LEU B 45 10.95 -12.74 -28.87
CA LEU B 45 9.67 -13.44 -28.96
C LEU B 45 9.87 -14.89 -28.52
N THR B 46 9.23 -15.28 -27.42
CA THR B 46 9.28 -16.68 -27.03
C THR B 46 8.06 -17.46 -27.50
N HIS B 47 6.88 -16.84 -27.50
CA HIS B 47 5.68 -17.45 -28.02
C HIS B 47 5.11 -16.61 -29.16
N ALA B 48 4.63 -17.28 -30.19
CA ALA B 48 3.88 -16.64 -31.25
C ALA B 48 2.78 -17.60 -31.64
N SER B 49 1.77 -17.08 -32.32
CA SER B 49 0.59 -17.87 -32.64
C SER B 49 0.56 -18.12 -34.13
N GLU B 50 0.21 -19.36 -34.51
CA GLU B 50 0.53 -19.85 -35.85
C GLU B 50 -0.22 -19.11 -36.94
N ASN B 51 -1.17 -18.25 -36.58
CA ASN B 51 -1.79 -17.38 -37.57
C ASN B 51 -0.92 -16.20 -37.94
N ALA B 52 0.33 -16.19 -37.45
CA ALA B 52 1.27 -15.11 -37.75
C ALA B 52 1.47 -14.83 -39.24
N PRO B 53 1.57 -15.83 -40.13
CA PRO B 53 1.72 -15.46 -41.55
C PRO B 53 0.48 -14.80 -42.12
N ALA B 54 -0.71 -15.21 -41.67
CA ALA B 54 -1.93 -14.60 -42.20
C ALA B 54 -2.05 -13.12 -41.81
N VAL B 55 -1.52 -12.73 -40.65
CA VAL B 55 -1.78 -11.42 -40.09
C VAL B 55 -0.54 -10.53 -40.15
N LEU B 56 0.61 -11.05 -39.73
CA LEU B 56 1.82 -10.25 -39.75
C LEU B 56 2.65 -10.48 -40.99
N GLY B 57 2.43 -11.59 -41.69
CA GLY B 57 3.22 -11.92 -42.87
C GLY B 57 4.52 -12.61 -42.58
N ASN B 58 4.62 -13.32 -41.46
CA ASN B 58 5.83 -14.05 -41.14
C ASN B 58 5.42 -15.42 -40.64
N SER B 59 6.28 -16.40 -40.87
CA SER B 59 6.09 -17.66 -40.19
C SER B 59 6.20 -17.46 -38.69
N ALA B 60 5.76 -18.48 -37.94
CA ALA B 60 6.14 -18.55 -36.53
C ALA B 60 7.63 -18.80 -36.40
N GLU B 61 8.13 -19.88 -37.01
CA GLU B 61 9.56 -20.17 -37.15
C GLU B 61 10.43 -18.91 -37.18
N GLN B 62 10.15 -17.98 -38.11
CA GLN B 62 10.94 -16.75 -38.24
C GLN B 62 11.01 -15.97 -36.93
N LEU B 63 9.89 -15.94 -36.20
CA LEU B 63 9.75 -15.00 -35.10
C LEU B 63 10.43 -15.50 -33.84
N LEU B 64 10.35 -16.79 -33.57
CA LEU B 64 10.80 -17.33 -32.29
C LEU B 64 12.31 -17.17 -32.13
N GLY B 65 12.71 -16.71 -30.96
CA GLY B 65 14.10 -16.42 -30.67
C GLY B 65 14.59 -15.13 -31.29
N ALA B 66 13.77 -14.49 -32.05
CA ALA B 66 14.07 -13.20 -32.63
C ALA B 66 13.57 -12.08 -31.74
N PRO B 67 14.15 -10.93 -31.82
CA PRO B 67 13.79 -9.85 -30.90
C PRO B 67 12.89 -8.82 -31.56
N LEU B 68 11.91 -8.29 -30.82
CA LEU B 68 10.79 -7.59 -31.44
C LEU B 68 11.27 -6.45 -32.33
N GLY B 69 12.31 -5.74 -31.90
CA GLY B 69 12.79 -4.61 -32.65
C GLY B 69 13.15 -4.94 -34.08
N HIS B 70 13.49 -6.21 -34.34
CA HIS B 70 13.83 -6.63 -35.70
C HIS B 70 12.64 -6.48 -36.63
N PHE B 71 11.45 -6.59 -36.10
CA PHE B 71 10.30 -6.63 -36.98
C PHE B 71 9.65 -5.27 -37.20
N ILE B 72 9.97 -4.30 -36.40
CA ILE B 72 9.18 -3.09 -36.34
C ILE B 72 9.86 -1.98 -37.12
N GLU B 73 9.05 -1.19 -37.80
CA GLU B 73 9.51 -0.11 -38.65
C GLU B 73 10.39 0.82 -37.82
N PRO B 74 11.61 1.13 -38.29
CA PRO B 74 12.67 1.55 -37.35
C PRO B 74 12.37 2.80 -36.54
N SER B 75 11.47 3.67 -36.97
CA SER B 75 11.29 4.93 -36.25
C SER B 75 10.29 4.84 -35.11
N VAL B 76 9.56 3.73 -34.97
CA VAL B 76 8.64 3.54 -33.86
C VAL B 76 9.17 2.50 -32.88
N ARG B 77 10.38 2.01 -33.10
CA ARG B 77 11.01 1.12 -32.14
C ARG B 77 11.14 1.77 -30.77
N GLU B 78 11.63 3.01 -30.72
CA GLU B 78 11.86 3.63 -29.40
C GLU B 78 10.59 3.76 -28.57
N PRO B 79 9.47 4.29 -29.08
CA PRO B 79 8.29 4.42 -28.19
C PRO B 79 7.67 3.08 -27.82
N LEU B 80 7.71 2.11 -28.74
CA LEU B 80 7.15 0.80 -28.43
C LEU B 80 7.95 0.10 -27.35
N GLU B 81 9.27 0.02 -27.53
CA GLU B 81 10.11 -0.67 -26.57
C GLU B 81 10.09 0.01 -25.22
N ALA B 82 10.29 1.33 -25.19
CA ALA B 82 10.16 2.08 -23.95
C ALA B 82 8.89 1.68 -23.19
N ASP B 83 7.74 1.73 -23.87
CA ASP B 83 6.49 1.38 -23.20
C ASP B 83 6.47 -0.08 -22.75
N LEU B 84 6.92 -1.01 -23.59
CA LEU B 84 6.84 -2.43 -23.23
C LEU B 84 7.57 -2.73 -21.92
N ARG B 85 8.56 -1.93 -21.56
CA ARG B 85 9.24 -2.13 -20.28
C ARG B 85 8.74 -1.19 -19.20
N SER B 86 7.93 -0.21 -19.56
CA SER B 86 7.28 0.61 -18.56
C SER B 86 6.44 -0.26 -17.64
N ALA B 87 6.47 0.05 -16.35
CA ALA B 87 5.62 -0.66 -15.41
C ALA B 87 4.23 -0.05 -15.30
N ARG B 88 4.03 1.15 -15.86
CA ARG B 88 2.71 1.78 -15.96
C ARG B 88 2.01 1.40 -17.26
N LEU B 89 2.06 0.13 -17.63
CA LEU B 89 1.73 -0.31 -18.97
C LEU B 89 0.22 -0.40 -19.21
N LYS B 90 -0.53 -0.94 -18.25
CA LYS B 90 -1.97 -1.04 -18.43
C LYS B 90 -2.59 0.30 -18.79
N GLN B 91 -2.01 1.39 -18.30
CA GLN B 91 -2.48 2.70 -18.71
C GLN B 91 -2.03 3.04 -20.13
N LEU B 92 -1.09 2.30 -20.70
CA LEU B 92 -0.57 2.71 -22.00
C LEU B 92 -1.27 2.07 -23.19
N ASN B 93 -2.09 1.04 -22.97
CA ASN B 93 -2.84 0.43 -24.06
C ASN B 93 -3.87 1.38 -24.66
N PRO B 94 -4.06 1.34 -25.98
CA PRO B 94 -3.34 0.51 -26.94
C PRO B 94 -1.99 1.09 -27.38
N LEU B 95 -1.05 0.21 -27.63
CA LEU B 95 0.21 0.61 -28.22
C LEU B 95 0.07 0.72 -29.72
N LYS B 96 0.67 1.76 -30.30
CA LYS B 96 0.72 1.86 -31.76
C LYS B 96 1.82 0.95 -32.26
N VAL B 97 1.47 0.04 -33.15
CA VAL B 97 2.38 -1.00 -33.62
C VAL B 97 2.37 -0.93 -35.14
N VAL B 98 3.50 -0.55 -35.72
CA VAL B 98 3.72 -0.64 -37.16
C VAL B 98 4.69 -1.79 -37.39
N TRP B 99 4.27 -2.78 -38.15
CA TRP B 99 5.09 -3.94 -38.44
C TRP B 99 5.49 -3.89 -39.91
N ARG B 100 6.79 -3.88 -40.15
CA ARG B 100 7.34 -3.78 -41.49
C ARG B 100 7.93 -5.11 -41.94
N VAL B 101 7.32 -5.73 -42.95
CA VAL B 101 7.94 -6.84 -43.68
C VAL B 101 8.42 -6.30 -45.03
N ASP B 102 9.65 -6.66 -45.40
CA ASP B 102 10.29 -6.15 -46.60
C ASP B 102 10.44 -4.63 -46.49
N GLY B 103 9.53 -3.89 -47.11
CA GLY B 103 9.58 -2.46 -46.99
C GLY B 103 8.25 -1.86 -46.61
N VAL B 104 7.20 -2.67 -46.54
CA VAL B 104 5.85 -2.17 -46.40
C VAL B 104 5.32 -2.36 -44.97
N ASP B 105 4.44 -1.45 -44.58
CA ASP B 105 3.97 -1.28 -43.21
C ASP B 105 2.57 -1.81 -43.00
N ARG B 106 2.34 -2.33 -41.79
CA ARG B 106 1.00 -2.61 -41.31
C ARG B 106 0.89 -2.16 -39.87
N PHE B 107 -0.34 -1.99 -39.42
CA PHE B 107 -0.65 -1.18 -38.26
C PHE B 107 -1.56 -1.96 -37.32
N PHE B 108 -1.28 -1.91 -36.02
CA PHE B 108 -1.97 -2.74 -35.05
C PHE B 108 -2.23 -1.98 -33.76
N ASP B 109 -3.35 -2.29 -33.14
CA ASP B 109 -3.51 -2.05 -31.70
C ASP B 109 -2.68 -3.10 -30.97
N GLY B 110 -1.65 -2.66 -30.26
CA GLY B 110 -0.93 -3.52 -29.37
C GLY B 110 -1.59 -3.43 -28.01
N ILE B 111 -1.93 -4.57 -27.43
CA ILE B 111 -2.46 -4.59 -26.08
C ILE B 111 -1.56 -5.48 -25.26
N ALA B 112 -0.75 -4.87 -24.41
CA ALA B 112 0.25 -5.59 -23.63
C ALA B 112 -0.20 -5.75 -22.18
N HIS B 113 0.19 -6.85 -21.59
CA HIS B 113 -0.08 -7.07 -20.19
C HIS B 113 0.90 -8.10 -19.67
N ARG B 114 0.97 -8.19 -18.34
CA ARG B 114 1.84 -9.13 -17.65
C ARG B 114 0.97 -9.97 -16.73
N HIS B 115 1.17 -11.28 -16.76
CA HIS B 115 0.48 -12.13 -15.82
C HIS B 115 1.34 -13.37 -15.66
N GLN B 116 1.41 -13.89 -14.42
CA GLN B 116 2.29 -15.00 -14.06
C GLN B 116 3.66 -14.90 -14.75
N GLY B 117 4.31 -13.75 -14.60
CA GLY B 117 5.65 -13.57 -15.10
C GLY B 117 5.81 -13.58 -16.61
N ARG B 118 4.74 -13.38 -17.37
CA ARG B 118 4.86 -13.31 -18.83
C ARG B 118 4.44 -11.94 -19.34
N LEU B 119 5.17 -11.44 -20.34
CA LEU B 119 4.87 -10.17 -20.98
C LEU B 119 4.17 -10.51 -22.29
N ILE B 120 2.86 -10.35 -22.30
CA ILE B 120 2.04 -10.80 -23.40
C ILE B 120 1.65 -9.59 -24.22
N LEU B 121 1.75 -9.72 -25.54
CA LEU B 121 1.44 -8.63 -26.45
C LEU B 121 0.50 -9.16 -27.51
N GLU B 122 -0.68 -8.59 -27.60
CA GLU B 122 -1.61 -9.01 -28.63
C GLU B 122 -1.75 -7.89 -29.65
N LEU B 123 -1.91 -8.28 -30.91
CA LEU B 123 -1.92 -7.34 -32.02
C LEU B 123 -3.25 -7.46 -32.74
N GLU B 124 -3.97 -6.36 -32.80
CA GLU B 124 -5.22 -6.36 -33.55
C GLU B 124 -5.07 -5.50 -34.77
N PRO B 125 -5.37 -6.04 -35.95
CA PRO B 125 -5.32 -5.25 -37.18
C PRO B 125 -6.14 -4.00 -37.00
N SER B 126 -5.55 -2.83 -37.23
CA SER B 126 -6.21 -1.59 -36.88
C SER B 126 -6.45 -0.65 -38.05
N SER B 127 -5.98 -0.99 -39.26
CA SER B 127 -6.16 -0.11 -40.41
C SER B 127 -7.50 -0.37 -41.11
N HIS B 128 -7.54 -1.30 -42.08
CA HIS B 128 -8.82 -1.70 -42.69
C HIS B 128 -9.76 -2.19 -41.59
N ARG B 129 -10.58 -1.29 -41.06
CA ARG B 129 -11.30 -1.55 -39.82
C ARG B 129 -12.78 -1.27 -39.93
N GLU B 130 -13.52 -1.83 -38.97
CA GLU B 130 -14.88 -1.42 -38.70
C GLU B 130 -14.89 0.07 -38.36
N ALA B 131 -14.28 0.41 -37.22
CA ALA B 131 -14.12 1.79 -36.77
C ALA B 131 -15.46 2.45 -36.42
N VAL B 132 -15.41 3.48 -35.57
CA VAL B 132 -16.62 4.22 -35.19
C VAL B 132 -16.29 5.71 -35.29
N PRO B 133 -17.22 6.57 -35.71
CA PRO B 133 -16.90 7.99 -35.78
C PRO B 133 -16.61 8.54 -34.40
N PHE B 134 -15.60 9.42 -34.33
CA PHE B 134 -15.24 10.04 -33.07
C PHE B 134 -16.44 10.67 -32.38
N LEU B 135 -17.40 11.17 -33.15
CA LEU B 135 -18.49 11.94 -32.58
C LEU B 135 -19.37 11.06 -31.70
N SER B 136 -19.72 9.89 -32.17
CA SER B 136 -20.50 9.01 -31.32
C SER B 136 -19.62 8.33 -30.28
N PHE B 137 -18.30 8.30 -30.47
CA PHE B 137 -17.44 7.91 -29.36
C PHE B 137 -17.44 8.97 -28.29
N PHE B 138 -17.61 10.22 -28.69
CA PHE B 138 -17.58 11.36 -27.79
C PHE B 138 -18.85 11.46 -26.99
N HIS B 139 -19.99 11.27 -27.65
CA HIS B 139 -21.24 11.38 -26.91
C HIS B 139 -21.43 10.19 -25.98
N ALA B 140 -20.91 9.01 -26.35
CA ALA B 140 -21.17 7.84 -25.52
C ALA B 140 -20.45 7.94 -24.19
N VAL B 141 -19.20 8.44 -24.17
CA VAL B 141 -18.55 8.53 -22.88
C VAL B 141 -18.84 9.87 -22.20
N ARG B 142 -19.03 10.95 -22.94
CA ARG B 142 -19.35 12.20 -22.26
C ARG B 142 -20.80 12.23 -21.78
N ASP B 143 -21.75 11.93 -22.66
CA ASP B 143 -23.16 11.89 -22.25
C ASP B 143 -23.47 10.64 -21.44
N GLY B 144 -22.83 9.52 -21.78
CA GLY B 144 -22.85 8.32 -20.96
C GLY B 144 -22.58 8.65 -19.52
N LEU B 145 -21.40 9.19 -19.24
CA LEU B 145 -21.08 9.64 -17.89
C LEU B 145 -22.21 10.49 -17.31
N SER B 146 -22.68 11.46 -18.09
CA SER B 146 -23.69 12.37 -17.57
C SER B 146 -24.98 11.64 -17.23
N ARG B 147 -25.35 10.66 -18.05
CA ARG B 147 -26.59 9.92 -17.85
C ARG B 147 -26.54 9.08 -16.59
N LEU B 148 -25.52 8.24 -16.45
CA LEU B 148 -25.42 7.41 -15.25
C LEU B 148 -25.38 8.27 -14.01
N ARG B 149 -24.67 9.41 -14.08
CA ARG B 149 -24.62 10.29 -12.91
C ARG B 149 -25.98 10.85 -12.55
N ASP B 150 -26.81 11.17 -13.54
CA ASP B 150 -28.12 11.76 -13.31
C ASP B 150 -29.22 10.75 -13.01
N ALA B 151 -28.93 9.45 -13.09
CA ALA B 151 -29.94 8.42 -12.89
C ALA B 151 -30.65 8.58 -11.53
N ARG B 152 -31.97 8.49 -11.53
CA ARG B 152 -32.69 8.65 -10.27
C ARG B 152 -32.91 7.35 -9.52
N ASP B 153 -32.92 6.22 -10.23
CA ASP B 153 -33.11 4.91 -9.61
C ASP B 153 -32.26 3.89 -10.36
N LEU B 154 -32.31 2.65 -9.90
CA LEU B 154 -31.58 1.58 -10.55
C LEU B 154 -32.06 1.35 -11.99
N GLN B 155 -33.34 1.55 -12.28
CA GLN B 155 -33.83 1.19 -13.60
C GLN B 155 -33.43 2.23 -14.63
N GLU B 156 -33.33 3.51 -14.23
CA GLU B 156 -32.73 4.50 -15.09
C GLU B 156 -31.25 4.24 -15.29
N LEU B 157 -30.55 3.86 -14.23
CA LEU B 157 -29.13 3.56 -14.35
C LEU B 157 -28.89 2.46 -15.37
N CYS B 158 -29.66 1.38 -15.27
CA CYS B 158 -29.54 0.26 -16.20
C CYS B 158 -29.89 0.67 -17.63
N GLU B 159 -31.00 1.38 -17.80
CA GLU B 159 -31.47 1.59 -19.18
C GLU B 159 -30.59 2.62 -19.85
N ALA B 160 -29.96 3.48 -19.06
CA ALA B 160 -28.96 4.40 -19.61
C ALA B 160 -27.79 3.62 -20.15
N VAL B 161 -27.30 2.64 -19.37
CA VAL B 161 -26.13 1.88 -19.80
C VAL B 161 -26.39 1.16 -21.11
N VAL B 162 -27.47 0.38 -21.19
CA VAL B 162 -27.65 -0.40 -22.42
C VAL B 162 -27.93 0.49 -23.62
N GLN B 163 -28.72 1.55 -23.45
CA GLN B 163 -28.98 2.43 -24.57
C GLN B 163 -27.67 3.03 -25.08
N GLU B 164 -26.77 3.38 -24.15
CA GLU B 164 -25.48 3.97 -24.52
C GLU B 164 -24.53 2.96 -25.15
N VAL B 165 -24.46 1.73 -24.62
CA VAL B 165 -23.57 0.71 -25.18
C VAL B 165 -24.03 0.34 -26.57
N ARG B 166 -25.34 0.11 -26.71
CA ARG B 166 -25.86 -0.23 -28.02
C ARG B 166 -25.50 0.86 -29.02
N GLY B 167 -25.88 2.10 -28.71
CA GLY B 167 -25.59 3.20 -29.60
C GLY B 167 -24.12 3.23 -30.02
N LEU B 168 -23.21 3.10 -29.05
CA LEU B 168 -21.80 3.19 -29.39
C LEU B 168 -21.34 1.96 -30.15
N THR B 169 -21.80 0.79 -29.75
CA THR B 169 -21.39 -0.38 -30.51
C THR B 169 -22.27 -0.70 -31.72
N GLY B 170 -23.51 -0.23 -31.78
CA GLY B 170 -24.42 -0.74 -32.80
C GLY B 170 -24.63 -2.24 -32.72
N PHE B 171 -24.60 -2.81 -31.53
CA PHE B 171 -24.96 -4.21 -31.38
C PHE B 171 -26.46 -4.35 -31.56
N ASP B 172 -26.90 -5.55 -31.98
CA ASP B 172 -28.33 -5.80 -32.15
C ASP B 172 -29.06 -5.81 -30.81
N ARG B 173 -28.41 -6.34 -29.76
CA ARG B 173 -28.97 -6.46 -28.42
C ARG B 173 -27.93 -6.07 -27.39
N ALA B 174 -28.38 -5.40 -26.32
CA ALA B 174 -27.53 -5.14 -25.16
C ALA B 174 -28.39 -5.19 -23.91
N ILE B 175 -27.99 -6.00 -22.92
CA ILE B 175 -28.81 -6.19 -21.73
C ILE B 175 -27.98 -6.02 -20.47
N ILE B 176 -28.65 -5.64 -19.40
CA ILE B 176 -28.11 -5.78 -18.05
C ILE B 176 -28.63 -7.09 -17.47
N TYR B 177 -27.71 -7.92 -17.00
CA TYR B 177 -28.02 -9.24 -16.48
C TYR B 177 -27.61 -9.26 -15.03
N ARG B 178 -28.56 -9.51 -14.12
CA ARG B 178 -28.25 -9.45 -12.70
C ARG B 178 -28.31 -10.82 -12.05
N PHE B 179 -27.20 -11.23 -11.43
CA PHE B 179 -27.12 -12.47 -10.69
C PHE B 179 -27.98 -12.40 -9.44
N ASP B 180 -28.26 -13.57 -8.86
CA ASP B 180 -28.98 -13.65 -7.58
C ASP B 180 -28.13 -14.48 -6.61
N ALA B 181 -28.65 -14.66 -5.40
CA ALA B 181 -27.84 -15.27 -4.34
C ALA B 181 -27.37 -16.67 -4.70
N GLU B 182 -28.09 -17.38 -5.58
CA GLU B 182 -27.70 -18.70 -6.04
C GLU B 182 -27.03 -18.68 -7.42
N TRP B 183 -26.78 -17.49 -7.96
CA TRP B 183 -26.12 -17.23 -9.25
C TRP B 183 -27.00 -17.58 -10.44
N ASN B 184 -28.28 -17.80 -10.24
CA ASN B 184 -29.20 -17.55 -11.33
C ASN B 184 -29.08 -16.10 -11.75
N GLY B 185 -29.53 -15.82 -12.98
CA GLY B 185 -29.44 -14.49 -13.52
C GLY B 185 -30.78 -14.08 -14.09
N SER B 186 -30.88 -12.80 -14.43
CA SER B 186 -32.14 -12.31 -14.95
C SER B 186 -31.91 -11.01 -15.70
N VAL B 187 -32.37 -10.96 -16.96
CA VAL B 187 -32.24 -9.78 -17.81
C VAL B 187 -33.20 -8.71 -17.33
N ILE B 188 -32.67 -7.77 -16.53
CA ILE B 188 -33.50 -6.70 -15.95
C ILE B 188 -33.49 -5.42 -16.76
N ALA B 189 -32.80 -5.37 -17.89
CA ALA B 189 -32.86 -4.20 -18.75
C ALA B 189 -32.27 -4.57 -20.10
N GLU B 190 -32.72 -3.88 -21.13
CA GLU B 190 -32.44 -4.28 -22.49
C GLU B 190 -32.71 -3.10 -23.40
N ALA B 191 -31.87 -3.00 -24.41
CA ALA B 191 -32.00 -2.11 -25.55
C ALA B 191 -31.62 -2.97 -26.75
N ARG B 192 -32.42 -2.91 -27.80
CA ARG B 192 -32.21 -3.82 -28.93
C ARG B 192 -32.76 -3.19 -30.21
N ASP B 193 -32.35 -3.77 -31.32
CA ASP B 193 -32.99 -3.56 -32.59
C ASP B 193 -34.15 -4.55 -32.74
N ALA B 194 -35.17 -4.15 -33.52
CA ALA B 194 -36.44 -4.88 -33.55
C ALA B 194 -36.27 -6.31 -34.07
N ARG B 195 -35.25 -6.54 -34.89
CA ARG B 195 -34.85 -7.87 -35.28
C ARG B 195 -34.86 -8.82 -34.09
N ALA B 196 -33.83 -8.75 -33.24
CA ALA B 196 -33.59 -9.73 -32.19
C ALA B 196 -34.79 -9.89 -31.26
N ASP B 197 -34.97 -11.12 -30.78
CA ASP B 197 -36.03 -11.42 -29.83
C ASP B 197 -35.70 -10.81 -28.47
N PRO B 198 -36.67 -10.28 -27.75
CA PRO B 198 -36.36 -9.66 -26.47
C PRO B 198 -36.21 -10.73 -25.39
N TYR B 199 -35.11 -10.66 -24.64
CA TYR B 199 -34.92 -11.51 -23.49
C TYR B 199 -35.32 -10.82 -22.20
N LEU B 200 -35.80 -9.59 -22.29
CA LEU B 200 -36.21 -8.84 -21.11
C LEU B 200 -37.17 -9.63 -20.25
N GLY B 201 -36.78 -9.87 -19.01
CA GLY B 201 -37.58 -10.57 -18.07
C GLY B 201 -37.12 -11.98 -17.81
N LEU B 202 -36.42 -12.61 -18.75
CA LEU B 202 -36.09 -14.01 -18.61
C LEU B 202 -35.11 -14.25 -17.47
N HIS B 203 -35.24 -15.42 -16.84
CA HIS B 203 -34.22 -15.94 -15.94
C HIS B 203 -33.40 -17.02 -16.61
N PHE B 204 -32.13 -17.07 -16.24
CA PHE B 204 -31.28 -18.12 -16.77
C PHE B 204 -30.67 -18.92 -15.63
N PRO B 205 -30.39 -20.20 -15.86
CA PRO B 205 -29.79 -21.00 -14.81
C PRO B 205 -28.37 -20.53 -14.51
N ALA B 206 -27.98 -20.71 -13.25
CA ALA B 206 -26.59 -20.44 -12.84
C ALA B 206 -25.56 -21.17 -13.71
N SER B 207 -25.95 -22.16 -14.49
CA SER B 207 -24.96 -22.92 -15.25
C SER B 207 -24.59 -22.29 -16.59
N ASP B 208 -25.25 -21.23 -17.02
CA ASP B 208 -24.87 -20.63 -18.30
C ASP B 208 -23.56 -19.89 -18.16
N ILE B 209 -23.28 -19.41 -16.97
CA ILE B 209 -21.99 -18.83 -16.65
C ILE B 209 -21.47 -19.61 -15.45
N PRO B 210 -20.83 -20.74 -15.71
CA PRO B 210 -20.32 -21.59 -14.62
C PRO B 210 -19.22 -20.93 -13.80
N ARG B 211 -18.90 -21.63 -12.69
CA ARG B 211 -18.15 -21.07 -11.57
C ARG B 211 -16.76 -20.59 -11.98
N GLN B 212 -16.09 -21.30 -12.89
CA GLN B 212 -14.73 -20.90 -13.25
C GLN B 212 -14.73 -19.69 -14.17
N ALA B 213 -15.68 -19.63 -15.11
CA ALA B 213 -16.00 -18.40 -15.82
C ALA B 213 -16.24 -17.25 -14.85
N ARG B 214 -17.18 -17.44 -13.92
CA ARG B 214 -17.57 -16.35 -13.03
C ARG B 214 -16.37 -15.80 -12.28
N GLU B 215 -15.52 -16.68 -11.78
CA GLU B 215 -14.39 -16.21 -11.01
C GLU B 215 -13.42 -15.48 -11.92
N LEU B 216 -13.24 -15.97 -13.15
CA LEU B 216 -12.42 -15.25 -14.12
C LEU B 216 -12.95 -13.83 -14.33
N TYR B 217 -14.21 -13.71 -14.68
CA TYR B 217 -14.76 -12.40 -14.95
C TYR B 217 -14.78 -11.49 -13.71
N GLN B 218 -14.52 -11.99 -12.51
CA GLN B 218 -14.31 -11.07 -11.40
C GLN B 218 -12.95 -10.38 -11.51
N LEU B 219 -11.98 -11.04 -12.14
CA LEU B 219 -10.61 -10.56 -12.28
C LEU B 219 -10.41 -9.81 -13.60
N ASN B 220 -10.90 -10.38 -14.67
CA ASN B 220 -10.88 -9.76 -15.97
C ASN B 220 -12.28 -9.24 -16.28
N TRP B 221 -12.40 -8.00 -16.71
CA TRP B 221 -13.72 -7.39 -16.73
C TRP B 221 -14.29 -7.24 -18.12
N LEU B 222 -13.58 -7.70 -19.15
CA LEU B 222 -13.94 -7.37 -20.51
C LEU B 222 -13.66 -8.57 -21.40
N ARG B 223 -14.65 -8.95 -22.22
CA ARG B 223 -14.47 -10.02 -23.19
C ARG B 223 -15.32 -9.75 -24.42
N ILE B 224 -14.81 -10.12 -25.57
CA ILE B 224 -15.54 -10.03 -26.84
C ILE B 224 -15.25 -11.29 -27.63
N ILE B 225 -16.29 -11.86 -28.24
CA ILE B 225 -16.15 -12.95 -29.22
C ILE B 225 -16.57 -12.39 -30.57
N PRO B 226 -15.65 -12.01 -31.47
CA PRO B 226 -16.08 -11.25 -32.66
C PRO B 226 -16.82 -12.11 -33.66
N THR B 227 -16.43 -13.37 -33.80
CA THR B 227 -17.28 -14.33 -34.48
C THR B 227 -17.20 -15.65 -33.76
N ILE B 228 -18.33 -16.37 -33.69
CA ILE B 228 -18.29 -17.66 -33.02
C ILE B 228 -17.81 -18.77 -33.93
N ASP B 229 -17.45 -18.46 -35.17
CA ASP B 229 -16.98 -19.43 -36.17
C ASP B 229 -15.51 -19.15 -36.47
N TYR B 230 -14.62 -19.92 -35.86
CA TYR B 230 -13.20 -19.74 -36.14
C TYR B 230 -12.46 -21.01 -35.78
N GLN B 231 -11.42 -21.27 -36.51
CA GLN B 231 -10.45 -22.23 -36.02
C GLN B 231 -9.52 -21.52 -35.03
N PRO B 232 -9.38 -22.04 -33.82
CA PRO B 232 -8.38 -21.49 -32.90
C PRO B 232 -6.98 -21.50 -33.51
N ALA B 233 -6.25 -20.43 -33.27
CA ALA B 233 -4.83 -20.39 -33.58
C ALA B 233 -4.07 -20.89 -32.36
N ARG B 234 -3.36 -22.02 -32.51
CA ARG B 234 -2.44 -22.49 -31.48
C ARG B 234 -1.31 -21.50 -31.34
N VAL B 235 -0.82 -21.33 -30.09
CA VAL B 235 0.33 -20.47 -29.83
C VAL B 235 1.58 -21.33 -29.73
N ARG B 236 2.52 -21.10 -30.64
CA ARG B 236 3.78 -21.81 -30.58
C ARG B 236 4.65 -21.21 -29.48
N ALA B 237 5.66 -21.97 -29.08
CA ALA B 237 6.75 -21.46 -28.27
C ALA B 237 8.00 -22.22 -28.67
N LEU B 238 9.14 -21.71 -28.23
CA LEU B 238 10.36 -22.47 -28.46
C LEU B 238 10.64 -23.32 -27.24
N PRO B 239 11.44 -24.38 -27.39
CA PRO B 239 11.65 -25.32 -26.28
C PRO B 239 12.22 -24.65 -25.04
N GLY B 240 11.77 -25.11 -23.88
CA GLY B 240 11.98 -24.43 -22.63
C GLY B 240 10.78 -23.66 -22.15
N HIS B 241 9.70 -23.62 -22.94
CA HIS B 241 8.47 -22.93 -22.57
C HIS B 241 7.27 -23.75 -23.08
N GLY B 242 7.18 -25.00 -22.64
CA GLY B 242 6.13 -25.89 -23.12
C GLY B 242 4.90 -25.88 -22.24
N GLU B 243 5.11 -25.50 -20.97
CA GLU B 243 4.04 -25.35 -20.02
C GLU B 243 2.94 -24.45 -20.58
N PRO B 244 1.67 -24.80 -20.43
CA PRO B 244 0.60 -24.04 -21.11
C PRO B 244 0.50 -22.63 -20.53
N LEU B 245 0.56 -21.65 -21.42
CA LEU B 245 0.62 -20.25 -21.02
C LEU B 245 -0.72 -19.75 -20.48
N ASP B 246 -0.69 -19.15 -19.30
CA ASP B 246 -1.89 -18.56 -18.71
C ASP B 246 -2.46 -17.48 -19.63
N LEU B 247 -3.77 -17.54 -19.88
CA LEU B 247 -4.40 -16.57 -20.79
C LEU B 247 -5.58 -15.82 -20.17
N SER B 248 -5.76 -15.91 -18.84
CA SER B 248 -6.85 -15.22 -18.15
C SER B 248 -7.10 -13.82 -18.69
N PHE B 249 -6.01 -13.05 -18.87
CA PHE B 249 -6.10 -11.64 -19.22
C PHE B 249 -5.71 -11.37 -20.67
N SER B 250 -5.75 -12.40 -21.49
CA SER B 250 -5.48 -12.24 -22.90
C SER B 250 -6.78 -11.87 -23.61
N VAL B 251 -6.76 -10.76 -24.34
CA VAL B 251 -7.95 -10.30 -25.04
C VAL B 251 -8.39 -11.33 -26.08
N LEU B 252 -7.43 -12.08 -26.62
CA LEU B 252 -7.62 -13.00 -27.72
C LEU B 252 -7.83 -14.46 -27.32
N ARG B 253 -7.79 -14.79 -26.03
CA ARG B 253 -7.94 -16.17 -25.57
C ARG B 253 -9.10 -16.89 -26.27
N SER B 254 -8.85 -18.12 -26.73
CA SER B 254 -9.95 -18.93 -27.28
C SER B 254 -10.96 -19.36 -26.21
N VAL B 255 -12.24 -19.12 -26.47
CA VAL B 255 -13.26 -19.30 -25.46
C VAL B 255 -13.77 -20.75 -25.49
N SER B 256 -14.33 -21.16 -24.39
CA SER B 256 -14.91 -22.50 -24.25
C SER B 256 -15.83 -22.85 -25.41
N PRO B 257 -15.42 -23.79 -26.27
CA PRO B 257 -16.20 -24.06 -27.49
C PRO B 257 -17.63 -24.51 -27.23
N ILE B 258 -17.92 -25.01 -26.04
CA ILE B 258 -19.30 -25.33 -25.75
C ILE B 258 -20.13 -24.08 -25.51
N HIS B 259 -19.50 -22.98 -25.08
CA HIS B 259 -20.23 -21.72 -25.05
C HIS B 259 -20.38 -21.15 -26.46
N LEU B 260 -19.46 -21.47 -27.37
CA LEU B 260 -19.75 -21.18 -28.77
C LEU B 260 -21.01 -21.91 -29.19
N GLU B 261 -21.16 -23.18 -28.81
CA GLU B 261 -22.38 -23.91 -29.13
C GLU B 261 -23.59 -23.22 -28.55
N TYR B 262 -23.47 -22.74 -27.31
CA TYR B 262 -24.56 -22.07 -26.60
C TYR B 262 -25.07 -20.88 -27.40
N LEU B 263 -24.13 -20.04 -27.86
CA LEU B 263 -24.46 -18.82 -28.57
C LEU B 263 -25.10 -19.15 -29.90
N HIS B 264 -24.61 -20.21 -30.55
CA HIS B 264 -25.27 -20.74 -31.73
C HIS B 264 -26.75 -21.00 -31.47
N ASN B 265 -27.06 -21.90 -30.54
CA ASN B 265 -28.46 -22.14 -30.21
C ASN B 265 -29.19 -20.89 -29.73
N MET B 266 -28.48 -19.89 -29.21
CA MET B 266 -29.20 -18.68 -28.79
C MET B 266 -29.51 -17.77 -29.98
N GLY B 267 -29.12 -18.18 -31.18
CA GLY B 267 -29.28 -17.38 -32.38
C GLY B 267 -28.38 -16.16 -32.46
N VAL B 268 -27.15 -16.25 -31.93
CA VAL B 268 -26.28 -15.07 -31.88
C VAL B 268 -24.90 -15.44 -32.45
N GLN B 269 -24.37 -14.55 -33.31
CA GLN B 269 -23.16 -14.78 -34.08
C GLN B 269 -21.93 -14.05 -33.53
N ALA B 270 -22.12 -13.11 -32.59
CA ALA B 270 -21.01 -12.42 -31.96
C ALA B 270 -21.48 -11.94 -30.61
N SER B 271 -20.55 -11.85 -29.64
CA SER B 271 -20.93 -11.25 -28.36
C SER B 271 -19.77 -10.49 -27.71
N MET B 272 -20.15 -9.76 -26.66
CA MET B 272 -19.26 -8.96 -25.84
C MET B 272 -19.90 -8.81 -24.47
N SER B 273 -19.15 -9.02 -23.41
CA SER B 273 -19.72 -8.73 -22.11
C SER B 273 -18.69 -8.07 -21.20
N ILE B 274 -19.23 -7.45 -20.16
CA ILE B 274 -18.54 -6.56 -19.25
C ILE B 274 -19.00 -6.88 -17.83
N SER B 275 -18.07 -7.26 -16.98
CA SER B 275 -18.42 -7.59 -15.59
C SER B 275 -18.87 -6.34 -14.84
N LEU B 276 -19.94 -6.47 -14.07
CA LEU B 276 -20.40 -5.44 -13.16
C LEU B 276 -20.04 -5.84 -11.74
N MET B 277 -19.57 -4.90 -10.92
CA MET B 277 -18.97 -5.28 -9.64
C MET B 277 -19.51 -4.44 -8.48
N LYS B 278 -19.84 -5.12 -7.39
CA LYS B 278 -20.23 -4.43 -6.17
C LYS B 278 -19.54 -5.12 -5.00
N ASP B 279 -18.97 -4.32 -4.11
CA ASP B 279 -18.30 -4.83 -2.90
C ASP B 279 -17.22 -5.87 -3.23
N GLY B 280 -16.72 -5.91 -4.47
CA GLY B 280 -15.68 -6.83 -4.82
C GLY B 280 -16.11 -8.15 -5.42
N LYS B 281 -17.42 -8.43 -5.47
CA LYS B 281 -17.85 -9.65 -6.15
C LYS B 281 -18.72 -9.32 -7.36
N LEU B 282 -18.84 -10.32 -8.25
CA LEU B 282 -19.57 -10.12 -9.50
C LEU B 282 -21.06 -9.91 -9.21
N TRP B 283 -21.58 -8.77 -9.63
CA TRP B 283 -22.98 -8.40 -9.39
C TRP B 283 -23.87 -8.67 -10.59
N GLY B 284 -23.32 -8.59 -11.80
CA GLY B 284 -24.11 -8.74 -13.00
C GLY B 284 -23.24 -8.51 -14.22
N LEU B 285 -23.84 -8.67 -15.40
CA LEU B 285 -23.11 -8.44 -16.65
C LEU B 285 -23.77 -7.37 -17.49
N ILE B 286 -22.93 -6.74 -18.31
CA ILE B 286 -23.38 -6.10 -19.54
C ILE B 286 -23.12 -7.12 -20.61
N SER B 287 -24.17 -7.59 -21.26
CA SER B 287 -24.00 -8.58 -22.32
C SER B 287 -24.55 -8.01 -23.62
N CYS B 288 -23.77 -8.16 -24.68
CA CYS B 288 -24.16 -7.64 -25.98
C CYS B 288 -24.09 -8.73 -27.02
N HIS B 289 -25.08 -8.72 -27.94
CA HIS B 289 -25.28 -9.76 -28.95
C HIS B 289 -25.43 -9.17 -30.34
N GLN B 290 -24.80 -9.80 -31.32
CA GLN B 290 -25.12 -9.60 -32.72
C GLN B 290 -25.77 -10.87 -33.24
N VAL B 291 -27.00 -10.76 -33.79
CA VAL B 291 -27.72 -11.96 -34.15
C VAL B 291 -27.21 -12.54 -35.47
N SER B 292 -26.65 -11.71 -36.35
CA SER B 292 -26.07 -12.18 -37.60
C SER B 292 -25.04 -11.16 -38.04
N GLY B 293 -23.90 -11.65 -38.51
CA GLY B 293 -22.78 -10.76 -38.68
C GLY B 293 -21.77 -10.81 -37.54
N THR B 294 -20.50 -10.86 -37.89
CA THR B 294 -19.41 -10.68 -36.95
C THR B 294 -19.41 -9.26 -36.42
N ARG B 295 -18.78 -9.07 -35.26
CA ARG B 295 -18.55 -7.72 -34.76
C ARG B 295 -17.14 -7.64 -34.18
N TYR B 296 -16.21 -7.12 -35.01
CA TYR B 296 -14.83 -6.85 -34.59
C TYR B 296 -14.73 -5.40 -34.11
N VAL B 297 -15.13 -5.20 -32.86
CA VAL B 297 -15.14 -3.91 -32.15
C VAL B 297 -13.74 -3.49 -31.73
N PRO B 298 -13.23 -2.34 -32.21
CA PRO B 298 -11.87 -1.93 -31.83
C PRO B 298 -11.72 -1.77 -30.32
N TYR B 299 -10.46 -1.92 -29.85
CA TYR B 299 -10.12 -1.87 -28.42
C TYR B 299 -10.65 -0.61 -27.78
N GLU B 300 -10.46 0.52 -28.44
CA GLU B 300 -10.87 1.81 -27.91
C GLU B 300 -12.37 1.83 -27.59
N VAL B 301 -13.19 1.36 -28.54
CA VAL B 301 -14.62 1.31 -28.29
C VAL B 301 -14.92 0.36 -27.14
N ARG B 302 -14.16 -0.73 -27.05
CA ARG B 302 -14.46 -1.66 -25.98
C ARG B 302 -14.22 -1.03 -24.62
N THR B 303 -13.06 -0.40 -24.44
CA THR B 303 -12.77 0.07 -23.10
C THR B 303 -13.67 1.24 -22.73
N ALA B 304 -14.14 2.00 -23.72
CA ALA B 304 -15.22 2.94 -23.43
C ALA B 304 -16.43 2.21 -22.90
N CYS B 305 -16.73 1.02 -23.46
CA CYS B 305 -17.82 0.23 -22.92
C CYS B 305 -17.48 -0.28 -21.53
N GLU B 306 -16.26 -0.78 -21.35
CA GLU B 306 -15.82 -1.15 -20.00
C GLU B 306 -15.96 0.01 -19.02
N PHE B 307 -15.67 1.24 -19.47
CA PHE B 307 -15.72 2.38 -18.58
C PHE B 307 -17.14 2.69 -18.12
N LEU B 308 -18.11 2.67 -19.03
CA LEU B 308 -19.48 2.84 -18.61
C LEU B 308 -19.88 1.75 -17.63
N GLY B 309 -19.40 0.53 -17.83
CA GLY B 309 -19.46 -0.47 -16.79
C GLY B 309 -18.95 -0.03 -15.42
N GLU B 310 -17.69 0.40 -15.34
CA GLU B 310 -17.09 0.72 -14.05
C GLU B 310 -17.79 1.88 -13.39
N VAL B 311 -18.34 2.81 -14.17
CA VAL B 311 -19.11 3.92 -13.61
C VAL B 311 -20.41 3.42 -13.00
N MET B 312 -21.14 2.58 -13.74
CA MET B 312 -22.40 2.05 -13.27
C MET B 312 -22.21 1.20 -12.02
N SER B 313 -21.20 0.32 -12.01
CA SER B 313 -20.83 -0.38 -10.79
C SER B 313 -20.66 0.57 -9.60
N SER B 314 -19.82 1.58 -9.76
CA SER B 314 -19.54 2.44 -8.62
C SER B 314 -20.77 3.21 -8.15
N LEU B 315 -21.78 3.33 -9.01
CA LEU B 315 -23.03 4.04 -8.72
C LEU B 315 -24.14 3.14 -8.18
N LEU B 316 -23.99 1.81 -8.27
CA LEU B 316 -24.94 0.83 -7.73
C LEU B 316 -25.54 1.24 -6.39
N ALA B 317 -24.79 1.07 -5.29
CA ALA B 317 -25.18 1.54 -3.96
C ALA B 317 -25.92 2.90 -3.94
N ALA B 318 -25.35 3.94 -4.53
CA ALA B 318 -26.01 5.25 -4.43
C ALA B 318 -27.32 5.37 -5.23
N LYS B 319 -27.78 4.32 -5.91
CA LYS B 319 -29.06 4.32 -6.63
C LYS B 319 -29.86 3.05 -6.34
N GLU B 320 -29.19 1.89 -6.32
CA GLU B 320 -29.82 0.70 -5.78
C GLU B 320 -30.26 0.90 -4.34
N GLY B 321 -29.69 1.91 -3.67
CA GLY B 321 -30.10 2.29 -2.34
C GLY B 321 -31.29 3.19 -2.40
N ASN B 322 -32.24 2.90 -3.29
CA ASN B 322 -33.58 3.43 -3.11
C ASN B 322 -34.14 2.94 -1.77
N GLU B 323 -33.52 1.90 -1.23
CA GLU B 323 -33.54 1.58 0.20
C GLU B 323 -34.85 0.98 0.64
N ASP B 324 -35.22 1.37 1.86
CA ASP B 324 -36.48 1.04 2.48
C ASP B 324 -36.61 1.84 3.78
N TYR B 325 -36.40 3.19 3.71
CA TYR B 325 -36.00 4.01 4.88
C TYR B 325 -37.02 4.01 6.01
N ASP B 326 -38.14 3.29 5.90
CA ASP B 326 -38.62 2.59 7.07
C ASP B 326 -38.96 1.30 6.38
N GLN B 327 -38.59 0.19 7.02
CA GLN B 327 -38.72 0.06 8.49
C GLN B 327 -37.56 0.23 9.50
N ARG B 328 -36.41 -0.42 9.33
CA ARG B 328 -35.24 -0.17 10.18
C ARG B 328 -35.50 0.58 11.50
N ILE B 329 -36.01 1.83 11.39
CA ILE B 329 -36.30 2.72 12.52
C ILE B 329 -37.26 2.06 13.48
N ARG B 330 -38.25 1.37 12.92
CA ARG B 330 -39.32 0.80 13.71
C ARG B 330 -38.96 -0.58 14.21
N ALA B 331 -38.26 -1.36 13.39
CA ALA B 331 -37.64 -2.57 13.90
C ALA B 331 -36.70 -2.22 15.06
N LYS B 332 -35.97 -1.11 14.94
CA LYS B 332 -35.24 -0.54 16.07
C LYS B 332 -36.20 -0.21 17.22
N SER B 333 -37.41 0.24 16.87
CA SER B 333 -38.43 0.62 17.85
C SER B 333 -39.20 -0.60 18.37
N ILE B 334 -39.54 -1.54 17.49
CA ILE B 334 -40.04 -2.84 17.94
C ILE B 334 -39.04 -3.49 18.90
N HIS B 335 -37.76 -3.47 18.53
CA HIS B 335 -36.73 -4.06 19.37
C HIS B 335 -36.71 -3.42 20.75
N ALA B 336 -36.62 -2.08 20.80
CA ALA B 336 -36.65 -1.38 22.07
C ALA B 336 -37.78 -1.88 22.94
N ALA B 337 -38.95 -2.07 22.32
CA ALA B 337 -40.14 -2.55 23.03
C ALA B 337 -39.92 -3.92 23.63
N LEU B 338 -39.47 -4.88 22.80
CA LEU B 338 -39.19 -6.23 23.27
C LEU B 338 -38.10 -6.23 24.32
N LEU B 339 -37.08 -5.40 24.15
CA LEU B 339 -36.04 -5.34 25.17
C LEU B 339 -36.61 -4.80 26.48
N GLU B 340 -37.48 -3.79 26.43
CA GLU B 340 -37.94 -3.24 27.69
C GLU B 340 -38.83 -4.24 28.41
N ARG B 341 -39.63 -5.02 27.68
CA ARG B 341 -40.49 -6.00 28.35
C ARG B 341 -39.70 -7.15 28.95
N MET B 342 -38.73 -7.69 28.18
CA MET B 342 -37.87 -8.72 28.74
C MET B 342 -37.13 -8.21 29.97
N ALA B 343 -36.67 -6.95 29.91
CA ALA B 343 -35.94 -6.34 31.02
C ALA B 343 -36.70 -6.43 32.34
N ARG B 344 -38.02 -6.63 32.30
CA ARG B 344 -38.88 -6.38 33.44
C ARG B 344 -39.57 -7.60 34.05
N GLU B 345 -39.92 -8.61 33.25
CA GLU B 345 -40.27 -9.90 33.84
C GLU B 345 -39.02 -10.55 34.40
N VAL B 346 -39.13 -11.16 35.58
CA VAL B 346 -38.05 -12.03 36.03
C VAL B 346 -37.91 -13.25 35.11
N ASP B 347 -38.98 -13.63 34.45
CA ASP B 347 -38.96 -14.68 33.44
C ASP B 347 -39.10 -13.97 32.08
N PHE B 348 -37.97 -13.80 31.38
CA PHE B 348 -37.95 -13.04 30.12
C PHE B 348 -38.25 -13.89 28.88
N VAL B 349 -38.08 -15.22 28.95
CA VAL B 349 -38.57 -16.09 27.88
C VAL B 349 -40.09 -15.99 27.77
N SER B 350 -40.80 -16.06 28.91
CA SER B 350 -42.22 -15.78 28.91
C SER B 350 -42.53 -14.30 28.68
N GLY B 351 -41.56 -13.42 28.93
CA GLY B 351 -41.73 -12.02 28.58
C GLY B 351 -41.62 -11.71 27.10
N LEU B 352 -40.86 -12.54 26.35
CA LEU B 352 -40.80 -12.36 24.90
C LEU B 352 -41.95 -13.08 24.20
N ALA B 353 -42.34 -14.26 24.72
CA ALA B 353 -43.47 -14.98 24.14
C ALA B 353 -44.79 -14.26 24.38
N SER B 354 -44.90 -13.44 25.42
CA SER B 354 -46.09 -12.63 25.52
C SER B 354 -46.11 -11.54 24.48
N GLN B 355 -45.03 -11.41 23.72
CA GLN B 355 -44.87 -10.38 22.70
C GLN B 355 -45.00 -10.99 21.31
N GLU B 356 -46.15 -11.62 21.07
CA GLU B 356 -46.38 -12.39 19.84
C GLU B 356 -46.28 -11.50 18.60
N SER B 357 -46.79 -10.28 18.68
CA SER B 357 -46.82 -9.44 17.48
C SER B 357 -45.55 -8.61 17.32
N GLY B 358 -44.99 -8.11 18.42
CA GLY B 358 -43.69 -7.44 18.33
C GLY B 358 -42.56 -8.38 17.92
N LEU B 359 -42.60 -9.63 18.38
CA LEU B 359 -41.57 -10.61 18.02
C LEU B 359 -41.76 -11.18 16.62
N LEU B 360 -42.99 -11.31 16.15
CA LEU B 360 -43.17 -11.82 14.79
C LEU B 360 -42.84 -10.76 13.78
N GLU B 361 -43.12 -9.52 14.11
CA GLU B 361 -43.01 -8.44 13.14
C GLU B 361 -41.60 -7.86 13.05
N LEU B 362 -40.76 -8.12 14.06
CA LEU B 362 -39.36 -7.73 14.00
C LEU B 362 -38.70 -8.20 12.72
N VAL B 363 -38.81 -9.50 12.44
CA VAL B 363 -38.25 -10.15 11.27
C VAL B 363 -39.27 -10.32 10.14
N HIS B 364 -40.48 -9.79 10.27
CA HIS B 364 -41.61 -10.10 9.38
C HIS B 364 -41.77 -11.60 9.21
N ALA B 365 -41.77 -12.29 10.35
CA ALA B 365 -42.06 -13.71 10.43
C ALA B 365 -43.53 -13.93 10.82
N HIS B 366 -44.11 -15.01 10.31
CA HIS B 366 -45.50 -15.36 10.59
C HIS B 366 -45.57 -16.59 11.49
N GLY B 367 -44.55 -16.78 12.31
CA GLY B 367 -44.39 -17.93 13.18
C GLY B 367 -43.06 -17.86 13.90
N ALA B 368 -42.98 -18.42 15.11
CA ALA B 368 -41.78 -18.32 15.94
C ALA B 368 -41.78 -19.44 16.97
N ALA B 369 -40.60 -19.78 17.47
CA ALA B 369 -40.49 -20.83 18.48
C ALA B 369 -39.30 -20.51 19.39
N ILE B 370 -39.46 -20.84 20.68
CA ILE B 370 -38.48 -20.50 21.71
C ILE B 370 -38.22 -21.76 22.53
N HIS B 371 -36.99 -22.25 22.47
CA HIS B 371 -36.57 -23.46 23.16
C HIS B 371 -35.67 -23.04 24.31
N PHE B 372 -36.02 -23.44 25.54
CA PHE B 372 -35.30 -22.88 26.68
C PHE B 372 -35.49 -23.79 27.90
N HIS B 373 -34.37 -24.28 28.45
CA HIS B 373 -34.36 -25.10 29.67
C HIS B 373 -35.29 -26.31 29.57
N GLY B 374 -35.41 -26.90 28.39
CA GLY B 374 -36.38 -27.96 28.18
C GLY B 374 -36.74 -27.96 26.71
N ARG B 375 -37.75 -27.21 26.23
CA ARG B 375 -39.02 -26.75 26.84
C ARG B 375 -39.50 -25.71 25.80
N THR B 376 -39.88 -26.26 24.65
CA THR B 376 -40.31 -25.49 23.50
C THR B 376 -41.63 -24.77 23.78
N THR B 377 -41.70 -23.51 23.37
CA THR B 377 -42.97 -22.81 23.30
C THR B 377 -43.05 -22.19 21.90
N VAL B 378 -43.70 -22.91 20.97
CA VAL B 378 -44.16 -22.38 19.69
C VAL B 378 -44.98 -21.12 19.93
N LEU B 379 -45.35 -20.40 18.86
CA LEU B 379 -46.20 -19.25 19.10
C LEU B 379 -46.97 -18.76 17.88
N GLY B 380 -46.31 -18.47 16.78
CA GLY B 380 -47.03 -17.95 15.64
C GLY B 380 -47.91 -19.00 14.99
N GLN B 381 -48.17 -18.87 13.70
CA GLN B 381 -48.80 -19.97 12.97
C GLN B 381 -47.72 -20.56 12.06
N ALA B 382 -46.94 -21.49 12.61
CA ALA B 382 -46.11 -22.39 11.81
C ALA B 382 -45.91 -23.64 12.66
N PRO B 383 -46.71 -24.69 12.44
CA PRO B 383 -47.00 -25.64 13.52
C PRO B 383 -45.92 -26.68 13.78
N SER B 384 -45.78 -27.64 12.88
CA SER B 384 -44.72 -28.63 12.98
C SER B 384 -44.79 -29.40 14.30
N ASP B 385 -44.45 -28.71 15.39
CA ASP B 385 -44.42 -29.21 16.77
C ASP B 385 -43.86 -30.62 16.92
N GLU B 386 -44.55 -31.62 16.36
CA GLU B 386 -43.94 -32.95 16.28
C GLU B 386 -42.72 -32.93 15.36
N ALA B 387 -42.81 -32.18 14.27
CA ALA B 387 -41.72 -32.06 13.32
C ALA B 387 -40.63 -31.11 13.80
N LEU B 388 -40.96 -30.19 14.71
CA LEU B 388 -40.06 -29.11 15.09
C LEU B 388 -39.00 -29.57 16.09
N THR B 389 -39.30 -30.61 16.88
CA THR B 389 -38.30 -31.15 17.79
C THR B 389 -37.12 -31.75 17.04
N GLY B 390 -37.38 -32.27 15.83
CA GLY B 390 -36.28 -32.68 14.98
C GLY B 390 -35.58 -31.52 14.32
N LEU B 391 -36.31 -30.42 14.09
CA LEU B 391 -35.68 -29.24 13.49
C LEU B 391 -34.71 -28.57 14.46
N ILE B 392 -35.04 -28.52 15.74
CA ILE B 392 -34.35 -27.55 16.59
C ILE B 392 -32.95 -28.02 16.96
N GLU B 393 -32.76 -29.29 17.26
CA GLU B 393 -31.39 -29.70 17.54
C GLU B 393 -30.79 -30.52 16.42
N TRP B 394 -31.43 -30.51 15.24
CA TRP B 394 -30.65 -30.47 14.02
C TRP B 394 -29.83 -29.19 13.93
N LEU B 395 -30.40 -28.07 14.38
CA LEU B 395 -29.60 -26.86 14.60
C LEU B 395 -28.52 -27.13 15.64
N GLY B 396 -28.89 -27.76 16.74
CA GLY B 396 -27.94 -28.13 17.77
C GLY B 396 -26.71 -28.85 17.25
N SER B 397 -26.78 -29.44 16.06
CA SER B 397 -25.64 -30.12 15.47
C SER B 397 -24.91 -29.20 14.50
N ARG B 398 -23.57 -29.28 14.51
CA ARG B 398 -22.63 -28.53 13.69
C ARG B 398 -23.16 -27.17 13.26
N THR B 399 -23.07 -26.18 14.16
CA THR B 399 -23.23 -24.77 13.82
C THR B 399 -24.66 -24.36 13.48
N GLY B 400 -25.03 -23.18 13.97
CA GLY B 400 -26.28 -22.46 13.77
C GLY B 400 -25.99 -21.07 14.31
N GLU B 401 -24.72 -20.68 14.14
CA GLU B 401 -24.06 -19.50 14.68
C GLU B 401 -23.51 -18.63 13.54
N GLY B 402 -23.80 -17.32 13.49
CA GLY B 402 -24.60 -16.61 14.47
C GLY B 402 -26.10 -16.64 14.21
N VAL B 403 -26.61 -15.77 13.34
CA VAL B 403 -28.02 -15.87 12.94
C VAL B 403 -28.09 -16.77 11.71
N PHE B 404 -28.75 -17.92 11.85
CA PHE B 404 -29.04 -18.77 10.70
C PHE B 404 -30.14 -18.14 9.87
N CYS B 405 -30.04 -18.27 8.55
CA CYS B 405 -30.92 -17.50 7.68
C CYS B 405 -31.03 -18.19 6.34
N THR B 406 -32.25 -18.46 5.91
CA THR B 406 -32.48 -19.18 4.66
C THR B 406 -33.87 -18.85 4.13
N ASP B 407 -33.98 -18.80 2.80
CA ASP B 407 -35.24 -18.59 2.12
C ASP B 407 -35.80 -19.89 1.57
N ARG B 408 -35.10 -20.99 1.76
CA ARG B 408 -35.57 -22.29 1.28
C ARG B 408 -34.97 -23.36 2.19
N LEU B 409 -35.62 -23.63 3.32
CA LEU B 409 -35.04 -24.55 4.29
C LEU B 409 -34.86 -25.93 3.68
N ALA B 410 -35.69 -26.29 2.70
CA ALA B 410 -35.47 -27.49 1.91
C ALA B 410 -34.11 -27.45 1.08
N ARG B 411 -33.28 -26.42 1.24
CA ARG B 411 -31.93 -26.41 0.69
C ARG B 411 -30.96 -27.04 1.68
N GLU B 412 -30.99 -26.59 2.93
CA GLU B 412 -30.08 -27.09 3.95
C GLU B 412 -30.65 -28.31 4.68
N TYR B 413 -31.94 -28.30 4.99
CA TYR B 413 -32.59 -29.35 5.76
C TYR B 413 -33.90 -29.74 5.06
N PRO B 414 -33.79 -30.41 3.88
CA PRO B 414 -34.99 -30.68 3.07
C PRO B 414 -36.03 -31.54 3.76
N GLU B 415 -35.79 -31.92 5.02
CA GLU B 415 -36.89 -32.43 5.83
C GLU B 415 -38.02 -31.42 5.94
N ALA B 416 -37.77 -30.15 5.60
CA ALA B 416 -38.79 -29.11 5.60
C ALA B 416 -39.75 -29.20 4.43
N GLN B 417 -39.31 -29.79 3.31
CA GLN B 417 -40.15 -29.97 2.13
C GLN B 417 -41.54 -30.44 2.56
N ALA B 418 -41.57 -31.37 3.52
CA ALA B 418 -42.83 -31.93 4.00
C ALA B 418 -43.57 -31.00 4.96
N PHE B 419 -42.89 -30.03 5.57
CA PHE B 419 -43.56 -29.13 6.49
C PHE B 419 -44.47 -28.21 5.68
N GLN B 420 -44.87 -27.11 6.31
CA GLN B 420 -45.44 -25.99 5.58
C GLN B 420 -44.37 -25.49 4.61
N GLU B 421 -43.17 -26.06 4.75
CA GLU B 421 -41.97 -25.69 4.00
C GLU B 421 -41.45 -24.37 4.58
N VAL B 422 -40.54 -23.69 3.87
CA VAL B 422 -39.96 -22.42 4.33
C VAL B 422 -40.99 -21.34 4.07
N ALA B 423 -42.18 -21.78 3.62
CA ALA B 423 -43.45 -21.13 3.97
C ALA B 423 -43.70 -21.18 5.46
N ALA B 424 -42.93 -21.97 6.19
CA ALA B 424 -42.66 -21.78 7.60
C ALA B 424 -41.16 -21.50 7.67
N GLY B 425 -40.77 -20.24 7.46
CA GLY B 425 -39.42 -19.90 6.97
C GLY B 425 -38.46 -19.36 7.99
N LEU B 426 -37.24 -19.91 8.01
CA LEU B 426 -36.40 -19.92 9.21
C LEU B 426 -35.34 -18.81 9.20
N MET B 427 -35.28 -18.05 10.30
CA MET B 427 -34.11 -17.30 10.75
C MET B 427 -33.93 -17.63 12.23
N ALA B 428 -32.75 -18.07 12.66
CA ALA B 428 -32.59 -18.54 14.02
C ALA B 428 -31.26 -18.13 14.65
N PHE B 429 -31.11 -18.45 15.93
CA PHE B 429 -29.84 -18.40 16.65
C PHE B 429 -30.01 -19.12 17.99
N SER B 430 -28.90 -19.33 18.67
CA SER B 430 -28.93 -19.82 20.04
C SER B 430 -28.71 -18.67 21.02
N MET B 431 -29.34 -18.80 22.19
CA MET B 431 -29.32 -17.75 23.21
C MET B 431 -28.03 -17.78 24.02
N SER B 432 -27.77 -18.89 24.70
CA SER B 432 -26.49 -19.13 25.33
C SER B 432 -25.61 -19.87 24.34
N ARG B 433 -24.29 -19.65 24.40
CA ARG B 433 -23.38 -20.40 23.53
C ARG B 433 -23.24 -21.86 23.96
N GLY B 434 -23.60 -22.21 25.22
CA GLY B 434 -23.85 -23.61 25.55
C GLY B 434 -24.92 -24.20 24.65
N ARG B 435 -25.40 -23.38 23.71
CA ARG B 435 -26.07 -23.55 22.41
C ARG B 435 -27.32 -24.43 22.34
N ASN B 436 -28.04 -24.59 23.46
CA ASN B 436 -29.25 -25.39 23.48
C ASN B 436 -30.52 -24.59 23.64
N ASN B 437 -30.44 -23.30 23.95
CA ASN B 437 -31.61 -22.43 23.99
C ASN B 437 -31.70 -21.71 22.65
N PHE B 438 -32.78 -21.92 21.91
CA PHE B 438 -32.90 -21.44 20.54
C PHE B 438 -34.02 -20.42 20.41
N VAL B 439 -33.93 -19.62 19.35
CA VAL B 439 -35.05 -18.82 18.84
C VAL B 439 -35.21 -19.16 17.37
N LEU B 440 -36.44 -19.39 16.93
CA LEU B 440 -36.74 -19.60 15.52
C LEU B 440 -37.66 -18.51 15.02
N TRP B 441 -37.68 -18.32 13.72
CA TRP B 441 -38.69 -17.50 13.06
C TRP B 441 -39.14 -18.22 11.82
N PHE B 442 -40.43 -18.06 11.50
CA PHE B 442 -41.07 -18.74 10.38
C PHE B 442 -41.78 -17.70 9.52
N ARG B 443 -41.88 -17.99 8.23
CA ARG B 443 -42.20 -17.03 7.20
C ARG B 443 -43.00 -17.74 6.12
N PRO B 444 -44.19 -17.22 5.72
CA PRO B 444 -45.03 -17.93 4.74
C PRO B 444 -44.41 -17.98 3.35
N GLU B 445 -45.08 -18.64 2.40
CA GLU B 445 -44.56 -18.79 1.05
C GLU B 445 -44.85 -17.61 0.16
N ALA B 446 -43.94 -17.40 -0.79
CA ALA B 446 -44.17 -16.59 -1.98
C ALA B 446 -44.09 -17.53 -3.17
N VAL B 447 -45.20 -17.67 -3.91
CA VAL B 447 -45.29 -18.74 -4.90
C VAL B 447 -44.63 -18.33 -6.21
N GLN B 448 -44.87 -17.12 -6.67
CA GLN B 448 -44.09 -16.53 -7.77
C GLN B 448 -43.95 -17.40 -9.03
N THR B 449 -44.58 -16.97 -10.11
CA THR B 449 -44.24 -17.48 -11.42
C THR B 449 -42.91 -16.88 -11.86
N VAL B 450 -41.99 -17.72 -12.34
CA VAL B 450 -40.69 -17.24 -12.80
C VAL B 450 -40.50 -17.60 -14.27
N ASN B 451 -40.17 -16.59 -15.06
CA ASN B 451 -40.07 -16.71 -16.52
C ASN B 451 -38.65 -17.16 -16.87
N TRP B 452 -38.51 -18.39 -17.34
CA TRP B 452 -37.19 -18.92 -17.70
C TRP B 452 -36.96 -18.89 -19.20
N SER B 453 -35.70 -18.71 -19.58
CA SER B 453 -35.27 -19.02 -20.93
C SER B 453 -35.11 -20.53 -21.04
N GLY B 454 -35.87 -21.14 -21.93
CA GLY B 454 -35.82 -22.56 -22.03
C GLY B 454 -36.14 -23.26 -20.72
N ASN B 455 -35.84 -24.54 -20.70
CA ASN B 455 -36.26 -25.38 -19.60
C ASN B 455 -35.13 -25.60 -18.60
N PRO B 456 -35.16 -24.95 -17.43
CA PRO B 456 -34.02 -25.05 -16.50
C PRO B 456 -33.71 -26.47 -16.06
N THR B 457 -34.74 -27.30 -15.81
CA THR B 457 -34.60 -28.74 -15.63
C THR B 457 -33.45 -29.32 -16.43
N LYS B 458 -33.38 -28.90 -17.69
CA LYS B 458 -32.60 -29.56 -18.71
C LYS B 458 -31.68 -28.56 -19.40
N ALA B 459 -31.16 -27.60 -18.62
CA ALA B 459 -30.26 -26.58 -19.14
C ALA B 459 -29.00 -27.16 -19.80
N VAL B 460 -28.77 -28.48 -19.69
CA VAL B 460 -27.58 -29.16 -20.20
C VAL B 460 -27.99 -30.48 -20.86
N GLU B 461 -27.47 -30.74 -22.08
CA GLU B 461 -27.68 -32.01 -22.76
C GLU B 461 -26.40 -32.83 -22.85
N PHE B 462 -26.57 -34.12 -23.14
CA PHE B 462 -25.45 -35.04 -23.22
C PHE B 462 -25.49 -35.77 -24.55
N ASP B 463 -24.32 -36.29 -24.93
CA ASP B 463 -24.06 -36.72 -26.29
C ASP B 463 -24.79 -38.02 -26.66
N GLN B 464 -24.09 -38.95 -27.30
CA GLN B 464 -24.76 -40.04 -28.03
C GLN B 464 -25.65 -40.91 -27.07
N GLY B 465 -25.17 -41.89 -26.27
CA GLY B 465 -23.88 -42.56 -26.30
C GLY B 465 -22.58 -41.86 -25.97
N GLY B 466 -22.62 -40.63 -25.46
CA GLY B 466 -21.41 -39.90 -25.14
C GLY B 466 -21.55 -39.03 -23.90
N PRO B 467 -20.49 -38.96 -23.10
CA PRO B 467 -20.52 -38.14 -21.88
C PRO B 467 -20.30 -36.64 -22.08
N ARG B 468 -19.95 -36.20 -23.28
CA ARG B 468 -19.71 -34.78 -23.46
C ARG B 468 -21.00 -33.99 -23.33
N LEU B 469 -20.88 -32.77 -22.83
CA LEU B 469 -22.03 -31.91 -22.60
C LEU B 469 -22.23 -30.96 -23.77
N HIS B 470 -23.45 -30.43 -23.83
CA HIS B 470 -23.94 -29.56 -24.88
C HIS B 470 -24.95 -28.60 -24.27
N PRO B 471 -25.11 -27.43 -24.86
CA PRO B 471 -26.10 -26.47 -24.35
C PRO B 471 -27.51 -26.76 -24.85
N ARG B 472 -28.48 -26.27 -24.09
CA ARG B 472 -29.88 -26.42 -24.46
C ARG B 472 -30.10 -25.85 -25.84
N LYS B 473 -30.97 -26.50 -26.62
CA LYS B 473 -31.37 -26.00 -27.94
C LYS B 473 -32.50 -25.00 -27.86
N SER B 474 -33.22 -24.94 -26.76
CA SER B 474 -34.39 -24.10 -26.66
C SER B 474 -34.21 -23.03 -25.59
N PHE B 475 -34.43 -21.77 -25.96
CA PHE B 475 -34.35 -20.65 -25.04
C PHE B 475 -35.68 -19.92 -24.91
N GLU B 476 -36.78 -20.59 -25.24
CA GLU B 476 -38.07 -19.91 -25.30
C GLU B 476 -38.78 -19.99 -23.95
N LEU B 477 -39.63 -18.99 -23.73
CA LEU B 477 -40.15 -18.78 -22.38
C LEU B 477 -40.82 -20.03 -21.85
N TRP B 478 -40.52 -20.34 -20.59
CA TRP B 478 -40.97 -21.58 -19.98
C TRP B 478 -41.29 -21.27 -18.53
N LYS B 479 -42.57 -21.28 -18.18
CA LYS B 479 -43.05 -20.77 -16.89
C LYS B 479 -43.02 -21.86 -15.83
N GLU B 480 -41.98 -21.85 -15.01
CA GLU B 480 -41.95 -22.58 -13.75
C GLU B 480 -42.77 -21.84 -12.71
N THR B 481 -43.34 -22.57 -11.77
CA THR B 481 -43.78 -21.95 -10.52
C THR B 481 -42.93 -22.51 -9.39
N VAL B 482 -42.54 -21.64 -8.47
CA VAL B 482 -41.57 -21.97 -7.44
C VAL B 482 -42.27 -22.05 -6.10
N ARG B 483 -42.07 -23.14 -5.37
CA ARG B 483 -42.59 -23.12 -4.02
C ARG B 483 -41.45 -22.83 -3.06
N GLY B 484 -40.98 -23.86 -2.36
CA GLY B 484 -40.16 -23.77 -1.17
C GLY B 484 -39.84 -22.36 -0.76
N ARG B 485 -39.09 -21.67 -1.62
CA ARG B 485 -38.67 -20.27 -1.45
C ARG B 485 -39.81 -19.38 -0.97
N CYS B 486 -39.45 -18.43 -0.10
CA CYS B 486 -40.34 -17.36 0.32
C CYS B 486 -39.74 -16.02 -0.09
N LEU B 487 -40.16 -14.95 0.54
CA LEU B 487 -39.51 -13.73 0.08
C LEU B 487 -38.16 -13.53 0.79
N PRO B 488 -37.20 -12.86 0.15
CA PRO B 488 -35.87 -12.72 0.74
C PRO B 488 -35.93 -12.09 2.13
N TRP B 489 -35.04 -12.57 3.00
CA TRP B 489 -34.80 -11.87 4.26
C TRP B 489 -33.96 -10.64 3.95
N LYS B 490 -34.55 -9.45 4.12
CA LYS B 490 -33.84 -8.25 3.75
C LYS B 490 -32.61 -8.06 4.65
N ALA B 491 -31.76 -7.12 4.24
CA ALA B 491 -30.60 -6.76 5.05
C ALA B 491 -31.00 -6.53 6.50
N TYR B 492 -31.86 -5.53 6.75
CA TYR B 492 -32.19 -5.09 8.10
C TYR B 492 -32.81 -6.18 8.97
N GLU B 493 -33.22 -7.32 8.40
CA GLU B 493 -33.87 -8.33 9.20
C GLU B 493 -32.88 -9.17 10.00
N VAL B 494 -31.64 -9.30 9.53
CA VAL B 494 -30.68 -10.13 10.25
C VAL B 494 -29.88 -9.38 11.32
N GLU B 495 -29.71 -8.06 11.19
CA GLU B 495 -29.16 -7.30 12.32
C GLU B 495 -30.17 -7.27 13.46
N ALA B 496 -31.42 -6.96 13.13
CA ALA B 496 -32.50 -7.03 14.10
C ALA B 496 -32.48 -8.36 14.84
N ALA B 497 -32.13 -9.45 14.14
CA ALA B 497 -32.06 -10.75 14.80
C ALA B 497 -30.84 -10.85 15.71
N SER B 498 -29.68 -10.37 15.25
CA SER B 498 -28.50 -10.41 16.09
C SER B 498 -28.63 -9.43 17.27
N GLU B 499 -29.28 -8.28 17.03
CA GLU B 499 -29.50 -7.33 18.12
C GLU B 499 -30.37 -7.95 19.22
N LEU B 500 -31.43 -8.66 18.83
CA LEU B 500 -32.30 -9.28 19.83
C LEU B 500 -31.57 -10.39 20.55
N ARG B 501 -30.74 -11.14 19.82
CA ARG B 501 -29.75 -12.00 20.46
C ARG B 501 -28.87 -11.25 21.46
N ARG B 502 -28.41 -10.05 21.09
CA ARG B 502 -27.56 -9.30 22.01
C ARG B 502 -28.32 -8.94 23.28
N SER B 503 -29.63 -8.72 23.16
CA SER B 503 -30.43 -8.24 24.27
C SER B 503 -30.84 -9.39 25.19
N ILE B 504 -31.16 -10.54 24.60
CA ILE B 504 -31.39 -11.73 25.40
C ILE B 504 -30.17 -12.04 26.26
N ILE B 505 -28.97 -11.83 25.70
CA ILE B 505 -27.76 -12.11 26.47
C ILE B 505 -27.60 -11.11 27.60
N ASP B 506 -27.89 -9.84 27.35
CA ASP B 506 -27.78 -8.80 28.37
C ASP B 506 -28.75 -9.05 29.53
N VAL B 507 -30.04 -9.27 29.23
CA VAL B 507 -31.02 -9.40 30.30
C VAL B 507 -30.81 -10.71 31.03
N ALA B 508 -30.45 -11.77 30.32
CA ALA B 508 -30.07 -13.00 31.02
C ALA B 508 -28.95 -12.71 32.03
N LEU B 509 -27.92 -11.99 31.57
CA LEU B 509 -26.80 -11.63 32.44
C LEU B 509 -27.24 -10.73 33.59
N GLN B 510 -28.16 -9.79 33.33
CA GLN B 510 -28.65 -8.98 34.43
C GLN B 510 -29.47 -9.81 35.41
N ARG B 511 -30.37 -10.66 34.90
CA ARG B 511 -31.11 -11.60 35.74
C ARG B 511 -30.22 -12.28 36.77
N SER B 512 -29.14 -12.90 36.31
CA SER B 512 -28.27 -13.66 37.19
C SER B 512 -27.43 -12.78 38.10
N GLU B 513 -27.05 -11.57 37.63
CA GLU B 513 -26.47 -10.60 38.55
C GLU B 513 -27.40 -10.29 39.71
N GLU B 514 -28.72 -10.46 39.51
CA GLU B 514 -29.72 -10.41 40.57
C GLU B 514 -29.83 -11.72 41.35
N LEU B 515 -29.20 -12.79 40.88
CA LEU B 515 -29.21 -14.09 41.53
C LEU B 515 -30.65 -14.58 41.61
N THR C 16 29.52 -12.21 26.47
CA THR C 16 29.72 -12.52 27.89
C THR C 16 29.45 -11.29 28.76
N ASN C 17 30.48 -10.50 29.05
CA ASN C 17 30.35 -9.39 29.98
C ASN C 17 30.75 -8.03 29.42
N CYS C 18 31.14 -7.95 28.15
CA CYS C 18 31.22 -6.66 27.44
C CYS C 18 30.04 -6.49 26.49
N ASP C 19 29.05 -7.38 26.58
CA ASP C 19 27.98 -7.40 25.61
C ASP C 19 26.76 -6.66 26.15
N ARG C 20 25.54 -7.20 25.95
CA ARG C 20 24.25 -6.51 26.10
C ARG C 20 24.33 -4.98 26.08
N GLU C 21 24.30 -4.37 24.88
CA GLU C 21 24.29 -2.89 24.81
C GLU C 21 23.49 -2.31 23.64
N PRO C 22 22.57 -1.40 23.90
CA PRO C 22 21.73 -0.83 22.85
C PRO C 22 22.46 0.11 21.90
N ILE C 23 23.37 -0.37 21.04
CA ILE C 23 24.22 0.59 20.32
C ILE C 23 23.49 1.25 19.15
N HIS C 24 22.56 0.53 18.50
CA HIS C 24 21.82 1.07 17.36
C HIS C 24 20.64 1.94 17.75
N ILE C 25 20.26 1.97 19.02
CA ILE C 25 19.14 2.79 19.48
C ILE C 25 19.59 3.59 20.69
N PRO C 26 20.21 4.75 20.51
CA PRO C 26 20.47 5.61 21.65
C PRO C 26 19.54 6.80 21.63
N GLY C 27 18.89 7.05 20.50
CA GLY C 27 17.99 8.18 20.43
C GLY C 27 18.69 9.52 20.49
N ALA C 28 19.98 9.55 20.20
CA ALA C 28 20.73 10.79 20.11
C ALA C 28 21.64 10.74 18.90
N ILE C 29 22.05 11.91 18.43
CA ILE C 29 22.90 11.99 17.26
C ILE C 29 24.10 12.89 17.56
N GLN C 30 25.17 12.68 16.78
CA GLN C 30 26.37 13.52 16.85
C GLN C 30 26.03 14.92 16.33
N PRO C 31 26.27 15.98 17.11
CA PRO C 31 25.55 17.23 16.93
C PRO C 31 26.11 18.17 15.86
N HIS C 32 27.01 17.72 14.99
CA HIS C 32 27.36 18.63 13.92
C HIS C 32 26.25 18.70 12.88
N GLY C 33 25.62 17.56 12.62
CA GLY C 33 24.45 17.51 11.76
C GLY C 33 23.16 17.46 12.54
N VAL C 34 22.07 17.64 11.80
CA VAL C 34 20.70 17.50 12.31
C VAL C 34 20.03 16.33 11.59
N LEU C 35 19.33 15.49 12.36
CA LEU C 35 18.65 14.30 11.81
C LEU C 35 17.15 14.53 11.83
N LEU C 36 16.54 14.41 10.65
CA LEU C 36 15.09 14.42 10.49
C LEU C 36 14.58 13.03 10.13
N VAL C 37 13.32 12.75 10.46
CA VAL C 37 12.61 11.70 9.75
C VAL C 37 11.45 12.39 9.07
N LEU C 38 11.02 11.82 7.95
CA LEU C 38 9.98 12.42 7.15
C LEU C 38 8.93 11.36 6.85
N SER C 39 7.68 11.80 6.87
CA SER C 39 6.59 10.89 6.58
C SER C 39 6.47 10.70 5.07
N GLU C 40 6.06 9.50 4.67
CA GLU C 40 5.83 9.24 3.25
C GLU C 40 4.34 8.94 3.01
N PRO C 41 3.70 9.64 2.07
CA PRO C 41 4.21 10.56 1.05
C PRO C 41 4.52 11.99 1.45
N GLY C 42 3.87 12.52 2.49
CA GLY C 42 3.83 13.97 2.63
C GLY C 42 5.16 14.65 2.96
N LEU C 43 6.13 13.89 3.47
CA LEU C 43 7.37 14.45 3.98
C LEU C 43 7.05 15.45 5.09
N VAL C 44 6.33 14.97 6.06
CA VAL C 44 6.09 15.75 7.28
C VAL C 44 7.11 15.31 8.30
N LEU C 45 7.61 16.27 9.06
CA LEU C 45 8.65 16.01 10.03
C LEU C 45 8.01 15.33 11.23
N THR C 46 8.31 14.05 11.40
CA THR C 46 7.80 13.35 12.56
C THR C 46 8.85 13.20 13.64
N HIS C 47 10.14 13.15 13.27
CA HIS C 47 11.26 13.34 14.20
C HIS C 47 12.17 14.47 13.74
N ALA C 48 12.68 15.26 14.69
CA ALA C 48 13.82 16.16 14.47
C ALA C 48 14.72 16.15 15.70
N SER C 49 16.03 15.99 15.48
CA SER C 49 17.00 16.09 16.57
C SER C 49 16.97 17.48 17.22
N GLU C 50 17.40 17.53 18.47
CA GLU C 50 17.18 18.72 19.29
C GLU C 50 18.15 19.86 18.99
N ASN C 51 19.31 19.57 18.35
CA ASN C 51 20.30 20.58 17.99
C ASN C 51 19.88 21.41 16.78
N ALA C 52 18.62 21.34 16.37
CA ALA C 52 18.18 22.11 15.23
C ALA C 52 18.32 23.61 15.43
N PRO C 53 18.01 24.19 16.60
CA PRO C 53 18.30 25.63 16.78
C PRO C 53 19.75 26.01 16.48
N ALA C 54 20.72 25.19 16.89
CA ALA C 54 22.10 25.42 16.48
C ALA C 54 22.25 25.41 14.96
N VAL C 55 22.00 24.26 14.33
CA VAL C 55 22.35 24.11 12.92
C VAL C 55 21.33 24.71 11.96
N LEU C 56 20.09 24.91 12.40
CA LEU C 56 19.03 25.37 11.51
C LEU C 56 18.20 26.51 12.08
N GLY C 57 18.51 27.02 13.27
CA GLY C 57 17.83 28.19 13.77
C GLY C 57 16.31 28.13 13.78
N ASN C 58 15.73 26.94 13.95
CA ASN C 58 14.32 26.83 14.28
C ASN C 58 14.12 25.68 15.25
N SER C 59 13.12 25.82 16.11
CA SER C 59 12.94 24.91 17.22
C SER C 59 12.41 23.57 16.73
N ALA C 60 12.88 22.49 17.36
CA ALA C 60 12.31 21.18 17.08
C ALA C 60 10.80 21.22 17.14
N GLU C 61 10.25 21.87 18.17
CA GLU C 61 8.80 22.03 18.25
C GLU C 61 8.27 22.74 17.02
N GLN C 62 9.05 23.69 16.49
CA GLN C 62 8.65 24.43 15.28
C GLN C 62 8.85 23.61 14.02
N LEU C 63 9.82 22.70 14.01
CA LEU C 63 9.90 21.74 12.92
C LEU C 63 8.73 20.75 12.97
N LEU C 64 8.66 19.96 14.05
CA LEU C 64 7.85 18.75 14.07
C LEU C 64 6.41 19.00 13.63
N GLY C 65 5.94 18.13 12.73
CA GLY C 65 4.57 18.18 12.24
C GLY C 65 4.35 19.09 11.05
N ALA C 66 5.41 19.51 10.37
CA ALA C 66 5.27 20.47 9.29
C ALA C 66 5.93 19.90 8.05
N PRO C 67 5.41 20.22 6.86
CA PRO C 67 5.97 19.66 5.64
C PRO C 67 7.40 20.15 5.42
N LEU C 68 8.22 19.26 4.85
CA LEU C 68 9.64 19.55 4.66
C LEU C 68 9.87 20.84 3.89
N GLY C 69 9.08 21.08 2.86
CA GLY C 69 9.24 22.30 2.09
C GLY C 69 8.81 23.57 2.79
N HIS C 70 8.17 23.48 3.96
CA HIS C 70 7.87 24.71 4.67
C HIS C 70 9.14 25.45 5.05
N PHE C 71 10.27 24.75 5.07
CA PHE C 71 11.50 25.31 5.56
C PHE C 71 12.57 25.42 4.49
N ILE C 72 12.26 25.05 3.25
CA ILE C 72 13.37 25.01 2.29
C ILE C 72 13.02 25.69 0.97
N GLU C 73 12.57 26.98 1.04
CA GLU C 73 12.54 28.01 -0.03
C GLU C 73 11.77 27.56 -1.26
N PRO C 74 11.43 28.45 -2.18
CA PRO C 74 10.69 27.98 -3.37
C PRO C 74 11.44 27.05 -4.33
N SER C 75 12.69 27.37 -4.71
CA SER C 75 13.29 26.87 -5.96
C SER C 75 13.93 25.48 -5.89
N VAL C 76 14.53 25.03 -4.76
CA VAL C 76 15.16 23.70 -4.78
C VAL C 76 14.23 22.62 -4.25
N ARG C 77 13.03 22.98 -3.80
CA ARG C 77 12.02 21.97 -3.49
C ARG C 77 11.84 21.00 -4.66
N GLU C 78 11.38 21.53 -5.80
CA GLU C 78 11.16 20.70 -6.98
C GLU C 78 12.30 19.73 -7.21
N PRO C 79 13.57 20.14 -7.10
CA PRO C 79 14.63 19.13 -6.98
C PRO C 79 14.37 18.19 -5.81
N LEU C 80 14.45 18.69 -4.56
CA LEU C 80 14.67 17.81 -3.41
C LEU C 80 13.53 16.81 -3.18
N GLU C 81 12.29 17.30 -3.08
CA GLU C 81 11.18 16.39 -2.83
C GLU C 81 11.16 15.25 -3.83
N ALA C 82 11.21 15.60 -5.12
CA ALA C 82 11.37 14.61 -6.18
C ALA C 82 12.44 13.59 -5.79
N ASP C 83 13.63 14.08 -5.46
CA ASP C 83 14.73 13.18 -5.18
C ASP C 83 14.49 12.37 -3.91
N LEU C 84 13.87 12.98 -2.92
CA LEU C 84 13.51 12.22 -1.73
C LEU C 84 12.52 11.12 -2.06
N ARG C 85 11.39 11.48 -2.69
CA ARG C 85 10.34 10.51 -2.98
C ARG C 85 10.81 9.38 -3.88
N SER C 86 11.90 9.58 -4.62
CA SER C 86 12.28 8.67 -5.67
C SER C 86 12.46 7.25 -5.15
N ALA C 87 12.54 6.32 -6.11
CA ALA C 87 12.41 4.91 -5.79
C ALA C 87 13.49 4.46 -4.80
N ARG C 88 14.74 4.84 -5.05
CA ARG C 88 15.79 4.35 -4.16
C ARG C 88 16.99 5.28 -4.12
N LEU C 89 17.30 5.72 -2.89
CA LEU C 89 18.13 6.85 -2.51
C LEU C 89 19.60 6.71 -2.87
N LYS C 90 20.27 5.91 -2.04
CA LYS C 90 21.57 5.29 -2.28
C LYS C 90 22.38 5.92 -3.40
N GLN C 91 21.82 5.91 -4.60
CA GLN C 91 22.52 6.35 -5.79
C GLN C 91 22.66 7.86 -5.86
N LEU C 92 21.73 8.62 -5.26
CA LEU C 92 21.77 10.08 -5.38
C LEU C 92 22.16 10.74 -4.06
N ASN C 93 23.10 10.11 -3.33
CA ASN C 93 23.54 10.60 -2.02
C ASN C 93 24.66 11.64 -2.05
N PRO C 94 24.50 12.80 -2.75
CA PRO C 94 25.09 14.04 -2.24
C PRO C 94 24.04 15.12 -2.05
N LEU C 95 22.79 14.69 -1.85
CA LEU C 95 21.57 15.49 -1.98
C LEU C 95 21.74 16.97 -1.67
N LYS C 96 21.59 17.82 -2.70
CA LYS C 96 21.65 19.24 -2.44
C LYS C 96 20.49 19.63 -1.53
N VAL C 97 20.82 20.29 -0.42
CA VAL C 97 19.83 20.78 0.54
C VAL C 97 20.17 22.22 0.83
N VAL C 98 19.18 23.11 0.80
CA VAL C 98 19.34 24.48 1.24
C VAL C 98 18.16 24.86 2.14
N TRP C 99 18.46 25.56 3.23
CA TRP C 99 17.49 25.93 4.24
C TRP C 99 17.34 27.45 4.29
N ARG C 100 16.09 27.91 4.40
CA ARG C 100 15.73 29.32 4.52
C ARG C 100 15.20 29.55 5.94
N VAL C 101 16.14 29.66 6.88
CA VAL C 101 15.86 29.58 8.30
C VAL C 101 15.13 30.81 8.82
N ASP C 102 15.24 31.92 8.08
CA ASP C 102 14.59 33.19 8.40
C ASP C 102 14.94 34.17 7.29
N GLY C 103 16.21 34.13 6.86
CA GLY C 103 16.68 34.86 5.70
C GLY C 103 17.77 34.12 4.95
N VAL C 104 18.79 33.66 5.70
CA VAL C 104 20.03 33.06 5.17
C VAL C 104 19.81 31.67 4.50
N ASP C 105 20.70 31.34 3.57
CA ASP C 105 20.86 29.97 3.08
C ASP C 105 21.99 29.26 3.82
N ARG C 106 21.89 27.94 3.93
CA ARG C 106 23.04 27.17 4.38
C ARG C 106 23.12 25.88 3.57
N PHE C 107 24.32 25.56 3.13
CA PHE C 107 24.57 24.48 2.19
C PHE C 107 24.77 23.19 2.97
N PHE C 108 23.68 22.47 3.22
CA PHE C 108 23.78 21.16 3.84
C PHE C 108 23.87 20.11 2.76
N ASP C 109 24.16 18.87 3.16
CA ASP C 109 24.21 17.74 2.22
C ASP C 109 23.52 16.53 2.87
N GLY C 110 22.21 16.45 2.70
CA GLY C 110 21.46 15.36 3.30
C GLY C 110 21.87 14.03 2.71
N ILE C 111 21.92 12.99 3.54
CA ILE C 111 22.07 11.63 3.06
C ILE C 111 20.84 10.85 3.51
N ALA C 112 19.90 10.67 2.58
CA ALA C 112 18.61 10.06 2.86
C ALA C 112 18.71 8.55 2.74
N HIS C 113 18.03 7.84 3.63
CA HIS C 113 17.86 6.42 3.42
C HIS C 113 16.55 5.97 4.07
N ARG C 114 15.94 4.95 3.49
CA ARG C 114 14.81 4.32 4.13
C ARG C 114 15.32 3.10 4.87
N HIS C 115 14.87 2.92 6.11
CA HIS C 115 15.17 1.68 6.80
C HIS C 115 14.15 1.53 7.91
N GLN C 116 13.51 0.36 7.96
CA GLN C 116 12.35 0.09 8.82
C GLN C 116 11.21 1.08 8.54
N GLY C 117 10.90 1.23 7.25
CA GLY C 117 9.83 2.13 6.83
C GLY C 117 10.09 3.61 7.01
N ARG C 118 10.85 3.99 8.04
CA ARG C 118 11.17 5.40 8.28
C ARG C 118 11.97 5.98 7.12
N LEU C 119 11.73 7.23 6.81
CA LEU C 119 12.51 7.96 5.82
C LEU C 119 13.29 9.05 6.56
N ILE C 120 14.58 8.81 6.80
CA ILE C 120 15.40 9.74 7.58
C ILE C 120 16.37 10.47 6.66
N LEU C 121 16.81 11.62 7.14
CA LEU C 121 17.51 12.60 6.32
C LEU C 121 18.41 13.36 7.29
N GLU C 122 19.60 12.83 7.49
CA GLU C 122 20.61 13.58 8.23
C GLU C 122 21.22 14.63 7.32
N LEU C 123 21.34 15.84 7.86
CA LEU C 123 22.03 16.95 7.21
C LEU C 123 23.47 17.06 7.72
N GLU C 124 24.39 17.34 6.81
CA GLU C 124 25.79 17.63 7.14
C GLU C 124 26.18 18.89 6.37
N PRO C 125 26.23 20.07 7.02
CA PRO C 125 26.69 21.26 6.30
C PRO C 125 28.17 21.16 5.93
N SER C 126 28.44 20.77 4.69
CA SER C 126 29.76 20.97 4.08
C SER C 126 29.73 22.24 3.24
N SER C 127 29.60 23.37 3.95
CA SER C 127 29.56 24.70 3.37
C SER C 127 30.73 25.56 3.83
N HIS C 128 31.73 24.96 4.48
CA HIS C 128 32.82 25.73 5.09
C HIS C 128 34.12 24.95 5.18
N ARG C 129 34.60 24.39 4.05
CA ARG C 129 35.86 23.62 4.04
C ARG C 129 36.70 24.00 2.81
N GLU C 130 37.13 25.26 2.78
CA GLU C 130 38.08 25.72 1.79
C GLU C 130 39.38 24.94 1.92
N ALA C 131 39.70 24.17 0.87
CA ALA C 131 40.79 23.17 0.82
C ALA C 131 40.41 21.91 1.62
N VAL C 132 40.72 20.72 1.08
CA VAL C 132 41.43 20.54 -0.19
C VAL C 132 40.48 20.79 -1.39
N PRO C 133 41.00 21.46 -2.43
CA PRO C 133 40.14 22.11 -3.42
C PRO C 133 39.61 21.20 -4.53
N PHE C 134 38.68 21.76 -5.30
CA PHE C 134 37.75 20.99 -6.12
C PHE C 134 38.43 20.11 -7.18
N LEU C 135 39.71 20.32 -7.45
CA LEU C 135 40.38 19.51 -8.45
C LEU C 135 41.68 18.91 -7.94
N SER C 136 42.06 19.17 -6.69
CA SER C 136 42.84 18.19 -5.93
C SER C 136 41.97 16.98 -5.61
N PHE C 137 40.65 17.22 -5.49
CA PHE C 137 39.62 16.21 -5.47
C PHE C 137 39.66 15.34 -6.73
N PHE C 138 39.35 15.95 -7.88
CA PHE C 138 39.49 15.32 -9.19
C PHE C 138 40.79 14.58 -9.34
N HIS C 139 41.85 15.12 -8.73
CA HIS C 139 43.13 14.46 -8.81
C HIS C 139 43.09 13.12 -8.09
N ALA C 140 42.64 13.13 -6.83
CA ALA C 140 42.76 11.91 -6.04
C ALA C 140 41.72 10.86 -6.45
N VAL C 141 40.51 11.26 -6.89
CA VAL C 141 39.53 10.27 -7.37
C VAL C 141 40.12 9.47 -8.53
N ARG C 142 40.74 10.16 -9.48
CA ARG C 142 41.07 9.62 -10.79
C ARG C 142 42.41 8.90 -10.82
N ASP C 143 43.21 9.02 -9.77
CA ASP C 143 44.27 8.07 -9.54
C ASP C 143 44.27 7.56 -8.12
N GLY C 144 43.21 7.80 -7.35
CA GLY C 144 42.97 6.79 -6.36
C GLY C 144 42.96 5.55 -7.21
N LEU C 145 41.81 5.33 -7.86
CA LEU C 145 41.73 4.73 -9.19
C LEU C 145 42.89 3.91 -9.68
N SER C 146 43.83 4.60 -10.34
CA SER C 146 44.82 3.97 -11.18
C SER C 146 45.94 3.34 -10.36
N ARG C 147 46.09 3.77 -9.10
CA ARG C 147 47.01 3.12 -8.18
C ARG C 147 46.38 1.91 -7.49
N LEU C 148 45.06 1.79 -7.52
CA LEU C 148 44.44 0.50 -7.23
C LEU C 148 44.74 -0.50 -8.33
N ARG C 149 44.34 -0.16 -9.55
CA ARG C 149 44.37 -1.14 -10.61
C ARG C 149 45.78 -1.64 -10.88
N ASP C 150 46.76 -0.74 -10.81
CA ASP C 150 48.11 -1.07 -11.25
C ASP C 150 48.92 -1.84 -10.21
N ALA C 151 48.40 -2.11 -9.03
CA ALA C 151 49.22 -2.99 -8.22
C ALA C 151 48.67 -4.41 -8.23
N ARG C 152 49.04 -5.19 -7.23
CA ARG C 152 49.09 -6.62 -7.46
C ARG C 152 49.26 -7.42 -6.17
N ASP C 153 49.48 -6.75 -5.04
CA ASP C 153 49.57 -7.48 -3.79
C ASP C 153 48.89 -6.68 -2.69
N LEU C 154 48.30 -7.42 -1.74
CA LEU C 154 47.35 -6.89 -0.75
C LEU C 154 47.90 -5.71 0.04
N GLN C 155 49.20 -5.40 -0.10
CA GLN C 155 49.80 -4.31 0.65
C GLN C 155 50.29 -3.16 -0.21
N GLU C 156 50.72 -3.40 -1.46
CA GLU C 156 51.00 -2.28 -2.35
C GLU C 156 49.74 -1.48 -2.66
N LEU C 157 48.56 -2.06 -2.43
CA LEU C 157 47.31 -1.33 -2.43
C LEU C 157 46.99 -0.79 -1.05
N CYS C 158 47.32 -1.52 0.00
CA CYS C 158 47.21 -0.97 1.34
C CYS C 158 47.83 0.41 1.36
N GLU C 159 49.15 0.45 1.21
CA GLU C 159 49.89 1.70 1.33
C GLU C 159 49.44 2.72 0.30
N ALA C 160 49.31 2.30 -0.95
CA ALA C 160 48.95 3.25 -1.98
C ALA C 160 47.48 3.75 -1.90
N VAL C 161 46.68 3.50 -0.86
CA VAL C 161 45.38 4.16 -0.77
C VAL C 161 45.15 4.68 0.63
N VAL C 162 45.79 4.10 1.64
CA VAL C 162 45.89 4.80 2.91
C VAL C 162 46.64 6.11 2.68
N GLN C 163 47.64 6.07 1.80
CA GLN C 163 48.17 7.30 1.25
C GLN C 163 47.01 8.13 0.71
N GLU C 164 46.34 7.61 -0.32
CA GLU C 164 45.17 8.28 -0.85
C GLU C 164 44.18 8.62 0.27
N VAL C 165 43.66 7.61 1.03
CA VAL C 165 42.70 7.86 2.13
C VAL C 165 43.15 9.07 2.92
N ARG C 166 44.46 9.32 2.90
CA ARG C 166 45.00 10.39 3.72
C ARG C 166 45.08 11.75 3.02
N GLY C 167 45.35 11.84 1.71
CA GLY C 167 45.44 13.15 1.10
C GLY C 167 44.12 13.90 1.03
N LEU C 168 43.01 13.22 1.32
CA LEU C 168 41.70 13.84 1.33
C LEU C 168 41.21 14.10 2.75
N THR C 169 41.26 13.10 3.63
CA THR C 169 41.19 13.31 5.08
C THR C 169 42.26 14.25 5.59
N GLY C 170 43.48 13.73 5.65
CA GLY C 170 44.49 14.22 6.56
C GLY C 170 44.45 13.50 7.90
N PHE C 171 44.47 12.18 7.90
CA PHE C 171 44.35 11.39 9.12
C PHE C 171 45.73 11.00 9.60
N ASP C 172 46.08 11.43 10.83
CA ASP C 172 47.43 11.20 11.34
C ASP C 172 47.80 9.73 11.23
N ARG C 173 46.83 8.84 11.36
CA ARG C 173 47.01 7.44 11.01
C ARG C 173 45.86 6.98 10.11
N ALA C 174 45.97 5.74 9.62
CA ALA C 174 45.00 5.27 8.64
C ALA C 174 45.18 3.81 8.29
N ILE C 175 45.09 2.92 9.27
CA ILE C 175 45.57 1.54 9.12
C ILE C 175 44.46 0.56 8.79
N ILE C 176 44.69 -0.24 7.74
CA ILE C 176 43.92 -1.46 7.51
C ILE C 176 44.10 -2.40 8.70
N TYR C 177 43.09 -2.41 9.58
CA TYR C 177 42.98 -3.44 10.61
C TYR C 177 42.22 -4.60 9.97
N ARG C 178 42.96 -5.42 9.22
CA ARG C 178 42.44 -6.70 8.74
C ARG C 178 42.11 -7.59 9.93
N PHE C 179 41.41 -8.70 9.68
CA PHE C 179 40.90 -9.60 10.70
C PHE C 179 41.67 -10.92 10.78
N ASP C 180 41.01 -11.95 11.31
CA ASP C 180 41.46 -13.33 11.28
C ASP C 180 40.22 -14.22 11.31
N ALA C 181 40.31 -15.35 12.03
CA ALA C 181 39.14 -16.19 12.24
C ALA C 181 38.41 -15.83 13.54
N GLU C 182 39.16 -15.66 14.65
CA GLU C 182 38.59 -15.30 15.95
C GLU C 182 38.12 -13.84 16.01
N TRP C 183 38.04 -13.20 14.85
CA TRP C 183 37.57 -11.84 14.63
C TRP C 183 38.45 -10.81 15.31
N ASN C 184 39.64 -11.21 15.80
CA ASN C 184 40.72 -10.27 16.08
C ASN C 184 41.26 -9.79 14.74
N GLY C 185 42.44 -9.20 14.72
CA GLY C 185 42.96 -8.87 13.42
C GLY C 185 44.16 -7.96 13.32
N SER C 186 44.89 -8.09 12.21
CA SER C 186 46.23 -7.55 12.14
C SER C 186 46.23 -6.05 11.95
N VAL C 187 47.43 -5.51 12.01
CA VAL C 187 47.70 -4.09 11.98
C VAL C 187 48.85 -3.96 10.98
N ILE C 188 48.52 -3.69 9.72
CA ILE C 188 49.41 -4.10 8.65
C ILE C 188 50.03 -2.93 7.90
N ALA C 189 49.35 -1.80 7.85
CA ALA C 189 49.82 -0.79 6.93
C ALA C 189 49.23 0.58 7.22
N GLU C 190 49.96 1.35 8.03
CA GLU C 190 49.49 2.62 8.56
C GLU C 190 49.86 3.72 7.56
N ALA C 191 48.92 4.62 7.27
CA ALA C 191 49.24 5.85 6.55
C ALA C 191 49.73 6.88 7.56
N ARG C 192 50.81 6.50 8.23
CA ARG C 192 51.14 7.02 9.53
C ARG C 192 51.89 8.33 9.40
N ASP C 193 51.42 9.34 10.11
CA ASP C 193 52.31 10.42 10.51
C ASP C 193 53.24 9.88 11.59
N ALA C 194 54.55 9.85 11.30
CA ALA C 194 55.50 9.19 12.20
C ALA C 194 55.65 9.92 13.55
N ARG C 195 55.21 11.19 13.64
CA ARG C 195 55.13 11.86 14.94
C ARG C 195 54.19 11.10 15.88
N ALA C 196 53.06 10.65 15.37
CA ALA C 196 52.14 9.82 16.14
C ALA C 196 52.70 8.41 16.31
N ASP C 197 52.49 7.86 17.50
CA ASP C 197 52.96 6.50 17.75
C ASP C 197 52.19 5.55 16.84
N PRO C 198 52.87 4.72 16.09
CA PRO C 198 52.18 3.75 15.23
C PRO C 198 52.05 2.37 15.86
N TYR C 199 50.91 1.71 15.61
CA TYR C 199 50.64 0.40 16.21
C TYR C 199 51.23 -0.73 15.41
N LEU C 200 51.98 -0.36 14.37
CA LEU C 200 53.13 -1.10 13.89
C LEU C 200 52.94 -2.59 14.12
N GLY C 201 52.17 -3.22 13.25
CA GLY C 201 51.80 -4.61 13.40
C GLY C 201 51.41 -5.01 14.80
N LEU C 202 50.25 -4.55 15.29
CA LEU C 202 49.77 -4.96 16.60
C LEU C 202 48.25 -4.93 16.72
N HIS C 203 47.64 -6.13 16.71
CA HIS C 203 46.19 -6.37 16.81
C HIS C 203 45.68 -5.96 18.19
N PHE C 204 44.37 -5.72 18.28
CA PHE C 204 43.69 -5.71 19.57
C PHE C 204 42.71 -6.90 19.63
N PRO C 205 42.21 -7.27 20.83
CA PRO C 205 41.25 -8.38 20.88
C PRO C 205 40.04 -8.12 20.00
N ALA C 206 39.28 -9.18 19.74
CA ALA C 206 37.90 -8.99 19.29
C ALA C 206 37.05 -8.34 20.36
N SER C 207 37.48 -8.44 21.63
CA SER C 207 36.76 -7.89 22.78
C SER C 207 36.84 -6.38 22.88
N ASP C 208 37.60 -5.72 22.02
CA ASP C 208 37.58 -4.26 21.92
C ASP C 208 36.59 -3.78 20.89
N ILE C 209 35.97 -4.73 20.18
CA ILE C 209 34.82 -4.48 19.32
C ILE C 209 33.84 -5.58 19.70
N PRO C 210 33.18 -5.50 20.87
CA PRO C 210 32.55 -6.69 21.45
C PRO C 210 31.32 -7.16 20.69
N ARG C 211 30.61 -8.14 21.29
CA ARG C 211 29.55 -8.86 20.60
C ARG C 211 28.25 -8.05 20.45
N GLN C 212 28.10 -6.93 21.14
CA GLN C 212 27.05 -5.99 20.74
C GLN C 212 27.41 -5.31 19.43
N ALA C 213 28.69 -5.00 19.31
CA ALA C 213 29.22 -4.27 18.18
C ALA C 213 29.21 -5.12 16.91
N ARG C 214 30.01 -6.20 16.89
CA ARG C 214 30.34 -6.89 15.62
C ARG C 214 29.12 -7.20 14.80
N GLU C 215 28.03 -7.61 15.45
CA GLU C 215 26.86 -8.03 14.68
C GLU C 215 26.36 -6.90 13.79
N LEU C 216 26.48 -5.65 14.26
CA LEU C 216 26.20 -4.50 13.39
C LEU C 216 27.22 -4.46 12.25
N TYR C 217 28.51 -4.55 12.60
CA TYR C 217 29.57 -4.42 11.63
C TYR C 217 29.43 -5.41 10.50
N GLN C 218 28.87 -6.59 10.78
CA GLN C 218 28.62 -7.57 9.74
C GLN C 218 27.81 -6.99 8.58
N LEU C 219 26.99 -5.97 8.85
CA LEU C 219 26.17 -5.39 7.78
C LEU C 219 26.59 -3.98 7.39
N ASN C 220 26.84 -3.07 8.33
CA ASN C 220 27.27 -1.75 7.92
C ASN C 220 28.78 -1.57 7.94
N TRP C 221 29.26 -0.68 7.06
CA TRP C 221 30.68 -0.53 6.71
C TRP C 221 31.26 0.74 7.32
N LEU C 222 30.66 1.86 6.98
CA LEU C 222 31.18 3.17 7.25
C LEU C 222 30.97 3.55 8.72
N ARG C 223 31.93 4.26 9.31
CA ARG C 223 31.62 5.29 10.32
C ARG C 223 32.59 6.45 10.33
N ILE C 224 32.13 7.47 11.02
CA ILE C 224 32.88 8.63 11.44
C ILE C 224 32.66 8.83 12.94
N ILE C 225 33.63 9.45 13.57
CA ILE C 225 33.47 10.07 14.87
C ILE C 225 34.28 11.36 14.76
N PRO C 226 33.79 12.34 13.98
CA PRO C 226 34.49 13.63 13.80
C PRO C 226 35.22 14.14 15.04
N THR C 227 34.51 14.67 16.02
CA THR C 227 35.06 14.85 17.36
C THR C 227 34.55 13.77 18.31
N ILE C 228 35.35 13.44 19.33
CA ILE C 228 34.88 12.50 20.35
C ILE C 228 34.28 13.19 21.56
N ASP C 229 34.47 14.48 21.71
CA ASP C 229 33.88 15.22 22.83
C ASP C 229 32.71 15.98 22.27
N TYR C 230 31.52 15.40 22.44
CA TYR C 230 30.30 16.01 21.96
C TYR C 230 29.16 15.67 22.90
N GLN C 231 28.32 16.65 23.16
CA GLN C 231 27.00 16.52 23.78
C GLN C 231 25.97 15.90 22.83
N PRO C 232 25.59 14.63 23.00
CA PRO C 232 24.61 14.05 22.08
C PRO C 232 23.33 14.89 22.01
N ALA C 233 22.83 15.09 20.79
CA ALA C 233 21.55 15.75 20.56
C ALA C 233 20.46 14.69 20.50
N ARG C 234 19.56 14.70 21.49
CA ARG C 234 18.39 13.85 21.49
C ARG C 234 17.52 14.13 20.27
N VAL C 235 17.05 13.03 19.64
CA VAL C 235 16.14 13.16 18.51
C VAL C 235 14.72 13.16 19.10
N ARG C 236 14.21 14.38 19.32
CA ARG C 236 12.83 14.57 19.72
C ARG C 236 11.88 14.13 18.59
N ALA C 237 10.64 13.83 18.97
CA ALA C 237 9.66 13.22 18.08
C ALA C 237 8.27 13.80 18.30
N LEU C 238 7.44 13.72 17.26
CA LEU C 238 6.06 14.14 17.37
C LEU C 238 5.37 13.33 18.46
N PRO C 239 4.48 13.93 19.25
CA PRO C 239 3.66 13.14 20.18
C PRO C 239 2.94 12.02 19.46
N GLY C 240 2.95 10.84 20.07
CA GLY C 240 2.47 9.69 19.35
C GLY C 240 3.45 9.27 18.28
N HIS C 241 4.74 9.26 18.61
CA HIS C 241 5.82 8.84 17.73
C HIS C 241 7.05 8.55 18.60
N GLY C 242 6.82 8.10 19.83
CA GLY C 242 7.86 7.73 20.78
C GLY C 242 8.52 6.39 20.58
N GLU C 243 8.21 5.66 19.51
CA GLU C 243 8.91 4.41 19.25
C GLU C 243 10.39 4.69 19.08
N PRO C 244 11.27 3.99 19.79
CA PRO C 244 12.70 4.33 19.76
C PRO C 244 13.28 4.11 18.38
N LEU C 245 13.96 5.12 17.85
CA LEU C 245 14.39 5.14 16.47
C LEU C 245 15.60 4.24 16.26
N ASP C 246 15.64 3.59 15.11
CA ASP C 246 16.63 2.56 14.82
C ASP C 246 17.58 3.16 13.81
N LEU C 247 18.68 3.72 14.32
CA LEU C 247 19.56 4.53 13.52
C LEU C 247 20.68 3.70 12.88
N SER C 248 20.47 2.38 12.75
CA SER C 248 21.51 1.47 12.30
C SER C 248 22.19 1.94 11.03
N PHE C 249 21.48 2.65 10.17
CA PHE C 249 22.01 3.12 8.90
C PHE C 249 22.14 4.64 8.86
N SER C 250 22.08 5.28 10.00
CA SER C 250 22.24 6.73 10.06
C SER C 250 23.69 7.09 10.33
N VAL C 251 24.20 8.07 9.59
CA VAL C 251 25.62 8.42 9.70
C VAL C 251 25.91 9.29 10.90
N LEU C 252 24.90 9.96 11.44
CA LEU C 252 24.99 10.80 12.63
C LEU C 252 24.72 10.03 13.92
N ARG C 253 24.63 8.71 13.88
CA ARG C 253 24.14 7.95 15.03
C ARG C 253 25.06 8.13 16.22
N SER C 254 24.56 8.76 17.30
CA SER C 254 25.40 8.88 18.48
C SER C 254 25.93 7.51 18.85
N VAL C 255 27.14 7.47 19.38
CA VAL C 255 27.90 6.24 19.41
C VAL C 255 28.13 5.85 20.86
N SER C 256 28.45 4.57 21.06
CA SER C 256 28.54 4.02 22.39
C SER C 256 29.41 4.90 23.29
N PRO C 257 28.86 5.41 24.40
CA PRO C 257 29.65 6.35 25.22
C PRO C 257 30.94 5.75 25.74
N ILE C 258 31.02 4.43 25.90
CA ILE C 258 32.22 3.86 26.48
C ILE C 258 33.32 3.63 25.44
N HIS C 259 32.96 3.48 24.17
CA HIS C 259 33.99 3.54 23.13
C HIS C 259 34.73 4.88 23.19
N LEU C 260 34.06 5.93 23.67
CA LEU C 260 34.54 7.29 23.57
C LEU C 260 35.48 7.69 24.71
N GLU C 261 35.36 7.05 25.88
CA GLU C 261 36.45 7.11 26.85
C GLU C 261 37.64 6.30 26.35
N TYR C 262 37.38 5.30 25.51
CA TYR C 262 38.44 4.41 25.05
C TYR C 262 39.32 5.10 24.00
N LEU C 263 38.71 5.63 22.94
CA LEU C 263 39.44 6.51 22.03
C LEU C 263 40.22 7.55 22.81
N HIS C 264 39.56 8.19 23.78
CA HIS C 264 40.26 9.06 24.71
C HIS C 264 41.51 8.36 25.24
N ASN C 265 41.32 7.15 25.79
CA ASN C 265 42.39 6.51 26.54
C ASN C 265 43.47 5.96 25.62
N MET C 266 43.09 5.56 24.41
CA MET C 266 44.07 5.24 23.39
C MET C 266 44.83 6.48 22.93
N GLY C 267 44.32 7.67 23.19
CA GLY C 267 44.99 8.87 22.75
C GLY C 267 44.55 9.27 21.37
N VAL C 268 43.23 9.35 21.16
CA VAL C 268 42.63 9.66 19.86
C VAL C 268 41.54 10.70 20.04
N GLN C 269 41.40 11.58 19.06
CA GLN C 269 40.37 12.61 19.07
C GLN C 269 39.32 12.42 17.99
N ALA C 270 39.70 11.92 16.82
CA ALA C 270 38.77 11.56 15.78
C ALA C 270 39.05 10.14 15.35
N SER C 271 38.00 9.36 15.15
CA SER C 271 38.13 8.04 14.59
C SER C 271 37.32 8.03 13.32
N MET C 272 37.54 6.99 12.53
CA MET C 272 36.88 6.85 11.25
C MET C 272 37.05 5.41 10.82
N SER C 273 36.12 4.96 10.01
CA SER C 273 36.23 3.62 9.46
C SER C 273 35.32 3.54 8.25
N ILE C 274 35.86 3.02 7.15
CA ILE C 274 35.03 2.29 6.21
C ILE C 274 35.43 0.85 6.42
N SER C 275 34.99 0.27 7.55
CA SER C 275 35.03 -1.18 7.72
C SER C 275 34.60 -1.84 6.40
N LEU C 276 35.22 -2.96 6.05
CA LEU C 276 35.42 -3.24 4.64
C LEU C 276 35.18 -4.71 4.34
N MET C 277 34.71 -4.97 3.10
CA MET C 277 33.87 -6.12 2.74
C MET C 277 34.43 -6.88 1.55
N LYS C 278 34.53 -8.21 1.68
CA LYS C 278 34.80 -9.10 0.54
C LYS C 278 34.02 -10.40 0.72
N ASP C 279 33.65 -11.02 -0.41
CA ASP C 279 32.90 -12.28 -0.40
C ASP C 279 31.64 -12.13 0.46
N GLY C 280 31.03 -10.95 0.39
CA GLY C 280 29.88 -10.62 1.23
C GLY C 280 30.19 -10.44 2.70
N LYS C 281 31.44 -10.60 3.14
CA LYS C 281 31.78 -10.62 4.57
C LYS C 281 32.84 -9.56 4.89
N LEU C 282 32.53 -8.75 5.90
CA LEU C 282 33.41 -7.73 6.46
C LEU C 282 34.86 -8.22 6.60
N TRP C 283 35.68 -7.91 5.59
CA TRP C 283 37.06 -8.36 5.48
C TRP C 283 37.95 -7.78 6.57
N GLY C 284 38.36 -6.53 6.38
CA GLY C 284 39.10 -5.80 7.38
C GLY C 284 38.33 -4.55 7.73
N LEU C 285 38.77 -3.87 8.80
CA LEU C 285 38.33 -2.49 8.95
C LEU C 285 39.37 -1.59 8.29
N ILE C 286 38.93 -0.36 8.08
CA ILE C 286 39.85 0.74 7.88
C ILE C 286 39.75 1.60 9.14
N SER C 287 40.28 1.09 10.26
CA SER C 287 40.31 1.88 11.49
C SER C 287 41.26 3.05 11.32
N CYS C 288 40.80 4.25 11.67
CA CYS C 288 41.56 5.45 11.33
C CYS C 288 41.42 6.49 12.43
N HIS C 289 42.54 7.17 12.72
CA HIS C 289 42.68 7.95 13.94
C HIS C 289 43.15 9.36 13.66
N GLN C 290 42.75 10.26 14.52
CA GLN C 290 43.30 11.60 14.56
C GLN C 290 43.75 11.81 16.00
N VAL C 291 45.07 11.98 16.19
CA VAL C 291 45.69 11.88 17.51
C VAL C 291 45.42 13.14 18.34
N SER C 292 45.64 14.30 17.76
CA SER C 292 45.20 15.56 18.34
C SER C 292 44.38 16.29 17.30
N GLY C 293 43.27 16.87 17.73
CA GLY C 293 42.51 17.72 16.84
C GLY C 293 41.39 17.00 16.11
N THR C 294 40.48 17.82 15.58
CA THR C 294 39.22 17.37 15.01
C THR C 294 39.45 16.68 13.67
N ARG C 295 38.35 16.33 12.98
CA ARG C 295 38.48 16.04 11.55
C ARG C 295 37.40 16.71 10.71
N TYR C 296 36.27 16.03 10.49
CA TYR C 296 35.07 16.53 9.82
C TYR C 296 35.19 16.56 8.31
N VAL C 297 35.09 15.42 7.71
CA VAL C 297 35.30 15.26 6.27
C VAL C 297 33.90 15.17 5.66
N PRO C 298 33.50 16.10 4.82
CA PRO C 298 32.22 16.05 4.10
C PRO C 298 31.83 14.60 3.68
N TYR C 299 30.53 14.30 3.72
CA TYR C 299 30.13 13.05 3.10
C TYR C 299 30.74 12.95 1.71
N GLU C 300 30.71 14.06 0.95
CA GLU C 300 31.14 14.14 -0.44
C GLU C 300 32.61 13.82 -0.65
N VAL C 301 33.43 13.79 0.40
CA VAL C 301 34.80 13.31 0.30
C VAL C 301 35.01 12.04 1.10
N ARG C 302 34.29 11.90 2.23
CA ARG C 302 34.15 10.59 2.86
C ARG C 302 33.57 9.59 1.88
N THR C 303 32.73 10.09 0.97
CA THR C 303 32.34 9.48 -0.30
C THR C 303 33.51 8.86 -1.03
N ALA C 304 34.45 9.70 -1.43
CA ALA C 304 35.65 9.19 -2.08
C ALA C 304 36.32 8.10 -1.25
N CYS C 305 36.40 8.29 0.07
CA CYS C 305 36.99 7.23 0.89
C CYS C 305 36.07 6.04 0.97
N GLU C 306 34.77 6.29 1.17
CA GLU C 306 33.81 5.21 1.02
C GLU C 306 33.90 4.64 -0.38
N PHE C 307 34.16 5.50 -1.36
CA PHE C 307 34.46 4.90 -2.65
C PHE C 307 35.74 4.11 -2.54
N LEU C 308 36.93 4.75 -2.67
CA LEU C 308 38.14 3.97 -2.94
C LEU C 308 38.32 2.80 -1.98
N GLY C 309 37.61 2.81 -0.84
CA GLY C 309 37.35 1.60 -0.09
C GLY C 309 36.22 0.87 -0.80
N GLU C 310 36.51 0.43 -2.02
CA GLU C 310 35.64 -0.44 -2.80
C GLU C 310 36.43 -1.19 -3.88
N VAL C 311 37.39 -0.55 -4.58
CA VAL C 311 38.19 -1.37 -5.50
C VAL C 311 38.87 -2.49 -4.72
N MET C 312 39.11 -2.26 -3.42
CA MET C 312 39.28 -3.30 -2.42
C MET C 312 38.39 -4.52 -2.68
N SER C 313 37.05 -4.41 -2.43
CA SER C 313 35.98 -5.46 -2.41
C SER C 313 36.20 -6.58 -3.36
N SER C 314 37.22 -6.51 -4.20
CA SER C 314 36.99 -6.80 -5.59
C SER C 314 38.25 -7.20 -6.32
N LEU C 315 39.34 -6.49 -6.04
CA LEU C 315 40.65 -6.88 -6.53
C LEU C 315 41.40 -7.78 -5.55
N LEU C 316 41.02 -7.79 -4.26
CA LEU C 316 41.50 -8.79 -3.31
C LEU C 316 41.44 -10.20 -3.87
N ALA C 317 40.50 -10.52 -4.76
CA ALA C 317 40.41 -11.89 -5.23
C ALA C 317 41.54 -12.16 -6.19
N ALA C 318 41.68 -11.29 -7.19
CA ALA C 318 42.84 -11.21 -8.06
C ALA C 318 44.04 -10.53 -7.37
N LYS C 319 44.02 -10.37 -6.02
CA LYS C 319 45.19 -9.94 -5.27
C LYS C 319 45.21 -10.45 -3.82
N GLU C 320 44.42 -11.50 -3.51
CA GLU C 320 44.53 -12.33 -2.30
C GLU C 320 45.94 -12.64 -1.80
N GLY C 321 46.91 -12.93 -2.67
CA GLY C 321 46.73 -13.10 -4.11
C GLY C 321 47.58 -12.22 -5.01
N ASN C 322 47.77 -12.70 -6.24
CA ASN C 322 48.50 -12.01 -7.32
C ASN C 322 49.93 -11.63 -6.96
N GLU C 323 50.57 -10.84 -7.84
CA GLU C 323 52.03 -10.72 -7.91
C GLU C 323 52.66 -12.06 -8.24
N ASP C 324 52.04 -12.79 -9.17
CA ASP C 324 52.33 -14.21 -9.41
C ASP C 324 53.13 -14.37 -10.71
N TYR C 325 54.45 -14.31 -10.57
CA TYR C 325 55.36 -14.87 -11.57
C TYR C 325 56.60 -15.47 -10.91
N ASP C 326 56.52 -15.88 -9.64
CA ASP C 326 57.63 -16.50 -8.92
C ASP C 326 57.17 -17.45 -7.80
N GLN C 327 56.03 -17.17 -7.15
CA GLN C 327 55.57 -17.99 -6.03
C GLN C 327 54.23 -18.67 -6.27
N ARG C 328 53.68 -18.63 -7.49
CA ARG C 328 52.53 -19.47 -7.76
C ARG C 328 52.55 -20.08 -9.16
N ILE C 329 52.74 -19.26 -10.20
CA ILE C 329 52.80 -19.79 -11.55
C ILE C 329 54.17 -20.40 -11.86
N ARG C 330 55.17 -20.17 -11.02
CA ARG C 330 56.43 -20.90 -11.08
C ARG C 330 56.76 -21.66 -9.80
N ALA C 331 55.96 -21.52 -8.74
CA ALA C 331 56.03 -22.42 -7.60
C ALA C 331 55.25 -23.70 -7.83
N LYS C 332 54.72 -23.87 -9.04
CA LYS C 332 54.17 -25.13 -9.52
C LYS C 332 55.18 -25.93 -10.33
N SER C 333 56.47 -25.59 -10.26
CA SER C 333 57.50 -26.21 -11.07
C SER C 333 57.73 -27.69 -10.73
N ILE C 334 57.04 -28.22 -9.73
CA ILE C 334 56.94 -29.66 -9.49
C ILE C 334 55.49 -29.98 -9.16
N HIS C 335 54.56 -29.43 -9.96
CA HIS C 335 53.13 -29.55 -9.63
C HIS C 335 52.20 -29.79 -10.82
N ALA C 336 52.31 -28.96 -11.87
CA ALA C 336 51.33 -28.96 -12.95
C ALA C 336 51.50 -30.10 -13.94
N ALA C 337 52.28 -31.13 -13.60
CA ALA C 337 52.44 -32.32 -14.43
C ALA C 337 53.09 -33.45 -13.63
N LEU C 338 52.62 -33.65 -12.39
CA LEU C 338 53.19 -34.62 -11.44
C LEU C 338 52.59 -35.98 -11.74
N LEU C 339 53.20 -36.71 -12.68
CA LEU C 339 52.53 -37.85 -13.29
C LEU C 339 53.47 -38.71 -14.15
N GLU C 340 54.11 -39.71 -13.54
CA GLU C 340 54.60 -40.90 -14.21
C GLU C 340 54.86 -41.97 -13.14
N ARG C 341 55.41 -41.56 -12.00
CA ARG C 341 55.44 -42.45 -10.84
C ARG C 341 54.04 -42.63 -10.26
N MET C 342 53.24 -41.56 -10.28
CA MET C 342 51.93 -41.56 -9.63
C MET C 342 50.85 -42.22 -10.50
N ALA C 343 50.89 -41.99 -11.82
CA ALA C 343 49.85 -42.52 -12.70
C ALA C 343 50.36 -43.41 -13.82
N ARG C 344 51.56 -43.18 -14.33
CA ARG C 344 52.12 -44.08 -15.35
C ARG C 344 52.81 -45.30 -14.74
N GLU C 345 52.55 -45.58 -13.47
CA GLU C 345 52.98 -46.80 -12.79
C GLU C 345 51.77 -47.42 -12.13
N VAL C 346 51.29 -48.54 -12.69
CA VAL C 346 50.05 -49.18 -12.24
C VAL C 346 50.19 -49.73 -10.82
N ASP C 347 49.91 -48.89 -9.83
CA ASP C 347 50.04 -49.28 -8.42
C ASP C 347 49.24 -48.34 -7.53
N PHE C 348 49.40 -47.03 -7.78
CA PHE C 348 48.68 -45.92 -7.13
C PHE C 348 49.26 -45.59 -5.74
N VAL C 349 49.86 -46.57 -5.07
CA VAL C 349 50.17 -46.46 -3.65
C VAL C 349 51.65 -46.17 -3.41
N SER C 350 52.54 -46.82 -4.15
CA SER C 350 53.96 -46.71 -3.88
C SER C 350 54.66 -45.63 -4.69
N GLY C 351 54.01 -45.12 -5.75
CA GLY C 351 54.62 -44.11 -6.61
C GLY C 351 55.14 -42.89 -5.88
N LEU C 352 54.24 -42.07 -5.34
CA LEU C 352 54.63 -40.94 -4.50
C LEU C 352 54.91 -41.36 -3.05
N ALA C 353 54.97 -42.66 -2.78
CA ALA C 353 55.41 -43.20 -1.50
C ALA C 353 56.73 -43.97 -1.63
N SER C 354 57.47 -43.73 -2.71
CA SER C 354 58.82 -44.27 -2.91
C SER C 354 59.76 -43.16 -3.32
N GLN C 355 59.35 -42.36 -4.31
CA GLN C 355 60.07 -41.14 -4.69
C GLN C 355 59.56 -40.02 -3.79
N GLU C 356 60.35 -39.69 -2.77
CA GLU C 356 59.91 -38.83 -1.68
C GLU C 356 60.39 -37.39 -1.82
N SER C 357 61.60 -37.18 -2.31
CA SER C 357 62.07 -35.83 -2.59
C SER C 357 61.37 -35.26 -3.80
N GLY C 358 60.26 -34.54 -3.59
CA GLY C 358 59.47 -34.10 -4.72
C GLY C 358 58.74 -32.79 -4.58
N LEU C 359 57.84 -32.67 -3.60
CA LEU C 359 56.90 -31.54 -3.58
C LEU C 359 56.91 -30.86 -2.20
N LEU C 360 58.11 -30.51 -1.74
CA LEU C 360 58.28 -29.92 -0.42
C LEU C 360 57.93 -28.44 -0.37
N GLU C 361 58.14 -27.69 -1.46
CA GLU C 361 57.94 -26.25 -1.46
C GLU C 361 56.85 -25.79 -2.42
N LEU C 362 55.96 -26.69 -2.86
CA LEU C 362 54.75 -26.27 -3.55
C LEU C 362 53.59 -26.07 -2.60
N VAL C 363 53.62 -26.73 -1.43
CA VAL C 363 52.65 -26.53 -0.38
C VAL C 363 53.31 -26.21 0.96
N HIS C 364 54.65 -26.19 1.01
CA HIS C 364 55.46 -25.86 2.18
C HIS C 364 55.22 -26.84 3.33
N ALA C 365 56.17 -27.76 3.51
CA ALA C 365 55.94 -28.92 4.36
C ALA C 365 57.25 -29.67 4.56
N HIS C 366 57.29 -30.48 5.62
CA HIS C 366 58.44 -31.34 5.94
C HIS C 366 58.06 -32.50 6.86
N GLY C 367 57.05 -33.28 6.47
CA GLY C 367 56.60 -34.38 7.30
C GLY C 367 55.84 -35.41 6.49
N ALA C 368 55.22 -36.36 7.21
CA ALA C 368 54.48 -37.44 6.56
C ALA C 368 53.62 -38.18 7.58
N ALA C 369 52.59 -38.86 7.06
CA ALA C 369 51.75 -39.80 7.80
C ALA C 369 50.87 -40.58 6.82
N ILE C 370 51.32 -41.76 6.41
CA ILE C 370 50.68 -42.55 5.36
C ILE C 370 50.06 -43.80 5.96
N HIS C 371 48.77 -44.00 5.67
CA HIS C 371 48.06 -45.26 5.89
C HIS C 371 47.37 -45.68 4.59
N PHE C 372 48.02 -45.40 3.47
CA PHE C 372 47.43 -45.53 2.13
C PHE C 372 47.45 -46.98 1.67
N HIS C 373 46.27 -47.53 1.38
CA HIS C 373 46.10 -48.89 0.86
C HIS C 373 46.86 -49.91 1.69
N GLY C 374 46.57 -49.93 2.98
CA GLY C 374 47.12 -50.91 3.90
C GLY C 374 48.56 -50.68 4.31
N ARG C 375 48.88 -49.50 4.83
CA ARG C 375 50.22 -49.17 5.28
C ARG C 375 50.15 -48.51 6.65
N THR C 376 51.33 -48.23 7.20
CA THR C 376 51.49 -47.43 8.41
C THR C 376 52.96 -47.02 8.58
N THR C 377 53.67 -46.83 7.45
CA THR C 377 55.03 -46.34 7.45
C THR C 377 55.03 -44.82 7.49
N VAL C 378 56.22 -44.20 7.35
CA VAL C 378 56.42 -42.75 7.51
C VAL C 378 57.69 -42.37 6.72
N LEU C 379 57.90 -41.05 6.47
CA LEU C 379 59.19 -40.54 6.01
C LEU C 379 59.70 -39.33 6.81
N GLY C 380 58.83 -38.37 7.12
CA GLY C 380 59.23 -37.10 7.66
C GLY C 380 58.87 -36.90 9.12
N GLN C 381 58.92 -35.64 9.55
CA GLN C 381 58.78 -35.29 10.97
C GLN C 381 57.33 -35.46 11.42
N ALA C 382 57.10 -35.14 12.72
CA ALA C 382 55.91 -35.39 13.54
C ALA C 382 56.02 -36.80 14.09
N PRO C 383 55.23 -37.15 15.12
CA PRO C 383 55.23 -38.54 15.61
C PRO C 383 55.09 -39.56 14.48
N SER C 384 55.58 -40.77 14.75
CA SER C 384 55.79 -41.78 13.71
C SER C 384 54.57 -42.68 13.50
N ASP C 385 54.33 -43.59 14.45
CA ASP C 385 53.35 -44.66 14.26
C ASP C 385 51.90 -44.21 14.44
N GLU C 386 51.65 -43.02 15.01
CA GLU C 386 50.30 -42.60 15.37
C GLU C 386 49.69 -41.76 14.24
N ALA C 387 48.87 -42.41 13.40
CA ALA C 387 47.99 -41.70 12.48
C ALA C 387 46.71 -42.49 12.23
N LEU C 388 46.40 -43.46 13.09
CA LEU C 388 45.19 -44.27 13.02
C LEU C 388 44.14 -43.80 14.02
N THR C 389 44.45 -42.78 14.83
CA THR C 389 43.46 -42.10 15.65
C THR C 389 42.43 -41.36 14.79
N GLY C 390 42.68 -41.22 13.49
CA GLY C 390 41.74 -40.56 12.60
C GLY C 390 40.86 -41.51 11.80
N LEU C 391 41.44 -42.63 11.34
CA LEU C 391 40.72 -43.61 10.51
C LEU C 391 39.94 -44.62 11.34
N ILE C 392 39.16 -44.13 12.31
CA ILE C 392 38.21 -44.92 13.10
C ILE C 392 37.55 -44.01 14.14
N GLU C 393 38.17 -42.85 14.43
CA GLU C 393 37.67 -41.90 15.45
C GLU C 393 38.18 -40.49 15.13
N TRP C 394 37.64 -39.89 14.08
CA TRP C 394 37.90 -38.47 13.86
C TRP C 394 37.18 -37.63 14.90
N LEU C 395 35.98 -38.05 15.30
CA LEU C 395 35.19 -37.42 16.35
C LEU C 395 34.93 -35.91 16.12
N GLY C 396 34.14 -35.56 15.11
CA GLY C 396 33.55 -36.48 14.15
C GLY C 396 34.23 -36.37 12.78
N SER C 397 33.64 -36.80 11.64
CA SER C 397 32.34 -37.46 11.41
C SER C 397 31.07 -36.58 11.48
N ARG C 398 31.19 -35.29 11.83
CA ARG C 398 30.01 -34.46 12.08
C ARG C 398 30.11 -33.09 11.41
N THR C 399 30.33 -33.08 10.09
CA THR C 399 30.32 -31.88 9.25
C THR C 399 31.41 -30.86 9.60
N GLY C 400 31.70 -29.96 8.66
CA GLY C 400 32.61 -28.86 8.93
C GLY C 400 33.84 -28.78 8.03
N GLU C 401 33.66 -28.35 6.79
CA GLU C 401 34.79 -28.19 5.86
C GLU C 401 34.46 -27.07 4.88
N GLY C 402 35.10 -27.11 3.72
CA GLY C 402 35.16 -25.94 2.84
C GLY C 402 36.25 -25.01 3.30
N VAL C 403 36.28 -24.71 4.60
CA VAL C 403 37.36 -23.97 5.27
C VAL C 403 37.51 -24.54 6.69
N PHE C 404 38.54 -25.36 6.93
CA PHE C 404 38.77 -25.97 8.24
C PHE C 404 40.16 -26.58 8.36
N CYS C 405 41.02 -26.01 9.22
CA CYS C 405 42.40 -26.47 9.38
C CYS C 405 42.69 -26.81 10.85
N THR C 406 43.98 -27.02 11.14
CA THR C 406 44.48 -27.24 12.50
C THR C 406 45.78 -26.45 12.67
N ASP C 407 45.70 -25.32 13.37
CA ASP C 407 46.89 -24.62 13.84
C ASP C 407 47.29 -25.20 15.19
N ARG C 408 47.57 -24.36 16.18
CA ARG C 408 47.90 -24.87 17.52
C ARG C 408 46.66 -25.53 18.25
N LEU C 409 45.53 -25.77 17.57
CA LEU C 409 44.37 -26.51 18.09
C LEU C 409 43.57 -25.73 19.13
N ALA C 410 42.24 -25.92 19.15
CA ALA C 410 41.37 -25.21 20.08
C ALA C 410 40.01 -25.90 20.27
N ARG C 411 39.96 -27.21 20.09
CA ARG C 411 38.71 -27.97 20.25
C ARG C 411 39.03 -29.46 20.31
N GLU C 412 38.22 -30.20 21.06
CA GLU C 412 38.32 -31.66 21.22
C GLU C 412 39.64 -32.05 21.87
N TYR C 413 40.76 -31.82 21.18
CA TYR C 413 42.11 -31.91 21.77
C TYR C 413 42.71 -30.49 21.74
N PRO C 414 42.72 -29.75 22.88
CA PRO C 414 42.72 -29.79 24.35
C PRO C 414 43.57 -30.85 25.07
N GLU C 415 42.97 -31.99 25.43
CA GLU C 415 43.66 -32.97 26.27
C GLU C 415 45.05 -33.32 25.74
N ALA C 416 45.22 -33.34 24.42
CA ALA C 416 46.50 -33.61 23.78
C ALA C 416 46.89 -32.39 22.96
N GLN C 417 48.05 -31.79 23.29
CA GLN C 417 48.55 -30.66 22.54
C GLN C 417 49.98 -30.30 22.92
N ALA C 418 50.43 -30.73 24.10
CA ALA C 418 51.72 -30.31 24.66
C ALA C 418 52.83 -31.18 24.07
N PHE C 419 53.21 -30.88 22.84
CA PHE C 419 54.24 -31.65 22.16
C PHE C 419 54.80 -30.83 20.99
N GLN C 420 55.44 -31.51 20.05
CA GLN C 420 55.83 -30.93 18.77
C GLN C 420 54.73 -30.02 18.24
N GLU C 421 53.50 -30.55 18.18
CA GLU C 421 52.22 -29.87 18.36
C GLU C 421 51.35 -29.79 17.11
N VAL C 422 51.93 -29.46 15.96
CA VAL C 422 51.14 -29.12 14.78
C VAL C 422 51.91 -29.58 13.55
N ALA C 423 53.01 -30.29 13.77
CA ALA C 423 53.56 -31.11 12.69
C ALA C 423 52.58 -32.19 12.29
N ALA C 424 51.63 -32.52 13.16
CA ALA C 424 50.44 -33.28 12.81
C ALA C 424 49.26 -32.32 12.71
N GLY C 425 48.42 -32.52 11.70
CA GLY C 425 47.28 -31.65 11.51
C GLY C 425 46.62 -31.92 10.18
N LEU C 426 45.70 -31.03 9.82
CA LEU C 426 44.88 -31.13 8.60
C LEU C 426 45.18 -29.91 7.74
N MET C 427 46.18 -30.04 6.87
CA MET C 427 46.83 -28.93 6.18
C MET C 427 46.78 -29.13 4.67
N ALA C 428 45.64 -29.61 4.16
CA ALA C 428 45.54 -29.93 2.73
C ALA C 428 44.08 -30.01 2.30
N PHE C 429 43.66 -29.07 1.45
CA PHE C 429 42.37 -29.05 0.75
C PHE C 429 42.13 -30.33 -0.04
N SER C 430 41.48 -31.34 0.55
CA SER C 430 41.59 -32.69 0.01
C SER C 430 40.25 -33.35 -0.25
N MET C 431 40.34 -34.56 -0.83
CA MET C 431 39.37 -35.61 -0.56
C MET C 431 39.38 -35.83 0.96
N SER C 432 38.65 -34.98 1.66
CA SER C 432 38.92 -34.68 3.06
C SER C 432 37.97 -35.38 4.00
N ARG C 433 38.51 -35.85 5.13
CA ARG C 433 37.73 -36.31 6.28
C ARG C 433 36.82 -37.50 5.98
N GLY C 434 36.26 -37.57 4.78
CA GLY C 434 35.25 -38.57 4.48
C GLY C 434 35.47 -39.39 3.23
N ARG C 435 36.42 -38.98 2.39
CA ARG C 435 36.84 -39.78 1.23
C ARG C 435 38.08 -40.61 1.51
N ASN C 436 39.18 -39.94 1.84
CA ASN C 436 40.53 -40.47 1.78
C ASN C 436 40.89 -40.76 0.30
N ASN C 437 42.18 -40.78 -0.03
CA ASN C 437 43.23 -40.70 0.96
C ASN C 437 44.11 -39.45 0.88
N PHE C 438 43.53 -38.30 1.30
CA PHE C 438 44.27 -37.10 1.61
C PHE C 438 45.25 -36.67 0.51
N VAL C 439 46.20 -35.81 0.86
CA VAL C 439 47.55 -35.80 0.31
C VAL C 439 48.39 -34.74 1.04
N LEU C 440 48.15 -34.61 2.35
CA LEU C 440 49.22 -34.56 3.37
C LEU C 440 50.15 -33.36 3.19
N TRP C 441 51.47 -33.58 3.22
CA TRP C 441 52.59 -32.66 3.35
C TRP C 441 52.48 -31.80 4.61
N PHE C 442 53.03 -32.39 5.70
CA PHE C 442 53.01 -31.87 7.06
C PHE C 442 54.02 -30.74 7.25
N ARG C 443 53.69 -29.81 8.15
CA ARG C 443 54.52 -28.64 8.42
C ARG C 443 54.78 -28.53 9.92
N PRO C 444 56.04 -28.35 10.34
CA PRO C 444 56.34 -28.30 11.79
C PRO C 444 55.87 -27.04 12.50
N GLU C 445 56.54 -26.70 13.60
CA GLU C 445 56.22 -25.57 14.44
C GLU C 445 56.90 -24.30 13.92
N ALA C 446 56.46 -23.15 14.43
CA ALA C 446 56.96 -21.86 13.95
C ALA C 446 57.34 -20.90 15.07
N VAL C 447 56.37 -20.62 15.96
CA VAL C 447 56.35 -19.56 16.97
C VAL C 447 57.11 -18.29 16.58
N GLN C 448 56.37 -17.20 16.36
CA GLN C 448 56.94 -15.89 16.09
C GLN C 448 56.41 -14.90 17.12
N THR C 449 57.28 -14.01 17.57
CA THR C 449 56.92 -13.12 18.65
C THR C 449 55.92 -12.08 18.19
N VAL C 450 54.85 -11.97 18.95
CA VAL C 450 53.73 -11.10 18.64
C VAL C 450 53.67 -10.07 19.77
N ASN C 451 52.60 -9.24 19.84
CA ASN C 451 52.87 -7.97 20.52
C ASN C 451 51.76 -7.19 21.22
N TRP C 452 50.55 -7.71 21.53
CA TRP C 452 49.41 -6.79 21.79
C TRP C 452 49.68 -5.73 22.86
N SER C 453 48.83 -4.69 22.83
CA SER C 453 48.81 -3.51 23.67
C SER C 453 47.72 -3.62 24.72
N GLY C 454 47.98 -3.03 25.88
CA GLY C 454 47.09 -3.15 27.01
C GLY C 454 47.36 -4.33 27.94
N ASN C 455 46.36 -5.28 28.06
CA ASN C 455 46.36 -6.68 28.52
C ASN C 455 45.00 -7.30 28.17
N PRO C 456 44.86 -8.44 27.36
CA PRO C 456 43.57 -9.13 27.30
C PRO C 456 42.72 -9.12 28.54
N THR C 457 42.97 -10.05 29.46
CA THR C 457 42.01 -10.19 30.53
C THR C 457 41.98 -8.94 31.42
N LYS C 458 43.01 -8.11 31.38
CA LYS C 458 42.94 -6.80 32.03
C LYS C 458 42.77 -5.70 30.99
N ALA C 459 41.66 -5.82 30.27
CA ALA C 459 41.11 -4.85 29.33
C ALA C 459 39.61 -4.91 29.41
N VAL C 460 39.09 -5.16 30.62
CA VAL C 460 37.67 -5.38 30.89
C VAL C 460 37.35 -4.95 32.31
N GLU C 461 37.63 -3.68 32.66
CA GLU C 461 37.58 -3.26 34.05
C GLU C 461 36.18 -3.35 34.68
N PHE C 462 35.85 -4.53 35.22
CA PHE C 462 34.73 -4.64 36.16
C PHE C 462 35.02 -3.70 37.32
N ASP C 463 34.67 -2.42 37.19
CA ASP C 463 35.23 -1.37 38.04
C ASP C 463 34.93 -1.65 39.52
N GLN C 464 35.84 -1.18 40.39
CA GLN C 464 35.82 -1.47 41.83
C GLN C 464 35.90 -2.97 42.09
N GLY C 465 34.84 -3.70 41.72
CA GLY C 465 34.79 -5.14 41.87
C GLY C 465 33.41 -5.63 42.29
N GLY C 466 32.49 -5.73 41.33
CA GLY C 466 32.81 -5.49 39.93
C GLY C 466 31.83 -4.71 39.04
N PRO C 467 31.17 -5.44 38.12
CA PRO C 467 30.66 -4.87 36.85
C PRO C 467 30.31 -3.38 36.80
N ARG C 468 30.91 -2.67 35.83
CA ARG C 468 30.41 -1.36 35.36
C ARG C 468 31.12 -0.84 34.11
N LEU C 469 32.10 0.04 34.31
CA LEU C 469 32.53 0.99 33.29
C LEU C 469 33.89 0.64 32.69
N HIS C 470 33.99 0.78 31.35
CA HIS C 470 35.15 0.94 30.45
C HIS C 470 36.50 0.36 30.90
N PRO C 471 37.23 -0.28 29.97
CA PRO C 471 38.60 -0.74 30.26
C PRO C 471 39.73 0.28 30.22
N ARG C 472 40.79 -0.17 29.56
CA ARG C 472 42.17 0.30 29.73
C ARG C 472 42.29 1.81 29.82
N LYS C 473 43.20 2.25 30.69
CA LYS C 473 43.80 3.58 30.59
C LYS C 473 45.13 3.57 29.85
N SER C 474 45.87 2.46 29.93
CA SER C 474 47.23 2.37 29.40
C SER C 474 47.28 1.35 28.26
N PHE C 475 47.87 1.74 27.15
CA PHE C 475 47.92 0.91 25.95
C PHE C 475 49.35 0.57 25.52
N GLU C 476 50.33 0.69 26.42
CA GLU C 476 51.70 0.45 26.02
C GLU C 476 51.95 -1.04 25.81
N LEU C 477 52.59 -1.37 24.70
CA LEU C 477 53.06 -2.71 24.33
C LEU C 477 53.54 -3.54 25.52
N TRP C 478 52.81 -4.60 25.92
CA TRP C 478 53.39 -5.61 26.79
C TRP C 478 53.94 -6.75 25.91
N LYS C 479 54.63 -7.70 26.55
CA LYS C 479 55.35 -8.76 25.84
C LYS C 479 54.45 -9.96 25.57
N GLU C 480 54.40 -10.41 24.32
CA GLU C 480 53.77 -11.71 24.01
C GLU C 480 54.81 -12.82 23.95
N THR C 481 55.36 -13.06 25.14
CA THR C 481 56.24 -14.19 25.42
C THR C 481 55.58 -15.47 24.89
N VAL C 482 56.13 -15.99 23.82
CA VAL C 482 55.46 -16.98 22.98
C VAL C 482 56.30 -18.26 23.00
N ARG C 483 55.65 -19.38 23.33
CA ARG C 483 56.27 -20.70 23.35
C ARG C 483 56.16 -21.41 22.02
N GLY C 484 54.98 -21.31 21.41
CA GLY C 484 54.71 -21.98 20.16
C GLY C 484 53.48 -21.45 19.44
N ARG C 485 53.45 -21.65 18.12
CA ARG C 485 52.33 -21.39 17.23
C ARG C 485 52.75 -21.86 15.86
N CYS C 486 51.77 -22.26 15.06
CA CYS C 486 52.02 -22.68 13.70
C CYS C 486 52.09 -21.45 12.79
N LEU C 487 52.83 -21.60 11.69
CA LEU C 487 53.31 -20.54 10.82
C LEU C 487 52.23 -19.58 10.33
N PRO C 488 52.64 -18.25 9.95
CA PRO C 488 51.76 -17.43 9.09
C PRO C 488 51.88 -17.90 7.64
N TRP C 489 51.23 -19.04 7.38
CA TRP C 489 51.33 -19.73 6.09
C TRP C 489 51.10 -18.76 4.93
N LYS C 490 52.05 -18.73 4.00
CA LYS C 490 52.00 -17.71 2.94
C LYS C 490 50.84 -17.95 1.99
N ALA C 491 50.39 -16.85 1.35
CA ALA C 491 49.00 -16.68 0.92
C ALA C 491 48.55 -17.60 -0.21
N TYR C 492 49.43 -18.44 -0.76
CA TYR C 492 48.97 -19.53 -1.63
C TYR C 492 49.65 -20.83 -1.26
N GLU C 493 49.73 -21.15 0.02
CA GLU C 493 50.24 -22.44 0.42
C GLU C 493 49.51 -23.01 1.64
N VAL C 494 48.56 -22.28 2.22
CA VAL C 494 47.47 -22.91 2.97
C VAL C 494 46.63 -23.76 2.01
N GLU C 495 46.12 -23.10 0.98
CA GLU C 495 45.10 -23.64 0.08
C GLU C 495 45.68 -24.11 -1.26
N ALA C 496 47.00 -24.02 -1.46
CA ALA C 496 47.64 -24.55 -2.66
C ALA C 496 47.45 -26.05 -2.74
N ALA C 497 46.76 -26.61 -1.75
CA ALA C 497 46.57 -28.04 -1.66
C ALA C 497 45.45 -28.51 -2.59
N SER C 498 44.35 -27.76 -2.70
CA SER C 498 43.28 -28.14 -3.62
C SER C 498 43.77 -28.21 -5.07
N GLU C 499 44.90 -27.57 -5.37
CA GLU C 499 45.51 -27.71 -6.68
C GLU C 499 46.22 -29.05 -6.84
N LEU C 500 46.59 -29.70 -5.73
CA LEU C 500 47.30 -30.98 -5.80
C LEU C 500 46.36 -32.15 -6.02
N ARG C 501 45.13 -32.07 -5.52
CA ARG C 501 44.07 -33.01 -5.87
C ARG C 501 43.32 -32.60 -7.12
N ARG C 502 43.89 -31.72 -7.92
CA ARG C 502 43.46 -31.51 -9.29
C ARG C 502 44.67 -31.56 -10.22
N SER C 503 45.68 -32.36 -9.84
CA SER C 503 46.95 -32.46 -10.55
C SER C 503 47.59 -33.86 -10.48
N ILE C 504 47.73 -34.40 -9.26
CA ILE C 504 48.25 -35.75 -9.01
C ILE C 504 47.39 -36.79 -9.71
N ILE C 505 46.36 -36.31 -10.41
CA ILE C 505 45.03 -36.86 -10.33
C ILE C 505 44.41 -36.92 -11.73
N ASP C 506 43.20 -37.51 -11.80
CA ASP C 506 42.36 -37.62 -13.00
C ASP C 506 43.12 -38.24 -14.17
N VAL C 507 44.14 -39.04 -13.84
CA VAL C 507 45.06 -39.59 -14.83
C VAL C 507 45.37 -41.03 -14.49
N ALA C 508 44.78 -41.53 -13.39
CA ALA C 508 45.05 -42.87 -12.90
C ALA C 508 43.74 -43.63 -12.75
N LEU C 509 43.04 -43.81 -13.87
CA LEU C 509 41.94 -44.78 -13.93
C LEU C 509 42.43 -46.13 -14.44
N GLN C 510 43.60 -46.55 -13.98
CA GLN C 510 44.25 -47.79 -14.41
C GLN C 510 44.88 -48.50 -13.21
N ARG C 511 44.06 -48.81 -12.19
CA ARG C 511 44.55 -49.46 -10.99
C ARG C 511 43.68 -50.64 -10.57
N SER C 512 42.39 -50.41 -10.30
CA SER C 512 41.43 -51.46 -9.97
C SER C 512 40.40 -51.64 -11.08
N GLU C 513 40.82 -51.44 -12.34
CA GLU C 513 39.97 -51.61 -13.52
C GLU C 513 40.75 -52.19 -14.69
N GLU C 514 41.82 -52.95 -14.43
CA GLU C 514 42.77 -53.31 -15.47
C GLU C 514 43.19 -54.78 -15.45
N LEU C 515 44.34 -55.06 -14.84
CA LEU C 515 45.00 -56.35 -14.94
C LEU C 515 44.27 -57.47 -14.19
CHA BLR D . -15.86 30.67 0.36
NA BLR D . -13.75 29.81 1.53
C1A BLR D . -14.68 29.72 0.57
C2A BLR D . -14.38 28.61 -0.19
C3A BLR D . -13.28 28.03 0.29
C4A BLR D . -12.88 28.78 1.38
CMA BLR D . -12.70 26.77 -0.32
CAA BLR D . -15.09 28.02 -1.41
CBA BLR D . -14.69 28.79 -2.67
CGA BLR D . -13.32 28.43 -3.26
O1A BLR D . -13.02 27.23 -3.52
O2A BLR D . -12.49 29.36 -3.53
CHB BLR D . -11.69 28.55 2.30
NB BLR D . -10.03 27.50 0.66
C1B BLR D . -10.64 27.85 2.01
C2B BLR D . -9.73 27.24 3.02
C3B BLR D . -8.65 26.57 2.39
C4B BLR D . -8.76 26.69 0.92
CMB BLR D . -9.94 27.35 4.52
OB BLR D . -8.05 26.24 0.11
CAB BLR D . -7.51 25.83 3.11
CBB BLR D . -6.84 24.90 2.48
NC BLR D . -13.97 33.78 4.76
C1C BLR D . -13.16 34.26 5.97
C2C BLR D . -14.02 35.20 6.72
C3C BLR D . -15.29 35.34 6.07
C4C BLR D . -15.32 34.48 4.84
CMC BLR D . -13.55 35.89 8.00
OC BLR D . -12.06 33.93 6.25
CAC BLR D . -16.48 36.21 6.48
CBC BLR D . -16.74 36.58 7.71
CHD BLR D . -16.33 34.39 4.01
ND BLR D . -15.50 32.36 2.32
C1D BLR D . -16.46 33.39 2.88
C2D BLR D . -17.73 33.34 2.14
C3D BLR D . -17.63 32.31 1.12
C4D BLR D . -16.24 31.65 1.19
CMD BLR D . -18.93 34.24 2.44
CAD BLR D . -18.72 31.94 0.14
CBD BLR D . -18.36 32.58 -1.20
CGD BLR D . -19.36 32.12 -2.25
O1D BLR D . -19.63 30.88 -2.41
O2D BLR D . -19.93 33.01 -2.95
CHA BLR E . -19.46 -18.04 -20.85
NA BLR E . -21.96 -17.48 -20.65
C1A BLR E . -20.67 -17.13 -20.85
C2A BLR E . -20.62 -15.78 -21.07
C3A BLR E . -21.88 -15.29 -20.99
C4A BLR E . -22.73 -16.38 -20.74
CMA BLR E . -22.21 -13.80 -21.17
CAA BLR E . -19.33 -14.97 -21.34
CBA BLR E . -18.90 -15.04 -22.82
CGA BLR E . -19.81 -14.17 -23.69
O1A BLR E . -19.89 -12.92 -23.48
O2A BLR E . -20.53 -14.63 -24.62
CHB BLR E . -24.26 -16.49 -20.54
NB BLR E . -25.00 -14.60 -22.04
C1B BLR E . -25.15 -15.62 -20.92
C2B BLR E . -26.52 -15.39 -20.36
C3B BLR E . -27.16 -14.33 -21.05
C4B BLR E . -26.27 -13.78 -22.10
CMB BLR E . -27.18 -16.15 -19.20
OB BLR E . -26.47 -12.90 -22.85
CAB BLR E . -28.57 -13.81 -20.74
CBB BLR E . -28.97 -12.74 -21.38
NC BLR E . -22.84 -22.53 -20.48
C1C BLR E . -24.10 -23.39 -20.55
C2C BLR E . -23.69 -24.76 -20.22
C3C BLR E . -22.29 -24.82 -19.95
C4C BLR E . -21.68 -23.45 -20.10
CMC BLR E . -24.64 -25.96 -20.15
OC BLR E . -25.20 -23.02 -20.81
CAC BLR E . -21.55 -26.11 -19.56
CBC BLR E . -21.68 -26.62 -18.34
CHD BLR E . -20.44 -23.10 -19.94
ND BLR E . -20.52 -20.42 -20.42
C1D BLR E . -19.84 -21.73 -20.17
C2D BLR E . -18.37 -21.52 -20.18
C3D BLR E . -18.10 -20.10 -20.43
C4D BLR E . -19.43 -19.35 -20.60
CMD BLR E . -17.31 -22.60 -19.93
CAD BLR E . -16.73 -19.47 -20.50
CBD BLR E . -16.39 -18.85 -21.84
CGD BLR E . -14.94 -18.38 -21.73
O1D BLR E . -14.68 -17.38 -20.99
O2D BLR E . -14.03 -19.00 -22.34
CHA BLR F . 33.37 0.50 17.94
NA BLR F . 35.88 -0.09 18.15
C1A BLR F . 34.84 0.48 17.49
C2A BLR F . 35.35 1.04 16.34
C3A BLR F . 36.67 0.81 16.29
C4A BLR F . 37.02 0.11 17.42
CMA BLR F . 37.58 1.29 15.15
CAA BLR F . 34.57 1.80 15.27
CBA BLR F . 34.69 3.30 15.57
CGA BLR F . 35.35 4.03 14.39
O1A BLR F . 36.06 3.38 13.57
O2A BLR F . 35.16 5.27 14.23
CHB BLR F . 38.37 -0.42 17.92
NB BLR F . 40.18 0.71 16.44
C1B BLR F . 39.57 -0.34 17.37
C2B BLR F . 40.64 -1.34 17.62
C3B BLR F . 41.83 -0.99 16.90
C4B BLR F . 41.62 0.26 16.15
CMB BLR F . 40.46 -2.56 18.51
OB BLR F . 42.41 0.82 15.46
CAB BLR F . 43.15 -1.77 16.91
CBB BLR F . 44.27 -1.11 17.05
NC BLR F . 35.63 -0.93 22.92
C1C BLR F . 36.59 -1.70 23.86
C2C BLR F . 35.73 -2.51 24.78
C3C BLR F . 34.35 -2.30 24.48
C4C BLR F . 34.22 -1.35 23.35
CMC BLR F . 36.28 -3.43 25.86
OC BLR F . 37.77 -1.65 23.85
CAC BLR F . 33.12 -2.91 25.14
CBC BLR F . 33.01 -3.22 26.42
CHD BLR F . 33.07 -0.99 22.89
ND BLR F . 33.75 -0.24 20.35
C1D BLR F . 32.80 -0.57 21.45
C2D BLR F . 31.42 -0.43 21.00
C3D BLR F . 31.46 -0.02 19.61
C4D BLR F . 32.92 0.12 19.14
CMD BLR F . 30.18 -0.69 21.84
CAD BLR F . 30.15 0.21 18.85
CBD BLR F . 29.85 1.70 18.75
CGD BLR F . 29.47 2.04 17.32
O1D BLR F . 30.26 1.79 16.34
O2D BLR F . 28.37 2.59 17.11
#